data_6BKX
#
_entry.id   6BKX
#
_cell.length_a   95.301
_cell.length_b   274.911
_cell.length_c   116.897
_cell.angle_alpha   90.00
_cell.angle_beta   90.00
_cell.angle_gamma   90.00
#
_symmetry.space_group_name_H-M   'C 2 2 21'
#
loop_
_entity.id
_entity.type
_entity.pdbx_description
1 polymer 'Isocitrate dehydrogenase [NADP] cytoplasmic'
2 non-polymer 'CALCIUM ION'
3 non-polymer 'ISOCITRIC ACID'
4 non-polymer (6aS,7S,9R,10aS)-7,10a-dimethyl-8-oxo-2-(phenylamino)-5,6,6a,7,8,9,10,10a-octahydrobenzo[h]quinazoline-9-carbonitrile
5 water water
#
_entity_poly.entity_id   1
_entity_poly.type   'polypeptide(L)'
_entity_poly.pdbx_seq_one_letter_code
;MSKKISGGSVVEMQGDEMTRIIWELIKEKLIFPYVELDLHSYDLGIENRDATNDQVTKDAAEAIKKHNVGVKCATITPDE
KRVEEFKLKQMWKSPNGTIRNILGGTVFREAIICKNIPRLVSGWVKPIIIGRHAYGDQYRATDFVVPGPGKVEITYTPSD
GTQKVTYLVHNFEEGGGVAMGMYNQDKSIEDFAHSSFQMALSKGWPLYLSTKNTILKKYDGRFKDIFQEIYDKQYKSQFE
AQKIWYEHRLIDDMVAQAMKSEGGFIWACKNYDGDVQSDSVAQGYGSLGMMTSVLVCPDGKTVEAEAAHGTVTRHYRMYQ
KGQETSTNPIASIFAWTRGLAHRAKLDNNKELAFFANALEEVSIETIEAGFMTKDLAACIKGLPNVQRSDYLNTFEFMDK
LGENLKIKLAQAKLSLEHHHHHHHH
;
_entity_poly.pdbx_strand_id   C,B,A
#
loop_
_chem_comp.id
_chem_comp.type
_chem_comp.name
_chem_comp.formula
CA non-polymer 'CALCIUM ION' 'Ca 2'
DWP non-polymer (6aS,7S,9R,10aS)-7,10a-dimethyl-8-oxo-2-(phenylamino)-5,6,6a,7,8,9,10,10a-octahydrobenzo[h]quinazoline-9-carbonitrile 'C21 H22 N4 O'
ICT non-polymer 'ISOCITRIC ACID' 'C6 H8 O7'
#
# COMPACT_ATOMS: atom_id res chain seq x y z
N LYS A 3 14.89 -11.80 13.13
CA LYS A 3 14.37 -11.04 14.27
C LYS A 3 15.13 -9.72 14.41
N LYS A 4 14.39 -8.64 14.69
CA LYS A 4 15.00 -7.32 14.89
C LYS A 4 15.42 -7.08 16.34
N ILE A 5 16.36 -6.14 16.53
CA ILE A 5 16.82 -5.75 17.85
C ILE A 5 15.80 -4.79 18.45
N SER A 6 15.43 -4.98 19.74
CA SER A 6 14.52 -4.06 20.42
C SER A 6 15.43 -2.88 20.83
N GLY A 7 15.27 -1.76 20.13
CA GLY A 7 16.10 -0.58 20.30
C GLY A 7 15.76 0.36 21.44
N GLY A 8 14.50 0.42 21.84
CA GLY A 8 14.10 1.33 22.91
C GLY A 8 13.77 2.72 22.40
N SER A 9 13.71 3.70 23.32
CA SER A 9 13.27 5.06 23.03
C SER A 9 14.38 5.96 22.54
N VAL A 10 14.15 6.60 21.38
CA VAL A 10 15.12 7.52 20.76
C VAL A 10 14.35 8.72 20.22
N VAL A 11 14.88 9.94 20.47
CA VAL A 11 14.30 11.15 19.92
C VAL A 11 15.09 11.46 18.65
N GLU A 12 14.40 11.62 17.52
CA GLU A 12 15.09 11.99 16.27
C GLU A 12 14.64 13.35 15.86
N MET A 13 15.58 14.13 15.32
CA MET A 13 15.27 15.47 14.86
C MET A 13 15.60 15.52 13.39
N GLN A 14 14.59 15.65 12.56
CA GLN A 14 14.77 15.72 11.11
C GLN A 14 15.29 17.08 10.74
N GLY A 15 16.05 17.16 9.66
CA GLY A 15 16.71 18.41 9.29
C GLY A 15 16.38 18.96 7.93
N ASP A 16 17.39 19.53 7.27
CA ASP A 16 17.19 20.26 6.04
C ASP A 16 17.97 19.79 4.83
N GLU A 17 17.46 20.17 3.66
CA GLU A 17 18.10 20.02 2.36
C GLU A 17 18.70 18.63 2.11
N MET A 18 19.98 18.55 1.66
CA MET A 18 20.54 17.24 1.29
C MET A 18 20.62 16.27 2.45
N THR A 19 20.99 16.79 3.64
CA THR A 19 21.08 15.94 4.83
C THR A 19 19.71 15.35 5.20
N ARG A 20 18.61 16.06 4.92
CA ARG A 20 17.26 15.56 5.20
C ARG A 20 17.01 14.29 4.35
N ILE A 21 17.39 14.35 3.07
CA ILE A 21 17.23 13.22 2.13
C ILE A 21 18.06 12.02 2.60
N ILE A 22 19.33 12.26 2.92
CA ILE A 22 20.24 11.20 3.41
C ILE A 22 19.73 10.58 4.72
N TRP A 23 19.20 11.41 5.63
CA TRP A 23 18.67 10.94 6.91
C TRP A 23 17.59 9.85 6.70
N GLU A 24 16.67 10.08 5.76
CA GLU A 24 15.62 9.13 5.46
C GLU A 24 16.19 7.84 4.86
N LEU A 25 17.22 7.97 3.99
CA LEU A 25 17.90 6.81 3.41
C LEU A 25 18.58 5.98 4.47
N ILE A 26 19.23 6.63 5.46
CA ILE A 26 19.87 5.92 6.55
C ILE A 26 18.84 5.08 7.34
N LYS A 27 17.72 5.70 7.72
CA LYS A 27 16.70 5.01 8.47
C LYS A 27 16.16 3.82 7.68
N GLU A 28 15.80 4.06 6.42
CA GLU A 28 15.22 3.05 5.53
C GLU A 28 16.15 1.88 5.22
N LYS A 29 17.43 2.16 4.93
CA LYS A 29 18.36 1.14 4.51
C LYS A 29 19.23 0.52 5.61
N LEU A 30 19.60 1.31 6.63
CA LEU A 30 20.57 0.86 7.62
C LEU A 30 20.03 0.62 9.02
N ILE A 31 18.99 1.34 9.43
CA ILE A 31 18.48 1.20 10.80
C ILE A 31 17.25 0.32 10.89
N PHE A 32 16.15 0.75 10.24
CA PHE A 32 14.85 0.08 10.32
C PHE A 32 14.86 -1.41 9.92
N PRO A 33 15.66 -1.90 8.96
CA PRO A 33 15.62 -3.36 8.68
C PRO A 33 16.17 -4.22 9.83
N TYR A 34 16.90 -3.62 10.79
CA TYR A 34 17.56 -4.35 11.87
C TYR A 34 17.15 -4.01 13.28
N VAL A 35 16.60 -2.81 13.49
CA VAL A 35 16.30 -2.30 14.80
C VAL A 35 14.88 -1.77 14.83
N GLU A 36 14.12 -2.18 15.86
CA GLU A 36 12.76 -1.70 16.07
C GLU A 36 12.90 -0.63 17.17
N LEU A 37 12.51 0.60 16.86
CA LEU A 37 12.64 1.68 17.83
C LEU A 37 11.33 2.28 18.24
N ASP A 38 11.29 2.85 19.46
CA ASP A 38 10.19 3.68 19.93
C ASP A 38 10.72 5.08 19.59
N LEU A 39 10.50 5.49 18.37
CA LEU A 39 11.02 6.73 17.80
C LEU A 39 10.10 7.91 18.06
N HIS A 40 10.64 8.96 18.70
CA HIS A 40 9.89 10.19 18.97
C HIS A 40 10.46 11.18 17.96
N SER A 41 9.70 11.42 16.88
CA SER A 41 10.14 12.26 15.77
C SER A 41 9.73 13.69 15.84
N TYR A 42 10.69 14.60 15.65
CA TYR A 42 10.47 16.04 15.63
C TYR A 42 11.02 16.57 14.35
N ASP A 43 10.20 17.28 13.60
CA ASP A 43 10.65 17.80 12.33
C ASP A 43 11.23 19.19 12.53
N LEU A 44 12.58 19.26 12.52
CA LEU A 44 13.29 20.54 12.65
C LEU A 44 13.67 21.13 11.30
N GLY A 45 12.96 20.72 10.25
CA GLY A 45 13.12 21.34 8.94
C GLY A 45 12.74 22.81 9.10
N ILE A 46 13.39 23.70 8.36
CA ILE A 46 13.17 25.15 8.46
C ILE A 46 11.66 25.52 8.31
N GLU A 47 10.94 24.83 7.39
CA GLU A 47 9.51 25.10 7.16
C GLU A 47 8.67 24.76 8.38
N ASN A 48 8.98 23.64 9.07
CA ASN A 48 8.23 23.26 10.27
C ASN A 48 8.61 24.12 11.46
N ARG A 49 9.88 24.57 11.54
CA ARG A 49 10.25 25.48 12.62
C ARG A 49 9.48 26.80 12.39
N ASP A 50 9.37 27.24 11.12
CA ASP A 50 8.62 28.47 10.81
C ASP A 50 7.14 28.32 11.16
N ALA A 51 6.52 27.18 10.78
CA ALA A 51 5.09 26.88 11.05
C ALA A 51 4.74 26.83 12.54
N THR A 52 5.67 26.36 13.39
CA THR A 52 5.46 26.23 14.84
C THR A 52 6.08 27.38 15.64
N ASN A 53 6.55 28.44 14.97
CA ASN A 53 7.23 29.60 15.59
C ASN A 53 8.43 29.13 16.44
N ASP A 54 9.12 28.10 15.93
CA ASP A 54 10.30 27.48 16.55
C ASP A 54 9.99 26.67 17.82
N GLN A 55 8.69 26.45 18.14
CA GLN A 55 8.34 25.65 19.31
C GLN A 55 8.79 24.18 19.17
N VAL A 56 8.79 23.64 17.94
CA VAL A 56 9.19 22.26 17.70
C VAL A 56 10.62 22.01 18.24
N THR A 57 11.51 23.02 18.11
CA THR A 57 12.88 22.90 18.57
C THR A 57 12.93 22.70 20.11
N LYS A 58 12.15 23.53 20.85
CA LYS A 58 12.06 23.44 22.30
C LYS A 58 11.42 22.12 22.71
N ASP A 59 10.38 21.70 22.00
CA ASP A 59 9.71 20.41 22.28
C ASP A 59 10.68 19.23 22.13
N ALA A 60 11.51 19.28 21.06
CA ALA A 60 12.51 18.22 20.82
C ALA A 60 13.51 18.17 21.98
N ALA A 61 13.98 19.34 22.44
CA ALA A 61 14.94 19.39 23.55
C ALA A 61 14.33 18.81 24.83
N GLU A 62 13.05 19.14 25.10
CA GLU A 62 12.35 18.57 26.27
C GLU A 62 12.20 17.05 26.15
N ALA A 63 11.97 16.54 24.93
CA ALA A 63 11.85 15.10 24.69
C ALA A 63 13.17 14.40 24.95
N ILE A 64 14.30 15.05 24.59
CA ILE A 64 15.61 14.46 24.87
C ILE A 64 15.82 14.34 26.40
N LYS A 65 15.42 15.35 27.18
CA LYS A 65 15.55 15.29 28.65
C LYS A 65 14.77 14.08 29.19
N LYS A 66 13.60 13.83 28.60
CA LYS A 66 12.72 12.73 29.02
C LYS A 66 13.26 11.35 28.64
N HIS A 67 13.66 11.14 27.37
CA HIS A 67 14.08 9.84 26.85
C HIS A 67 15.58 9.57 26.89
N ASN A 68 16.39 10.60 27.18
CA ASN A 68 17.85 10.53 27.39
C ASN A 68 18.71 10.35 26.15
N VAL A 69 18.10 10.13 24.98
CA VAL A 69 18.90 9.98 23.75
C VAL A 69 18.26 10.73 22.60
N GLY A 70 19.04 11.61 21.98
CA GLY A 70 18.61 12.33 20.79
C GLY A 70 19.62 12.15 19.66
N VAL A 71 19.11 12.09 18.43
CA VAL A 71 19.93 11.97 17.21
C VAL A 71 19.44 13.07 16.29
N LYS A 72 20.33 13.97 15.87
CA LYS A 72 19.92 15.15 15.11
C LYS A 72 20.58 15.27 13.76
N CYS A 73 19.74 15.55 12.75
CA CYS A 73 20.13 15.81 11.37
C CYS A 73 20.60 17.27 11.26
N ALA A 74 21.51 17.57 10.32
CA ALA A 74 21.96 18.96 10.10
C ALA A 74 20.77 19.85 9.69
N THR A 75 20.75 21.08 10.23
CA THR A 75 19.68 22.06 9.97
C THR A 75 20.24 23.37 9.44
N ILE A 76 19.36 24.18 8.87
CA ILE A 76 19.71 25.52 8.41
C ILE A 76 19.53 26.50 9.59
N THR A 77 20.54 27.37 9.82
CA THR A 77 20.40 28.50 10.76
C THR A 77 20.18 29.67 9.80
N PRO A 78 18.96 30.24 9.73
CA PRO A 78 18.69 31.21 8.66
C PRO A 78 19.31 32.57 8.83
N ASP A 79 19.78 33.12 7.69
CA ASP A 79 20.32 34.47 7.56
C ASP A 79 19.28 35.22 6.71
N GLU A 80 19.62 36.43 6.23
CA GLU A 80 18.75 37.27 5.38
C GLU A 80 18.31 36.57 4.10
N LYS A 81 19.24 35.85 3.42
CA LYS A 81 18.91 35.10 2.18
C LYS A 81 17.89 34.00 2.40
N ARG A 82 18.00 33.26 3.54
CA ARG A 82 17.06 32.20 3.89
C ARG A 82 15.68 32.73 4.25
N VAL A 83 15.63 33.89 4.92
CA VAL A 83 14.35 34.51 5.26
C VAL A 83 13.57 34.78 3.95
N GLU A 84 14.24 35.34 2.94
CA GLU A 84 13.65 35.60 1.62
C GLU A 84 13.26 34.33 0.87
N GLU A 85 14.15 33.31 0.86
CA GLU A 85 13.92 32.03 0.20
C GLU A 85 12.67 31.30 0.71
N PHE A 86 12.49 31.23 2.04
CA PHE A 86 11.36 30.52 2.61
C PHE A 86 10.21 31.41 3.08
N LYS A 87 10.33 32.75 2.93
CA LYS A 87 9.33 33.75 3.39
C LYS A 87 9.08 33.52 4.91
N LEU A 88 10.17 33.45 5.71
CA LEU A 88 10.09 33.18 7.14
C LEU A 88 9.50 34.33 7.92
N LYS A 89 8.72 34.03 8.97
CA LYS A 89 8.09 35.02 9.86
C LYS A 89 9.12 35.80 10.67
N GLN A 90 10.23 35.13 11.05
CA GLN A 90 11.33 35.67 11.84
C GLN A 90 12.62 34.99 11.37
N MET A 91 13.77 35.60 11.67
CA MET A 91 15.06 35.03 11.38
C MET A 91 15.42 34.16 12.59
N TRP A 92 14.88 32.95 12.59
CA TRP A 92 14.98 31.96 13.66
C TRP A 92 16.41 31.72 14.10
N LYS A 93 16.59 31.59 15.43
CA LYS A 93 17.91 31.36 15.99
C LYS A 93 18.34 29.93 15.72
N SER A 94 19.64 29.71 15.75
CA SER A 94 20.21 28.38 15.60
C SER A 94 19.45 27.33 16.47
N PRO A 95 18.90 26.26 15.85
CA PRO A 95 18.27 25.20 16.69
C PRO A 95 19.30 24.44 17.53
N ASN A 96 20.57 24.36 17.05
CA ASN A 96 21.62 23.71 17.84
C ASN A 96 21.86 24.52 19.12
N GLY A 97 21.94 25.85 18.98
CA GLY A 97 22.08 26.75 20.13
C GLY A 97 20.91 26.58 21.09
N THR A 98 19.67 26.49 20.58
CA THR A 98 18.48 26.34 21.44
C THR A 98 18.52 25.04 22.22
N ILE A 99 18.79 23.92 21.53
CA ILE A 99 18.87 22.61 22.17
C ILE A 99 19.97 22.57 23.24
N ARG A 100 21.19 23.03 22.85
CA ARG A 100 22.34 23.04 23.75
C ARG A 100 22.11 23.90 24.97
N ASN A 101 21.43 25.03 24.80
CA ASN A 101 21.27 25.89 25.95
CA ASN A 101 21.10 25.97 25.90
C ASN A 101 20.20 25.29 26.90
N ILE A 102 19.28 24.45 26.40
CA ILE A 102 18.30 23.76 27.25
C ILE A 102 18.95 22.60 27.98
N LEU A 103 19.73 21.78 27.28
CA LEU A 103 20.33 20.58 27.86
C LEU A 103 21.61 20.83 28.65
N GLY A 104 22.43 21.77 28.18
CA GLY A 104 23.73 22.05 28.75
C GLY A 104 24.69 20.89 28.47
N GLY A 105 25.91 21.03 28.93
CA GLY A 105 26.89 19.98 28.82
C GLY A 105 28.09 20.36 27.98
N THR A 106 28.73 19.33 27.43
CA THR A 106 29.94 19.45 26.65
C THR A 106 29.76 18.64 25.38
N VAL A 107 30.11 19.23 24.24
CA VAL A 107 30.01 18.53 22.95
C VAL A 107 31.39 17.97 22.63
N PHE A 108 31.51 16.63 22.60
CA PHE A 108 32.80 15.98 22.28
C PHE A 108 32.85 15.71 20.80
N ARG A 109 33.95 16.16 20.17
CA ARG A 109 34.15 16.07 18.74
C ARG A 109 35.46 15.44 18.40
N GLU A 110 35.43 14.53 17.42
CA GLU A 110 36.65 13.81 17.06
C GLU A 110 36.53 13.39 15.60
N ALA A 111 37.68 13.34 14.89
CA ALA A 111 37.65 12.92 13.48
C ALA A 111 37.25 11.46 13.33
N ILE A 112 36.64 11.12 12.18
CA ILE A 112 36.30 9.73 11.84
C ILE A 112 37.40 9.37 10.83
N ILE A 113 38.34 8.52 11.25
CA ILE A 113 39.55 8.21 10.46
C ILE A 113 39.42 7.00 9.54
N CYS A 114 39.80 7.20 8.28
CA CYS A 114 39.92 6.16 7.25
C CYS A 114 41.38 6.12 6.80
N LYS A 115 41.99 4.92 6.80
CA LYS A 115 43.41 4.73 6.45
C LYS A 115 43.82 5.24 5.07
N ASN A 116 42.85 5.30 4.12
CA ASN A 116 43.12 5.74 2.75
C ASN A 116 42.76 7.22 2.49
N ILE A 117 42.26 7.94 3.52
CA ILE A 117 41.93 9.38 3.37
C ILE A 117 43.13 10.16 3.95
N PRO A 118 43.89 10.93 3.15
CA PRO A 118 45.10 11.55 3.70
C PRO A 118 44.83 12.73 4.64
N ARG A 119 45.71 12.91 5.65
CA ARG A 119 45.61 14.05 6.57
C ARG A 119 46.26 15.23 5.88
N LEU A 120 45.86 16.45 6.29
CA LEU A 120 46.49 17.67 5.77
C LEU A 120 47.61 18.11 6.72
N VAL A 121 47.58 17.61 7.97
CA VAL A 121 48.62 17.87 8.97
C VAL A 121 49.30 16.49 9.16
N SER A 122 50.45 16.29 8.54
CA SER A 122 51.16 14.99 8.57
C SER A 122 51.52 14.48 9.98
N GLY A 123 51.83 15.37 10.92
CA GLY A 123 52.19 14.99 12.29
C GLY A 123 51.13 14.32 13.15
N TRP A 124 49.84 14.50 12.80
CA TRP A 124 48.73 14.00 13.63
C TRP A 124 48.46 12.50 13.52
N VAL A 125 49.29 11.71 14.20
CA VAL A 125 49.20 10.24 14.16
C VAL A 125 48.25 9.64 15.21
N LYS A 126 47.85 10.45 16.19
CA LYS A 126 46.91 10.05 17.23
C LYS A 126 45.73 11.03 17.20
N PRO A 127 44.55 10.64 17.70
CA PRO A 127 43.39 11.55 17.65
C PRO A 127 43.48 12.74 18.59
N ILE A 128 42.77 13.81 18.22
CA ILE A 128 42.61 15.00 19.08
C ILE A 128 41.12 15.02 19.36
N ILE A 129 40.73 15.04 20.62
CA ILE A 129 39.32 15.11 20.98
C ILE A 129 39.06 16.48 21.57
N ILE A 130 38.10 17.22 20.99
CA ILE A 130 37.75 18.52 21.55
C ILE A 130 36.51 18.37 22.40
N GLY A 131 36.55 18.92 23.62
CA GLY A 131 35.38 19.01 24.49
C GLY A 131 34.93 20.46 24.44
N ARG A 132 33.90 20.74 23.64
CA ARG A 132 33.39 22.10 23.43
C ARG A 132 32.30 22.40 24.47
N HIS A 133 32.55 23.39 25.34
CA HIS A 133 31.51 23.79 26.31
C HIS A 133 30.26 24.21 25.50
N ALA A 134 29.11 23.57 25.78
CA ALA A 134 27.92 23.74 24.95
C ALA A 134 26.98 24.87 25.34
N TYR A 135 27.30 25.58 26.41
CA TYR A 135 26.40 26.58 26.95
C TYR A 135 26.96 27.99 26.94
N GLY A 136 26.08 28.96 26.70
CA GLY A 136 26.38 30.36 26.90
C GLY A 136 27.36 31.01 25.95
N ASP A 137 28.03 32.05 26.46
CA ASP A 137 28.94 32.89 25.68
C ASP A 137 28.24 33.43 24.43
N GLN A 138 28.89 33.41 23.26
CA GLN A 138 28.30 34.01 22.02
C GLN A 138 26.98 33.39 21.62
N TYR A 139 26.70 32.15 22.04
CA TYR A 139 25.48 31.44 21.65
C TYR A 139 24.25 31.80 22.46
N ARG A 140 24.41 32.65 23.48
CA ARG A 140 23.27 33.14 24.22
C ARG A 140 23.45 34.64 24.49
N ALA A 141 24.14 35.31 23.59
CA ALA A 141 24.47 36.72 23.70
C ALA A 141 23.34 37.63 23.29
N THR A 142 23.42 38.88 23.75
CA THR A 142 22.46 39.93 23.37
C THR A 142 23.27 40.95 22.62
N ASP A 143 23.07 41.04 21.29
CA ASP A 143 23.86 41.96 20.46
C ASP A 143 22.96 42.92 19.73
N PHE A 144 23.45 44.13 19.49
CA PHE A 144 22.63 45.15 18.85
C PHE A 144 23.47 46.18 18.14
N VAL A 145 22.84 46.88 17.18
CA VAL A 145 23.47 47.97 16.47
C VAL A 145 23.32 49.23 17.32
N VAL A 146 24.38 50.01 17.44
CA VAL A 146 24.40 51.29 18.13
C VAL A 146 24.21 52.34 16.98
N PRO A 147 23.04 52.98 16.91
CA PRO A 147 22.76 53.84 15.73
C PRO A 147 23.52 55.16 15.68
N GLY A 148 24.02 55.62 16.82
CA GLY A 148 24.74 56.87 16.86
C GLY A 148 25.34 57.17 18.22
N PRO A 149 25.85 58.40 18.41
CA PRO A 149 26.49 58.76 19.68
C PRO A 149 25.63 58.50 20.91
N GLY A 150 26.28 58.07 21.97
CA GLY A 150 25.61 57.73 23.22
C GLY A 150 26.37 56.67 23.98
N LYS A 151 25.91 56.38 25.19
CA LYS A 151 26.60 55.47 26.09
C LYS A 151 26.00 54.08 26.11
N VAL A 152 26.87 53.05 26.09
CA VAL A 152 26.43 51.67 26.31
C VAL A 152 26.99 51.32 27.70
N GLU A 153 26.12 50.83 28.59
CA GLU A 153 26.49 50.43 29.95
C GLU A 153 26.02 49.02 30.23
N ILE A 154 26.72 48.31 31.12
CA ILE A 154 26.31 46.96 31.53
C ILE A 154 26.15 46.99 33.04
N THR A 155 25.04 46.44 33.54
CA THR A 155 24.75 46.53 34.97
C THR A 155 24.45 45.19 35.59
N TYR A 156 24.74 45.07 36.87
CA TYR A 156 24.42 43.88 37.64
C TYR A 156 23.61 44.31 38.86
N THR A 157 22.47 43.64 39.06
CA THR A 157 21.59 43.94 40.21
C THR A 157 21.33 42.61 40.99
N PRO A 158 21.96 42.37 42.15
CA PRO A 158 21.67 41.12 42.92
C PRO A 158 20.18 41.02 43.21
N SER A 159 19.68 39.77 43.24
CA SER A 159 18.27 39.46 43.41
C SER A 159 17.62 40.08 44.67
N ASP A 160 18.37 40.32 45.74
CA ASP A 160 17.84 40.98 46.96
C ASP A 160 17.46 42.47 46.76
N GLY A 161 17.98 43.10 45.70
CA GLY A 161 17.68 44.48 45.39
C GLY A 161 18.43 45.49 46.26
N THR A 162 19.49 45.02 46.95
CA THR A 162 20.30 45.84 47.87
C THR A 162 21.52 46.54 47.23
N GLN A 163 21.82 46.29 45.94
CA GLN A 163 22.91 47.01 45.28
C GLN A 163 22.78 47.02 43.77
N LYS A 164 23.48 47.94 43.10
CA LYS A 164 23.48 47.97 41.65
C LYS A 164 24.87 48.42 41.23
N VAL A 165 25.52 47.63 40.35
CA VAL A 165 26.84 47.98 39.84
C VAL A 165 26.66 48.32 38.34
N THR A 166 27.21 49.46 37.90
CA THR A 166 27.06 49.88 36.50
C THR A 166 28.46 50.10 35.94
N TYR A 167 28.76 49.47 34.81
CA TYR A 167 30.05 49.63 34.14
C TYR A 167 29.80 50.30 32.80
N LEU A 168 30.67 51.26 32.45
CA LEU A 168 30.57 51.87 31.12
C LEU A 168 31.26 50.90 30.12
N VAL A 169 30.54 50.48 29.07
CA VAL A 169 31.13 49.65 28.03
C VAL A 169 31.86 50.58 27.08
N HIS A 170 31.14 51.61 26.60
CA HIS A 170 31.75 52.61 25.71
C HIS A 170 30.85 53.82 25.60
N ASN A 171 31.48 54.99 25.51
CA ASN A 171 30.75 56.22 25.19
C ASN A 171 31.06 56.51 23.72
N PHE A 172 30.09 56.27 22.83
CA PHE A 172 30.25 56.53 21.40
C PHE A 172 30.15 58.06 21.22
N GLU A 173 31.27 58.69 20.88
CA GLU A 173 31.31 60.15 20.75
C GLU A 173 31.00 60.63 19.35
N GLU A 174 31.41 59.85 18.35
CA GLU A 174 31.16 60.18 16.95
C GLU A 174 30.75 58.90 16.23
N GLY A 175 29.57 58.91 15.66
CA GLY A 175 29.05 57.77 14.92
C GLY A 175 28.58 56.65 15.84
N GLY A 176 28.16 55.57 15.24
CA GLY A 176 27.65 54.44 15.98
C GLY A 176 28.56 53.25 15.83
N GLY A 177 27.97 52.07 15.96
CA GLY A 177 28.74 50.83 15.89
C GLY A 177 27.86 49.69 16.32
N VAL A 178 28.45 48.80 17.12
CA VAL A 178 27.77 47.62 17.63
C VAL A 178 28.15 47.39 19.08
N ALA A 179 27.30 46.66 19.80
CA ALA A 179 27.64 46.29 21.17
C ALA A 179 26.98 44.98 21.51
N MET A 180 27.50 44.32 22.56
CA MET A 180 26.90 43.06 22.96
C MET A 180 27.23 42.74 24.37
N GLY A 181 26.32 41.98 24.97
CA GLY A 181 26.53 41.44 26.30
C GLY A 181 26.46 39.93 26.22
N MET A 182 27.29 39.24 27.00
CA MET A 182 27.23 37.78 27.07
C MET A 182 27.57 37.32 28.48
N TYR A 183 27.31 36.06 28.75
CA TYR A 183 27.51 35.55 30.10
C TYR A 183 27.78 34.06 30.11
N ASN A 184 28.16 33.56 31.26
CA ASN A 184 28.24 32.12 31.50
C ASN A 184 27.92 31.87 32.97
N GLN A 185 27.62 30.62 33.31
CA GLN A 185 27.20 30.24 34.65
C GLN A 185 28.23 29.36 35.36
N ASP A 186 28.48 29.60 36.66
CA ASP A 186 29.43 28.79 37.41
C ASP A 186 29.12 27.30 37.31
N LYS A 187 27.88 26.92 37.55
CA LYS A 187 27.49 25.50 37.55
C LYS A 187 27.79 24.85 36.19
N SER A 188 27.51 25.56 35.10
CA SER A 188 27.79 25.06 33.73
C SER A 188 29.29 24.87 33.51
N ILE A 189 30.11 25.84 33.98
CA ILE A 189 31.57 25.73 33.84
C ILE A 189 32.08 24.54 34.68
N GLU A 190 31.54 24.37 35.90
CA GLU A 190 31.94 23.22 36.74
C GLU A 190 31.64 21.89 36.01
N ASP A 191 30.45 21.79 35.39
CA ASP A 191 30.03 20.58 34.68
C ASP A 191 30.98 20.33 33.50
N PHE A 192 31.36 21.41 32.81
CA PHE A 192 32.29 21.36 31.69
C PHE A 192 33.65 20.82 32.18
N ALA A 193 34.14 21.32 33.34
CA ALA A 193 35.39 20.87 33.92
C ALA A 193 35.33 19.36 34.23
N HIS A 194 34.28 18.92 34.96
CA HIS A 194 34.10 17.50 35.29
C HIS A 194 34.10 16.63 34.03
N SER A 195 33.35 17.03 32.99
CA SER A 195 33.30 16.22 31.76
C SER A 195 34.65 16.10 31.08
N SER A 196 35.41 17.19 31.07
CA SER A 196 36.74 17.23 30.46
C SER A 196 37.75 16.33 31.20
N PHE A 197 37.79 16.42 32.55
CA PHE A 197 38.70 15.59 33.36
C PHE A 197 38.34 14.11 33.20
N GLN A 198 37.03 13.81 33.20
CA GLN A 198 36.56 12.41 33.04
C GLN A 198 36.89 11.86 31.66
N MET A 199 36.80 12.69 30.59
CA MET A 199 37.15 12.24 29.25
C MET A 199 38.64 11.92 29.18
N ALA A 200 39.50 12.80 29.71
CA ALA A 200 40.95 12.58 29.70
C ALA A 200 41.29 11.26 30.43
N LEU A 201 40.67 11.02 31.59
CA LEU A 201 40.95 9.77 32.35
C LEU A 201 40.44 8.52 31.61
N SER A 202 39.32 8.64 30.89
CA SER A 202 38.74 7.54 30.13
C SER A 202 39.68 7.13 28.97
N LYS A 203 40.35 8.14 28.34
CA LYS A 203 41.27 7.91 27.23
C LYS A 203 42.70 7.65 27.65
N GLY A 204 43.05 8.08 28.86
CA GLY A 204 44.41 8.00 29.37
C GLY A 204 45.32 8.98 28.65
N TRP A 205 44.77 10.17 28.32
CA TRP A 205 45.50 11.23 27.61
C TRP A 205 45.49 12.52 28.44
N PRO A 206 46.50 13.37 28.27
CA PRO A 206 46.49 14.66 28.98
C PRO A 206 45.37 15.56 28.49
N LEU A 207 45.05 16.57 29.31
CA LEU A 207 43.99 17.53 29.03
C LEU A 207 44.55 18.93 29.02
N TYR A 208 44.12 19.74 28.05
CA TYR A 208 44.48 21.16 27.98
C TYR A 208 43.21 21.97 27.92
N LEU A 209 43.12 23.04 28.71
CA LEU A 209 42.01 23.99 28.60
C LEU A 209 42.59 25.25 27.95
N SER A 210 41.91 25.81 26.94
CA SER A 210 42.36 27.08 26.36
C SER A 210 41.43 28.24 26.76
N THR A 211 42.03 29.41 27.10
CA THR A 211 41.24 30.63 27.36
C THR A 211 42.13 31.81 26.91
N LYS A 212 41.62 33.04 27.05
CA LYS A 212 42.47 34.22 26.83
C LYS A 212 42.38 35.04 28.14
N ASN A 213 42.72 34.39 29.28
CA ASN A 213 42.59 35.03 30.61
C ASN A 213 43.51 36.25 30.83
N THR A 214 44.52 36.44 29.95
CA THR A 214 45.39 37.63 30.06
C THR A 214 44.65 38.89 29.59
N ILE A 215 43.61 38.69 28.75
CA ILE A 215 42.81 39.77 28.17
C ILE A 215 41.45 39.88 28.89
N LEU A 216 40.71 38.76 29.00
CA LEU A 216 39.42 38.73 29.74
C LEU A 216 39.76 38.18 31.10
N LYS A 217 40.37 39.03 31.93
CA LYS A 217 40.90 38.60 33.21
C LYS A 217 39.87 38.02 34.15
N LYS A 218 38.63 38.55 34.13
CA LYS A 218 37.59 38.06 35.04
C LYS A 218 36.78 36.94 34.39
N TYR A 219 36.35 37.13 33.12
CA TYR A 219 35.50 36.14 32.42
C TYR A 219 36.27 34.86 32.20
N ASP A 220 37.41 34.93 31.50
CA ASP A 220 38.21 33.72 31.24
C ASP A 220 38.97 33.25 32.47
N GLY A 221 39.33 34.19 33.35
CA GLY A 221 39.95 33.83 34.62
C GLY A 221 39.07 32.89 35.43
N ARG A 222 37.74 33.04 35.33
CA ARG A 222 36.81 32.18 36.06
C ARG A 222 36.87 30.73 35.56
N PHE A 223 36.94 30.54 34.22
CA PHE A 223 37.05 29.18 33.67
C PHE A 223 38.37 28.56 34.17
N LYS A 224 39.47 29.32 34.06
CA LYS A 224 40.78 28.83 34.52
C LYS A 224 40.76 28.44 36.00
N ASP A 225 40.19 29.30 36.85
CA ASP A 225 40.10 29.05 38.29
C ASP A 225 39.23 27.82 38.64
N ILE A 226 38.06 27.70 38.01
CA ILE A 226 37.14 26.57 38.29
C ILE A 226 37.83 25.26 37.87
N PHE A 227 38.43 25.22 36.68
CA PHE A 227 39.14 24.01 36.26
C PHE A 227 40.26 23.63 37.23
N GLN A 228 41.08 24.63 37.63
CA GLN A 228 42.19 24.34 38.53
C GLN A 228 41.74 23.83 39.90
N GLU A 229 40.69 24.43 40.46
CA GLU A 229 40.14 24.06 41.78
C GLU A 229 39.61 22.62 41.72
N ILE A 230 38.85 22.28 40.65
CA ILE A 230 38.29 20.93 40.50
C ILE A 230 39.42 19.89 40.29
N TYR A 231 40.45 20.24 39.49
CA TYR A 231 41.59 19.36 39.27
C TYR A 231 42.31 19.05 40.61
N ASP A 232 42.69 20.12 41.34
CA ASP A 232 43.42 19.98 42.61
C ASP A 232 42.67 19.16 43.65
N LYS A 233 41.35 19.36 43.76
CA LYS A 233 40.54 18.70 44.79
C LYS A 233 40.00 17.33 44.42
N GLN A 234 39.76 17.07 43.14
CA GLN A 234 39.08 15.84 42.76
C GLN A 234 39.74 14.94 41.72
N TYR A 235 40.70 15.44 40.92
CA TYR A 235 41.26 14.61 39.84
C TYR A 235 42.77 14.45 39.76
N LYS A 236 43.55 15.34 40.41
CA LYS A 236 45.00 15.31 40.31
C LYS A 236 45.62 13.93 40.62
N SER A 237 45.18 13.24 41.71
CA SER A 237 45.74 11.91 42.03
C SER A 237 45.41 10.87 40.96
N GLN A 238 44.22 10.99 40.34
CA GLN A 238 43.79 10.09 39.25
C GLN A 238 44.66 10.31 38.02
N PHE A 239 44.95 11.59 37.68
CA PHE A 239 45.82 11.91 36.54
C PHE A 239 47.23 11.40 36.80
N GLU A 240 47.76 11.65 38.01
CA GLU A 240 49.11 11.21 38.38
C GLU A 240 49.25 9.68 38.30
N ALA A 241 48.18 8.95 38.73
CA ALA A 241 48.17 7.48 38.66
C ALA A 241 48.27 6.97 37.20
N GLN A 242 47.78 7.74 36.23
CA GLN A 242 47.87 7.42 34.81
C GLN A 242 49.00 8.10 34.04
N LYS A 243 49.83 8.80 34.76
CA LYS A 243 51.01 9.53 34.22
C LYS A 243 50.57 10.57 33.17
N ILE A 244 49.39 11.16 33.42
CA ILE A 244 48.85 12.22 32.53
C ILE A 244 48.80 13.50 33.35
N TRP A 245 48.42 14.61 32.69
CA TRP A 245 48.42 15.89 33.37
C TRP A 245 47.33 16.77 32.78
N TYR A 246 47.04 17.86 33.48
CA TYR A 246 46.11 18.89 33.05
C TYR A 246 46.89 20.20 33.08
N GLU A 247 46.80 20.99 31.97
CA GLU A 247 47.43 22.32 31.94
C GLU A 247 46.53 23.31 31.22
N HIS A 248 46.52 24.56 31.72
CA HIS A 248 45.83 25.65 31.04
C HIS A 248 46.79 26.21 29.99
N ARG A 249 46.24 26.69 28.86
CA ARG A 249 47.06 27.32 27.82
C ARG A 249 46.29 28.52 27.30
N LEU A 250 47.01 29.57 26.88
CA LEU A 250 46.31 30.66 26.19
C LEU A 250 45.89 30.12 24.81
N ILE A 251 44.70 30.52 24.33
CA ILE A 251 44.14 29.98 23.08
C ILE A 251 45.10 30.11 21.89
N ASP A 252 45.75 31.28 21.72
CA ASP A 252 46.64 31.44 20.58
C ASP A 252 47.88 30.52 20.70
N ASP A 253 48.39 30.30 21.93
CA ASP A 253 49.47 29.33 22.11
C ASP A 253 48.97 27.90 21.83
N MET A 254 47.74 27.61 22.29
CA MET A 254 47.17 26.27 22.15
C MET A 254 46.95 25.86 20.68
N VAL A 255 46.41 26.77 19.82
CA VAL A 255 46.20 26.37 18.43
C VAL A 255 47.54 26.03 17.75
N ALA A 256 48.61 26.77 18.10
CA ALA A 256 49.94 26.49 17.54
C ALA A 256 50.46 25.15 18.12
N GLN A 257 50.32 24.94 19.44
CA GLN A 257 50.73 23.68 20.08
C GLN A 257 50.00 22.50 19.42
N ALA A 258 48.70 22.63 19.16
CA ALA A 258 47.94 21.52 18.52
C ALA A 258 48.48 21.25 17.11
N MET A 259 48.71 22.31 16.30
CA MET A 259 49.22 22.19 14.94
C MET A 259 50.57 21.43 14.89
N LYS A 260 51.46 21.71 15.87
CA LYS A 260 52.81 21.14 15.97
C LYS A 260 52.84 19.75 16.62
N SER A 261 51.72 19.35 17.25
CA SER A 261 51.66 18.12 18.02
C SER A 261 51.54 16.85 17.20
N GLU A 262 51.58 15.70 17.90
CA GLU A 262 51.36 14.42 17.25
C GLU A 262 49.92 13.93 17.57
N GLY A 263 49.10 14.81 18.14
CA GLY A 263 47.76 14.44 18.59
C GLY A 263 47.84 13.71 19.93
N GLY A 264 46.78 13.03 20.30
CA GLY A 264 46.72 12.26 21.53
C GLY A 264 46.49 13.07 22.79
N PHE A 265 45.51 14.00 22.74
CA PHE A 265 45.19 14.78 23.94
C PHE A 265 43.73 15.20 23.83
N ILE A 266 43.18 15.56 24.98
CA ILE A 266 41.84 16.14 25.08
C ILE A 266 42.03 17.65 25.14
N TRP A 267 41.20 18.39 24.41
CA TRP A 267 41.28 19.85 24.35
C TRP A 267 39.94 20.43 24.77
N ALA A 268 39.88 20.99 26.00
CA ALA A 268 38.66 21.64 26.49
C ALA A 268 38.64 23.05 25.91
N CYS A 269 37.59 23.35 25.15
CA CYS A 269 37.39 24.63 24.45
C CYS A 269 36.15 25.31 24.98
N LYS A 270 36.22 26.64 25.11
CA LYS A 270 35.01 27.43 25.39
C LYS A 270 34.12 27.28 24.12
N ASN A 271 32.84 27.62 24.24
CA ASN A 271 31.84 27.40 23.17
C ASN A 271 32.29 27.89 21.76
N TYR A 272 32.72 29.14 21.66
CA TYR A 272 33.12 29.68 20.37
C TYR A 272 34.40 28.99 19.81
N ASP A 273 35.43 28.85 20.66
CA ASP A 273 36.66 28.18 20.21
C ASP A 273 36.39 26.72 19.81
N GLY A 274 35.48 26.04 20.51
CA GLY A 274 35.15 24.66 20.19
C GLY A 274 34.52 24.55 18.82
N ASP A 275 33.68 25.54 18.47
CA ASP A 275 33.10 25.57 17.12
C ASP A 275 34.22 25.72 16.08
N VAL A 276 35.02 26.78 16.21
CA VAL A 276 36.03 27.06 15.21
C VAL A 276 37.09 25.98 15.13
N GLN A 277 37.68 25.64 16.28
CA GLN A 277 38.79 24.68 16.29
C GLN A 277 38.38 23.25 15.94
N SER A 278 37.11 22.83 16.22
CA SER A 278 36.73 21.46 15.83
C SER A 278 36.68 21.35 14.31
N ASP A 279 36.29 22.46 13.61
CA ASP A 279 36.26 22.42 12.14
C ASP A 279 37.69 22.44 11.57
N SER A 280 38.58 23.22 12.19
CA SER A 280 39.99 23.25 11.77
C SER A 280 40.61 21.82 11.95
N VAL A 281 40.34 21.21 13.10
CA VAL A 281 40.87 19.88 13.41
C VAL A 281 40.27 18.82 12.45
N ALA A 282 38.93 18.83 12.24
CA ALA A 282 38.31 17.85 11.33
C ALA A 282 38.94 17.96 9.92
N GLN A 283 39.12 19.21 9.43
CA GLN A 283 39.72 19.41 8.13
C GLN A 283 41.19 18.93 8.12
N GLY A 284 41.93 19.17 9.22
CA GLY A 284 43.33 18.74 9.33
C GLY A 284 43.50 17.23 9.23
N TYR A 285 42.49 16.46 9.72
CA TYR A 285 42.54 15.00 9.64
C TYR A 285 42.15 14.50 8.27
N GLY A 286 41.59 15.37 7.44
CA GLY A 286 41.29 15.01 6.06
C GLY A 286 40.01 15.51 5.46
N SER A 287 38.94 15.63 6.27
CA SER A 287 37.64 16.03 5.72
C SER A 287 36.75 16.66 6.77
N LEU A 288 36.14 17.82 6.46
CA LEU A 288 35.22 18.49 7.37
C LEU A 288 34.05 17.58 7.75
N GLY A 289 33.55 16.81 6.78
CA GLY A 289 32.42 15.93 6.99
C GLY A 289 32.71 14.66 7.77
N MET A 290 33.97 14.38 8.13
CA MET A 290 34.28 13.13 8.81
C MET A 290 34.59 13.43 10.27
N MET A 291 33.53 13.72 11.04
CA MET A 291 33.68 14.06 12.45
C MET A 291 32.46 13.63 13.23
N THR A 292 32.68 13.11 14.47
CA THR A 292 31.56 12.77 15.35
C THR A 292 31.32 14.01 16.23
N SER A 293 30.11 14.16 16.77
CA SER A 293 29.78 15.29 17.63
C SER A 293 28.69 14.84 18.59
N VAL A 294 29.05 14.66 19.87
CA VAL A 294 28.08 14.15 20.83
C VAL A 294 28.03 15.05 22.05
N LEU A 295 26.83 15.58 22.32
CA LEU A 295 26.61 16.42 23.50
C LEU A 295 26.39 15.48 24.67
N VAL A 296 27.24 15.59 25.70
CA VAL A 296 27.15 14.78 26.93
C VAL A 296 26.62 15.72 28.02
N CYS A 297 25.40 15.45 28.49
CA CYS A 297 24.76 16.33 29.47
C CYS A 297 25.30 16.12 30.88
N PRO A 298 25.14 17.15 31.77
CA PRO A 298 25.69 17.06 33.12
C PRO A 298 25.09 15.97 34.03
N ASP A 299 23.88 15.45 33.70
CA ASP A 299 23.24 14.39 34.49
C ASP A 299 23.94 13.02 34.38
N GLY A 300 24.87 12.88 33.42
CA GLY A 300 25.60 11.65 33.15
C GLY A 300 24.70 10.53 32.63
N LYS A 301 23.59 10.91 32.00
CA LYS A 301 22.60 9.97 31.48
C LYS A 301 22.08 10.38 30.10
N THR A 302 22.03 11.70 29.82
CA THR A 302 21.46 12.23 28.59
C THR A 302 22.52 12.58 27.56
N VAL A 303 22.30 12.18 26.29
CA VAL A 303 23.20 12.56 25.18
C VAL A 303 22.39 13.01 23.96
N GLU A 304 23.02 13.85 23.13
CA GLU A 304 22.43 14.23 21.86
C GLU A 304 23.57 14.09 20.83
N ALA A 305 23.44 13.15 19.89
CA ALA A 305 24.46 13.00 18.83
C ALA A 305 23.98 13.72 17.58
N GLU A 306 24.90 14.35 16.84
CA GLU A 306 24.46 15.12 15.68
C GLU A 306 25.46 15.02 14.54
N ALA A 307 25.00 15.35 13.33
CA ALA A 307 25.86 15.56 12.17
C ALA A 307 26.12 17.08 12.27
N ALA A 308 27.38 17.47 12.56
CA ALA A 308 27.77 18.87 12.82
C ALA A 308 28.09 19.72 11.59
N HIS A 309 28.12 19.09 10.43
CA HIS A 309 28.42 19.77 9.19
C HIS A 309 27.18 20.47 8.60
N GLY A 310 27.35 21.06 7.42
CA GLY A 310 26.28 21.79 6.75
C GLY A 310 25.24 20.90 6.08
N THR A 311 24.24 21.54 5.45
CA THR A 311 23.14 20.82 4.81
C THR A 311 23.42 20.53 3.32
N VAL A 312 24.63 20.85 2.85
CA VAL A 312 25.11 20.55 1.48
C VAL A 312 24.13 21.11 0.42
N THR A 313 23.86 22.41 0.50
CA THR A 313 22.93 23.10 -0.39
C THR A 313 23.24 22.87 -1.88
N ARG A 314 24.53 22.90 -2.26
CA ARG A 314 24.95 22.69 -3.66
C ARG A 314 24.45 21.37 -4.20
N HIS A 315 24.56 20.31 -3.39
CA HIS A 315 24.05 19.00 -3.81
C HIS A 315 22.53 19.00 -3.83
N TYR A 316 21.89 19.67 -2.84
CA TYR A 316 20.43 19.72 -2.80
C TYR A 316 19.87 20.37 -4.06
N ARG A 317 20.53 21.43 -4.57
CA ARG A 317 20.09 22.13 -5.80
C ARG A 317 20.15 21.17 -6.99
N MET A 318 21.21 20.31 -7.03
CA MET A 318 21.34 19.31 -8.10
C MET A 318 20.22 18.28 -7.98
N TYR A 319 19.98 17.80 -6.75
CA TYR A 319 18.93 16.84 -6.44
C TYR A 319 17.54 17.39 -6.85
N GLN A 320 17.30 18.69 -6.61
CA GLN A 320 16.02 19.34 -6.94
C GLN A 320 15.78 19.36 -8.45
N LYS A 321 16.87 19.41 -9.24
CA LYS A 321 16.86 19.42 -10.71
C LYS A 321 16.87 17.98 -11.30
N GLY A 322 16.75 16.98 -10.44
CA GLY A 322 16.76 15.55 -10.80
C GLY A 322 18.11 15.05 -11.28
N GLN A 323 19.19 15.72 -10.88
CA GLN A 323 20.55 15.37 -11.26
C GLN A 323 21.13 14.41 -10.22
N GLU A 324 22.09 13.59 -10.68
CA GLU A 324 22.76 12.63 -9.80
C GLU A 324 23.60 13.40 -8.76
N THR A 325 23.63 12.91 -7.50
CA THR A 325 24.47 13.54 -6.46
C THR A 325 25.29 12.45 -5.80
N SER A 326 26.35 12.84 -5.11
CA SER A 326 27.20 11.89 -4.39
C SER A 326 27.62 12.58 -3.06
N THR A 327 26.81 12.39 -2.01
CA THR A 327 26.99 13.08 -0.73
C THR A 327 27.41 12.12 0.35
N ASN A 328 28.46 12.48 1.08
CA ASN A 328 29.01 11.69 2.17
C ASN A 328 28.00 11.56 3.32
N PRO A 329 27.47 10.35 3.62
CA PRO A 329 26.49 10.21 4.71
C PRO A 329 27.11 9.80 6.05
N ILE A 330 28.45 9.68 6.11
CA ILE A 330 29.10 9.08 7.27
C ILE A 330 28.84 9.83 8.60
N ALA A 331 28.92 11.18 8.60
CA ALA A 331 28.70 11.87 9.87
C ALA A 331 27.26 11.65 10.36
N SER A 332 26.29 11.59 9.42
CA SER A 332 24.88 11.36 9.75
C SER A 332 24.69 9.93 10.28
N ILE A 333 25.39 8.95 9.66
CA ILE A 333 25.34 7.55 10.18
C ILE A 333 25.91 7.48 11.59
N PHE A 334 27.07 8.12 11.82
CA PHE A 334 27.69 8.11 13.16
C PHE A 334 26.83 8.86 14.21
N ALA A 335 25.97 9.83 13.82
CA ALA A 335 25.05 10.45 14.79
C ALA A 335 24.12 9.31 15.30
N TRP A 336 23.59 8.48 14.37
CA TRP A 336 22.74 7.34 14.76
C TRP A 336 23.52 6.32 15.58
N THR A 337 24.72 5.91 15.14
CA THR A 337 25.46 4.88 15.88
C THR A 337 25.91 5.37 17.27
N ARG A 338 26.27 6.65 17.39
CA ARG A 338 26.65 7.17 18.71
C ARG A 338 25.43 7.25 19.65
N GLY A 339 24.28 7.65 19.11
CA GLY A 339 23.04 7.71 19.87
C GLY A 339 22.60 6.31 20.29
N LEU A 340 22.62 5.37 19.32
CA LEU A 340 22.23 3.97 19.64
C LEU A 340 23.19 3.28 20.63
N ALA A 341 24.51 3.59 20.55
CA ALA A 341 25.49 3.02 21.51
C ALA A 341 25.16 3.50 22.93
N HIS A 342 24.76 4.77 23.08
CA HIS A 342 24.38 5.30 24.40
C HIS A 342 23.09 4.67 24.89
N ARG A 343 22.09 4.56 24.00
CA ARG A 343 20.82 3.92 24.29
C ARG A 343 21.11 2.49 24.84
N ALA A 344 22.03 1.76 24.18
CA ALA A 344 22.41 0.40 24.57
C ALA A 344 23.08 0.35 25.94
N LYS A 345 23.94 1.35 26.24
CA LYS A 345 24.63 1.46 27.51
C LYS A 345 23.60 1.69 28.63
N LEU A 346 22.63 2.58 28.42
CA LEU A 346 21.58 2.87 29.41
C LEU A 346 20.70 1.66 29.68
N ASP A 347 20.41 0.88 28.63
CA ASP A 347 19.50 -0.26 28.72
C ASP A 347 20.17 -1.63 28.92
N ASN A 348 21.52 -1.67 28.99
CA ASN A 348 22.35 -2.89 29.09
C ASN A 348 21.94 -3.85 27.96
N ASN A 349 21.81 -3.28 26.74
CA ASN A 349 21.36 -3.99 25.55
C ASN A 349 22.57 -4.38 24.70
N LYS A 350 23.06 -5.62 24.90
CA LYS A 350 24.22 -6.13 24.19
C LYS A 350 24.06 -6.18 22.67
N GLU A 351 22.87 -6.59 22.21
CA GLU A 351 22.56 -6.74 20.78
C GLU A 351 22.61 -5.37 20.11
N LEU A 352 22.06 -4.34 20.77
CA LEU A 352 22.07 -2.97 20.22
C LEU A 352 23.49 -2.41 20.22
N ALA A 353 24.25 -2.64 21.29
CA ALA A 353 25.65 -2.19 21.37
C ALA A 353 26.47 -2.84 20.23
N PHE A 354 26.24 -4.14 19.97
CA PHE A 354 26.93 -4.84 18.90
C PHE A 354 26.57 -4.20 17.54
N PHE A 355 25.27 -3.94 17.33
CA PHE A 355 24.79 -3.35 16.08
C PHE A 355 25.43 -1.98 15.83
N ALA A 356 25.41 -1.09 16.86
CA ALA A 356 25.95 0.27 16.69
C ALA A 356 27.42 0.25 16.29
N ASN A 357 28.21 -0.61 16.94
CA ASN A 357 29.63 -0.76 16.63
C ASN A 357 29.81 -1.36 15.22
N ALA A 358 28.99 -2.37 14.86
CA ALA A 358 29.08 -3.04 13.56
C ALA A 358 28.85 -2.05 12.42
N LEU A 359 27.86 -1.16 12.56
CA LEU A 359 27.57 -0.16 11.52
C LEU A 359 28.74 0.84 11.36
N GLU A 360 29.39 1.23 12.49
CA GLU A 360 30.58 2.09 12.39
C GLU A 360 31.70 1.35 11.65
N GLU A 361 31.92 0.07 12.00
CA GLU A 361 32.95 -0.73 11.34
C GLU A 361 32.67 -0.86 9.83
N VAL A 362 31.43 -1.16 9.46
CA VAL A 362 31.03 -1.29 8.05
C VAL A 362 31.31 0.00 7.28
N SER A 363 30.97 1.15 7.88
CA SER A 363 31.16 2.44 7.23
C SER A 363 32.62 2.67 6.87
N ILE A 364 33.52 2.48 7.85
CA ILE A 364 34.95 2.69 7.67
C ILE A 364 35.52 1.62 6.71
N GLU A 365 35.14 0.34 6.90
CA GLU A 365 35.62 -0.76 6.04
C GLU A 365 35.22 -0.51 4.57
N THR A 366 34.01 0.02 4.34
CA THR A 366 33.54 0.29 2.97
C THR A 366 34.43 1.33 2.27
N ILE A 367 34.68 2.47 2.97
CA ILE A 367 35.53 3.51 2.39
C ILE A 367 36.96 2.98 2.20
N GLU A 368 37.46 2.24 3.19
CA GLU A 368 38.84 1.69 3.13
C GLU A 368 38.98 0.65 2.01
N ALA A 369 37.87 0.03 1.59
CA ALA A 369 37.86 -0.92 0.45
C ALA A 369 37.84 -0.17 -0.90
N GLY A 370 37.76 1.17 -0.85
CA GLY A 370 37.76 2.00 -2.06
C GLY A 370 36.42 2.40 -2.61
N PHE A 371 35.34 2.18 -1.85
CA PHE A 371 33.99 2.55 -2.27
C PHE A 371 33.64 3.80 -1.50
N MET A 372 33.43 4.91 -2.19
CA MET A 372 33.15 6.16 -1.48
C MET A 372 32.42 7.15 -2.37
N THR A 373 31.99 8.25 -1.77
CA THR A 373 31.31 9.34 -2.47
C THR A 373 32.34 10.30 -3.09
N LYS A 374 31.86 11.20 -3.97
CA LYS A 374 32.71 12.09 -4.75
C LYS A 374 33.61 12.97 -3.87
N ASP A 375 33.03 13.50 -2.78
CA ASP A 375 33.73 14.39 -1.83
C ASP A 375 34.94 13.65 -1.22
N LEU A 376 34.77 12.36 -0.86
CA LEU A 376 35.88 11.57 -0.33
C LEU A 376 36.90 11.23 -1.43
N ALA A 377 36.42 10.90 -2.65
CA ALA A 377 37.37 10.64 -3.75
C ALA A 377 38.21 11.89 -4.03
N ALA A 378 37.60 13.10 -3.86
CA ALA A 378 38.30 14.40 -4.03
C ALA A 378 39.43 14.58 -2.99
N CYS A 379 39.27 13.99 -1.79
CA CYS A 379 40.34 14.05 -0.76
C CYS A 379 41.58 13.34 -1.27
N ILE A 380 41.38 12.23 -1.99
CA ILE A 380 42.49 11.44 -2.49
C ILE A 380 43.11 12.06 -3.73
N LYS A 381 42.28 12.44 -4.71
CA LYS A 381 42.74 12.88 -6.02
C LYS A 381 42.74 14.36 -6.33
N GLY A 382 41.95 15.14 -5.59
CA GLY A 382 41.70 16.55 -5.87
C GLY A 382 40.44 16.62 -6.72
N LEU A 383 39.47 17.46 -6.34
CA LEU A 383 38.16 17.57 -7.02
C LEU A 383 38.25 17.72 -8.56
N PRO A 384 39.12 18.57 -9.15
CA PRO A 384 39.17 18.66 -10.63
C PRO A 384 39.64 17.39 -11.32
N ASN A 385 40.25 16.44 -10.58
CA ASN A 385 40.80 15.19 -11.12
C ASN A 385 39.88 13.98 -10.92
N VAL A 386 38.75 14.15 -10.20
CA VAL A 386 37.83 13.05 -9.93
C VAL A 386 37.03 12.73 -11.20
N GLN A 387 36.95 11.44 -11.53
CA GLN A 387 36.17 10.94 -12.67
C GLN A 387 34.99 10.17 -12.09
N ARG A 388 33.94 9.99 -12.88
CA ARG A 388 32.75 9.27 -12.41
C ARG A 388 33.07 7.80 -12.00
N SER A 389 34.17 7.23 -12.54
CA SER A 389 34.59 5.86 -12.22
C SER A 389 35.27 5.75 -10.85
N ASP A 390 35.52 6.90 -10.18
CA ASP A 390 36.19 6.95 -8.89
C ASP A 390 35.26 6.93 -7.69
N TYR A 391 33.95 7.10 -7.92
CA TYR A 391 33.03 7.19 -6.79
C TYR A 391 31.66 6.58 -7.10
N LEU A 392 30.82 6.47 -6.04
CA LEU A 392 29.45 5.94 -6.10
C LEU A 392 28.50 7.09 -5.86
N ASN A 393 27.34 7.11 -6.53
CA ASN A 393 26.36 8.17 -6.22
C ASN A 393 25.75 7.86 -4.82
N THR A 394 24.94 8.78 -4.29
CA THR A 394 24.41 8.64 -2.91
C THR A 394 23.69 7.32 -2.70
N PHE A 395 22.82 6.95 -3.63
CA PHE A 395 22.03 5.72 -3.53
C PHE A 395 22.92 4.48 -3.62
N GLU A 396 23.87 4.49 -4.58
CA GLU A 396 24.81 3.38 -4.78
C GLU A 396 25.65 3.15 -3.54
N PHE A 397 26.13 4.24 -2.94
CA PHE A 397 26.94 4.15 -1.73
C PHE A 397 26.11 3.59 -0.55
N MET A 398 24.89 4.11 -0.35
CA MET A 398 24.00 3.62 0.70
C MET A 398 23.69 2.11 0.52
N ASP A 399 23.49 1.69 -0.74
CA ASP A 399 23.22 0.27 -1.04
C ASP A 399 24.45 -0.60 -0.73
N LYS A 400 25.66 -0.10 -1.04
CA LYS A 400 26.90 -0.82 -0.75
C LYS A 400 27.06 -0.98 0.77
N LEU A 401 26.78 0.11 1.53
CA LEU A 401 26.85 0.04 2.99
C LEU A 401 25.83 -0.98 3.49
N GLY A 402 24.62 -0.93 2.95
CA GLY A 402 23.53 -1.84 3.32
C GLY A 402 23.91 -3.29 3.12
N GLU A 403 24.52 -3.57 1.96
CA GLU A 403 24.98 -4.93 1.60
C GLU A 403 26.06 -5.39 2.58
N ASN A 404 27.04 -4.53 2.87
CA ASN A 404 28.11 -4.88 3.81
C ASN A 404 27.60 -5.05 5.23
N LEU A 405 26.59 -4.24 5.62
CA LEU A 405 25.98 -4.36 6.95
C LEU A 405 25.24 -5.71 7.08
N LYS A 406 24.43 -6.05 6.08
CA LYS A 406 23.69 -7.34 6.05
C LYS A 406 24.67 -8.49 6.27
N ILE A 407 25.82 -8.45 5.57
CA ILE A 407 26.85 -9.48 5.66
C ILE A 407 27.43 -9.58 7.07
N LYS A 408 27.85 -8.41 7.63
CA LYS A 408 28.46 -8.37 8.96
C LYS A 408 27.51 -8.93 10.02
N LEU A 409 26.24 -8.55 9.96
CA LEU A 409 25.25 -8.99 10.94
C LEU A 409 24.88 -10.46 10.75
N ALA A 410 24.79 -10.93 9.48
CA ALA A 410 24.45 -12.33 9.14
C ALA A 410 25.49 -13.27 9.69
N GLN A 411 26.76 -12.93 9.46
CA GLN A 411 27.88 -13.75 9.91
C GLN A 411 27.98 -13.82 11.41
N ALA A 412 27.69 -12.69 12.10
CA ALA A 412 27.73 -12.65 13.56
C ALA A 412 26.61 -13.52 14.14
N LYS A 413 25.41 -13.51 13.50
CA LYS A 413 24.25 -14.30 13.94
C LYS A 413 24.61 -15.78 13.84
N LEU A 414 25.24 -16.18 12.72
CA LEU A 414 25.69 -17.55 12.48
C LEU A 414 26.77 -18.00 13.49
N SER A 415 27.62 -17.07 13.97
CA SER A 415 28.69 -17.34 14.94
C SER A 415 28.17 -17.73 16.36
N LEU A 416 26.96 -17.27 16.72
CA LEU A 416 26.27 -17.52 17.99
C LEU A 416 25.74 -18.93 18.01
N GLU A 417 24.88 -19.25 17.00
CA GLU A 417 24.21 -20.54 16.78
C GLU A 417 25.18 -21.72 16.78
N HIS A 418 26.43 -21.49 16.29
CA HIS A 418 27.49 -22.48 16.24
C HIS A 418 28.09 -22.69 17.65
N HIS A 419 28.33 -21.58 18.39
CA HIS A 419 28.91 -21.62 19.74
C HIS A 419 27.83 -21.54 20.83
N LYS B 3 8.05 26.12 -34.45
CA LYS B 3 6.69 26.11 -35.01
C LYS B 3 5.78 25.05 -34.33
N LYS B 4 6.36 24.19 -33.50
CA LYS B 4 5.54 23.18 -32.81
C LYS B 4 4.82 23.81 -31.62
N ILE B 5 3.77 23.14 -31.11
CA ILE B 5 3.05 23.59 -29.91
C ILE B 5 4.01 23.50 -28.73
N SER B 6 4.08 24.54 -27.89
CA SER B 6 4.92 24.51 -26.70
C SER B 6 4.12 23.71 -25.68
N GLY B 7 4.58 22.49 -25.41
CA GLY B 7 3.88 21.55 -24.53
C GLY B 7 4.08 21.69 -23.03
N GLY B 8 5.21 22.21 -22.62
CA GLY B 8 5.48 22.32 -21.18
C GLY B 8 6.09 21.07 -20.59
N SER B 9 6.08 20.96 -19.26
CA SER B 9 6.77 19.89 -18.53
C SER B 9 5.92 18.66 -18.34
N VAL B 10 6.46 17.50 -18.75
CA VAL B 10 5.75 16.19 -18.65
C VAL B 10 6.76 15.15 -18.19
N VAL B 11 6.33 14.28 -17.25
CA VAL B 11 7.16 13.19 -16.78
C VAL B 11 6.71 11.96 -17.55
N GLU B 12 7.62 11.29 -18.23
CA GLU B 12 7.23 10.06 -18.95
C GLU B 12 7.93 8.90 -18.31
N MET B 13 7.22 7.76 -18.24
CA MET B 13 7.80 6.55 -17.67
C MET B 13 7.76 5.48 -18.72
N GLN B 14 8.94 5.06 -19.20
CA GLN B 14 9.08 4.02 -20.20
C GLN B 14 8.82 2.67 -19.58
N GLY B 15 8.31 1.75 -20.38
CA GLY B 15 7.87 0.47 -19.86
C GLY B 15 8.54 -0.74 -20.46
N ASP B 16 7.76 -1.82 -20.63
CA ASP B 16 8.30 -3.11 -21.05
C ASP B 16 7.72 -3.75 -22.30
N GLU B 17 8.50 -4.70 -22.87
CA GLU B 17 8.09 -5.59 -23.97
C GLU B 17 7.38 -4.87 -25.12
N MET B 18 6.21 -5.38 -25.60
CA MET B 18 5.58 -4.77 -26.79
C MET B 18 5.16 -3.33 -26.58
N THR B 19 4.65 -3.00 -25.40
CA THR B 19 4.20 -1.63 -25.09
C THR B 19 5.38 -0.66 -25.14
N ARG B 20 6.60 -1.10 -24.77
CA ARG B 20 7.80 -0.26 -24.84
C ARG B 20 8.05 0.16 -26.31
N ILE B 21 7.94 -0.81 -27.23
CA ILE B 21 8.15 -0.58 -28.67
C ILE B 21 7.10 0.43 -29.21
N ILE B 22 5.82 0.18 -28.88
CA ILE B 22 4.72 1.04 -29.29
C ILE B 22 4.84 2.46 -28.73
N TRP B 23 5.29 2.58 -27.46
CA TRP B 23 5.44 3.87 -26.80
C TRP B 23 6.37 4.78 -27.62
N GLU B 24 7.50 4.23 -28.09
CA GLU B 24 8.47 4.95 -28.89
C GLU B 24 7.87 5.37 -30.24
N LEU B 25 7.06 4.49 -30.86
CA LEU B 25 6.38 4.80 -32.13
C LEU B 25 5.39 5.95 -31.94
N ILE B 26 4.64 5.94 -30.83
CA ILE B 26 3.70 7.03 -30.55
C ILE B 26 4.42 8.38 -30.45
N LYS B 27 5.53 8.43 -29.70
CA LYS B 27 6.28 9.68 -29.55
C LYS B 27 6.81 10.16 -30.90
N GLU B 28 7.38 9.23 -31.68
CA GLU B 28 8.01 9.58 -32.95
C GLU B 28 7.04 10.00 -34.01
N LYS B 29 5.89 9.32 -34.10
CA LYS B 29 4.92 9.58 -35.15
C LYS B 29 3.79 10.51 -34.80
N LEU B 30 3.33 10.51 -33.54
CA LEU B 30 2.13 11.27 -33.18
C LEU B 30 2.35 12.47 -32.28
N ILE B 31 3.37 12.45 -31.43
CA ILE B 31 3.58 13.54 -30.47
C ILE B 31 4.65 14.53 -30.93
N PHE B 32 5.90 14.04 -31.04
CA PHE B 32 7.07 14.87 -31.34
C PHE B 32 6.95 15.70 -32.64
N PRO B 33 6.29 15.26 -33.73
CA PRO B 33 6.22 16.15 -34.92
C PRO B 33 5.36 17.39 -34.70
N TYR B 34 4.52 17.40 -33.62
CA TYR B 34 3.57 18.49 -33.39
C TYR B 34 3.75 19.26 -32.09
N VAL B 35 4.40 18.63 -31.09
CA VAL B 35 4.51 19.21 -29.76
C VAL B 35 5.94 19.15 -29.28
N GLU B 36 6.46 20.26 -28.77
CA GLU B 36 7.79 20.36 -28.19
C GLU B 36 7.59 20.28 -26.68
N LEU B 37 8.19 19.27 -26.04
CA LEU B 37 8.00 19.11 -24.61
C LEU B 37 9.28 19.27 -23.81
N ASP B 38 9.13 19.67 -22.53
CA ASP B 38 10.21 19.64 -21.55
C ASP B 38 9.95 18.26 -20.89
N LEU B 39 10.49 17.22 -21.49
CA LEU B 39 10.22 15.84 -21.11
C LEU B 39 11.21 15.32 -20.08
N HIS B 40 10.69 14.87 -18.94
CA HIS B 40 11.52 14.31 -17.86
C HIS B 40 11.31 12.80 -17.97
N SER B 41 12.29 12.09 -18.56
CA SER B 41 12.15 10.66 -18.85
C SER B 41 12.75 9.75 -17.81
N TYR B 42 11.96 8.74 -17.38
CA TYR B 42 12.40 7.75 -16.40
C TYR B 42 12.19 6.39 -17.04
N ASP B 43 13.23 5.59 -17.06
CA ASP B 43 13.12 4.28 -17.66
C ASP B 43 12.69 3.28 -16.60
N LEU B 44 11.38 2.91 -16.65
CA LEU B 44 10.81 1.94 -15.73
C LEU B 44 10.79 0.53 -16.38
N GLY B 45 11.64 0.31 -17.37
CA GLY B 45 11.83 -1.04 -17.91
C GLY B 45 12.36 -1.90 -16.77
N ILE B 46 11.98 -3.18 -16.77
CA ILE B 46 12.36 -4.11 -15.69
C ILE B 46 13.90 -4.15 -15.45
N GLU B 47 14.69 -4.07 -16.54
CA GLU B 47 16.17 -4.10 -16.42
C GLU B 47 16.69 -2.88 -15.67
N ASN B 48 16.10 -1.69 -15.93
CA ASN B 48 16.56 -0.47 -15.25
C ASN B 48 16.05 -0.41 -13.83
N ARG B 49 14.83 -0.95 -13.58
CA ARG B 49 14.39 -1.01 -12.18
C ARG B 49 15.32 -1.94 -11.41
N ASP B 50 15.73 -3.05 -12.02
CA ASP B 50 16.64 -3.97 -11.34
C ASP B 50 18.01 -3.32 -11.08
N ALA B 51 18.56 -2.64 -12.10
CA ALA B 51 19.86 -1.96 -11.98
C ALA B 51 19.90 -0.88 -10.89
N THR B 52 18.78 -0.18 -10.66
CA THR B 52 18.69 0.92 -9.68
C THR B 52 18.05 0.47 -8.36
N ASN B 53 17.83 -0.85 -8.19
CA ASN B 53 17.19 -1.39 -6.97
C ASN B 53 15.83 -0.74 -6.74
N ASP B 54 15.12 -0.49 -7.88
CA ASP B 54 13.78 0.10 -7.95
C ASP B 54 13.74 1.59 -7.56
N GLN B 55 14.91 2.24 -7.38
CA GLN B 55 14.90 3.66 -7.02
C GLN B 55 14.33 4.52 -8.16
N VAL B 56 14.52 4.10 -9.43
CA VAL B 56 14.03 4.87 -10.57
C VAL B 56 12.49 5.09 -10.46
N THR B 57 11.79 4.08 -9.93
CA THR B 57 10.33 4.16 -9.76
C THR B 57 9.95 5.28 -8.76
N LYS B 58 10.66 5.33 -7.60
CA LYS B 58 10.45 6.36 -6.59
C LYS B 58 10.84 7.73 -7.15
N ASP B 59 11.95 7.81 -7.92
CA ASP B 59 12.37 9.08 -8.53
C ASP B 59 11.30 9.60 -9.49
N ALA B 60 10.70 8.69 -10.30
CA ALA B 60 9.64 9.09 -11.23
C ALA B 60 8.44 9.65 -10.46
N ALA B 61 8.02 8.98 -9.37
CA ALA B 61 6.91 9.46 -8.55
C ALA B 61 7.19 10.85 -7.98
N GLU B 62 8.42 11.08 -7.52
CA GLU B 62 8.82 12.41 -6.99
C GLU B 62 8.79 13.47 -8.10
N ALA B 63 9.17 13.10 -9.33
CA ALA B 63 9.13 14.01 -10.48
C ALA B 63 7.70 14.38 -10.83
N ILE B 64 6.75 13.43 -10.71
CA ILE B 64 5.35 13.73 -10.97
C ILE B 64 4.85 14.76 -9.93
N LYS B 65 5.23 14.63 -8.65
CA LYS B 65 4.81 15.59 -7.61
C LYS B 65 5.29 16.99 -7.98
N LYS B 66 6.51 17.07 -8.55
CA LYS B 66 7.13 18.34 -8.94
C LYS B 66 6.46 18.96 -10.18
N HIS B 67 6.30 18.18 -11.27
CA HIS B 67 5.81 18.71 -12.54
C HIS B 67 4.29 18.58 -12.75
N ASN B 68 3.60 17.81 -11.90
CA ASN B 68 2.13 17.64 -11.85
C ASN B 68 1.53 16.76 -12.96
N VAL B 69 2.31 16.33 -13.94
CA VAL B 69 1.78 15.47 -15.00
C VAL B 69 2.74 14.33 -15.32
N GLY B 70 2.21 13.12 -15.25
CA GLY B 70 2.96 11.92 -15.62
C GLY B 70 2.20 11.10 -16.62
N VAL B 71 2.92 10.47 -17.56
CA VAL B 71 2.36 9.56 -18.60
C VAL B 71 3.16 8.27 -18.51
N LYS B 72 2.51 7.14 -18.21
CA LYS B 72 3.21 5.90 -17.96
C LYS B 72 2.84 4.78 -18.91
N CYS B 73 3.89 4.11 -19.42
CA CYS B 73 3.81 2.93 -20.28
C CYS B 73 3.57 1.70 -19.40
N ALA B 74 2.91 0.67 -19.95
CA ALA B 74 2.70 -0.59 -19.21
C ALA B 74 4.05 -1.22 -18.84
N THR B 75 4.13 -1.75 -17.62
CA THR B 75 5.35 -2.39 -17.08
C THR B 75 5.07 -3.81 -16.60
N ILE B 76 6.15 -4.59 -16.44
CA ILE B 76 6.08 -5.93 -15.87
C ILE B 76 6.18 -5.81 -14.34
N THR B 77 5.30 -6.50 -13.60
CA THR B 77 5.44 -6.67 -12.14
C THR B 77 5.94 -8.12 -12.03
N PRO B 78 7.19 -8.32 -11.60
CA PRO B 78 7.77 -9.67 -11.70
C PRO B 78 7.35 -10.66 -10.66
N ASP B 79 7.13 -11.89 -11.09
CA ASP B 79 6.94 -12.99 -10.19
C ASP B 79 8.17 -13.90 -10.41
N GLU B 80 8.11 -15.15 -9.92
CA GLU B 80 9.23 -16.10 -9.99
C GLU B 80 9.76 -16.34 -11.42
N LYS B 81 8.87 -16.54 -12.42
CA LYS B 81 9.32 -16.77 -13.79
C LYS B 81 10.09 -15.55 -14.38
N ARG B 82 9.65 -14.33 -14.02
CA ARG B 82 10.34 -13.11 -14.51
C ARG B 82 11.72 -12.95 -13.88
N VAL B 83 11.86 -13.40 -12.61
CA VAL B 83 13.20 -13.36 -11.94
C VAL B 83 14.16 -14.24 -12.74
N GLU B 84 13.72 -15.44 -13.17
CA GLU B 84 14.56 -16.33 -13.97
C GLU B 84 14.85 -15.72 -15.35
N GLU B 85 13.79 -15.20 -16.01
CA GLU B 85 13.95 -14.62 -17.34
C GLU B 85 14.89 -13.41 -17.38
N PHE B 86 14.74 -12.46 -16.47
CA PHE B 86 15.55 -11.24 -16.48
C PHE B 86 16.72 -11.25 -15.53
N LYS B 87 16.99 -12.39 -14.87
CA LYS B 87 18.10 -12.54 -13.92
C LYS B 87 18.03 -11.41 -12.87
N LEU B 88 16.84 -11.27 -12.25
CA LEU B 88 16.60 -10.19 -11.28
C LEU B 88 17.24 -10.44 -9.91
N LYS B 89 17.48 -9.35 -9.15
CA LYS B 89 18.05 -9.46 -7.81
C LYS B 89 16.99 -9.87 -6.80
N GLN B 90 15.73 -9.43 -7.03
CA GLN B 90 14.59 -9.61 -6.15
C GLN B 90 13.30 -9.63 -6.99
N MET B 91 12.18 -10.07 -6.37
CA MET B 91 10.89 -9.99 -7.03
C MET B 91 10.39 -8.59 -6.70
N TRP B 92 10.76 -7.61 -7.55
CA TRP B 92 10.37 -6.22 -7.30
C TRP B 92 8.86 -6.04 -7.22
N LYS B 93 8.46 -5.08 -6.41
CA LYS B 93 7.03 -4.79 -6.22
C LYS B 93 6.51 -4.03 -7.42
N SER B 94 5.19 -4.10 -7.61
CA SER B 94 4.54 -3.38 -8.69
C SER B 94 4.95 -1.88 -8.72
N PRO B 95 5.49 -1.38 -9.85
CA PRO B 95 5.79 0.08 -9.93
C PRO B 95 4.53 0.93 -9.90
N ASN B 96 3.36 0.38 -10.36
CA ASN B 96 2.10 1.14 -10.30
C ASN B 96 1.71 1.29 -8.84
N GLY B 97 1.83 0.21 -8.07
CA GLY B 97 1.58 0.28 -6.63
C GLY B 97 2.47 1.30 -5.96
N THR B 98 3.79 1.29 -6.28
CA THR B 98 4.74 2.23 -5.67
C THR B 98 4.37 3.69 -5.97
N ILE B 99 4.10 4.00 -7.26
CA ILE B 99 3.74 5.36 -7.67
C ILE B 99 2.43 5.80 -6.99
N ARG B 100 1.40 4.94 -7.06
CA ARG B 100 0.10 5.25 -6.47
C ARG B 100 0.18 5.45 -4.97
N ASN B 101 1.01 4.66 -4.28
CA ASN B 101 1.10 4.80 -2.84
C ASN B 101 1.81 6.08 -2.44
N ILE B 102 2.72 6.58 -3.31
CA ILE B 102 3.42 7.85 -3.07
C ILE B 102 2.50 9.04 -3.35
N LEU B 103 1.78 9.00 -4.47
CA LEU B 103 0.95 10.13 -4.88
C LEU B 103 -0.42 10.17 -4.21
N GLY B 104 -1.00 9.00 -3.98
CA GLY B 104 -2.36 8.84 -3.46
C GLY B 104 -3.38 9.26 -4.50
N GLY B 105 -4.65 9.14 -4.14
CA GLY B 105 -5.72 9.57 -5.01
C GLY B 105 -6.63 8.47 -5.46
N THR B 106 -7.28 8.71 -6.58
CA THR B 106 -8.27 7.83 -7.17
C THR B 106 -7.93 7.65 -8.64
N VAL B 107 -7.96 6.41 -9.11
CA VAL B 107 -7.73 6.10 -10.51
C VAL B 107 -9.09 6.01 -11.21
N PHE B 108 -9.36 6.93 -12.12
CA PHE B 108 -10.62 6.93 -12.87
C PHE B 108 -10.45 6.19 -14.18
N ARG B 109 -11.29 5.18 -14.39
CA ARG B 109 -11.19 4.30 -15.55
C ARG B 109 -12.50 4.26 -16.32
N GLU B 110 -12.42 4.30 -17.64
CA GLU B 110 -13.61 4.32 -18.48
C GLU B 110 -13.28 3.72 -19.83
N ALA B 111 -14.25 3.03 -20.46
CA ALA B 111 -14.00 2.43 -21.77
C ALA B 111 -13.80 3.50 -22.86
N ILE B 112 -13.01 3.14 -23.89
CA ILE B 112 -12.81 3.98 -25.08
C ILE B 112 -13.73 3.33 -26.11
N ILE B 113 -14.85 4.01 -26.44
CA ILE B 113 -15.90 3.45 -27.31
C ILE B 113 -15.74 3.79 -28.77
N CYS B 114 -15.82 2.73 -29.61
CA CYS B 114 -15.88 2.83 -31.09
C CYS B 114 -17.19 2.19 -31.46
N LYS B 115 -17.94 2.84 -32.34
CA LYS B 115 -19.27 2.38 -32.78
C LYS B 115 -19.29 1.02 -33.45
N ASN B 116 -18.19 0.61 -34.09
CA ASN B 116 -18.10 -0.67 -34.80
C ASN B 116 -17.49 -1.82 -33.97
N ILE B 117 -17.09 -1.56 -32.70
CA ILE B 117 -16.49 -2.58 -31.82
C ILE B 117 -17.63 -2.99 -30.90
N PRO B 118 -18.19 -4.21 -31.11
CA PRO B 118 -19.39 -4.60 -30.35
C PRO B 118 -19.19 -4.83 -28.87
N ARG B 119 -20.21 -4.47 -28.10
CA ARG B 119 -20.15 -4.74 -26.66
C ARG B 119 -20.48 -6.19 -26.43
N LEU B 120 -19.99 -6.74 -25.30
CA LEU B 120 -20.30 -8.12 -24.91
C LEU B 120 -21.51 -8.11 -23.97
N VAL B 121 -21.80 -6.95 -23.37
CA VAL B 121 -22.97 -6.75 -22.51
C VAL B 121 -23.87 -5.78 -23.31
N SER B 122 -24.90 -6.31 -23.98
CA SER B 122 -25.80 -5.54 -24.85
C SER B 122 -26.49 -4.33 -24.19
N GLY B 123 -26.85 -4.45 -22.91
CA GLY B 123 -27.52 -3.37 -22.19
C GLY B 123 -26.75 -2.09 -21.94
N TRP B 124 -25.41 -2.13 -22.00
CA TRP B 124 -24.57 -0.97 -21.66
C TRP B 124 -24.52 0.13 -22.72
N VAL B 125 -25.56 0.96 -22.77
CA VAL B 125 -25.67 2.02 -23.78
C VAL B 125 -25.07 3.36 -23.32
N LYS B 126 -24.77 3.49 -22.02
CA LYS B 126 -24.14 4.68 -21.45
C LYS B 126 -22.85 4.23 -20.74
N PRO B 127 -21.86 5.12 -20.57
CA PRO B 127 -20.59 4.68 -19.93
C PRO B 127 -20.69 4.39 -18.44
N ILE B 128 -19.78 3.55 -17.96
CA ILE B 128 -19.64 3.26 -16.53
C ILE B 128 -18.24 3.78 -16.22
N ILE B 129 -18.12 4.64 -15.22
CA ILE B 129 -16.81 5.16 -14.83
C ILE B 129 -16.49 4.57 -13.47
N ILE B 130 -15.34 3.92 -13.36
CA ILE B 130 -14.93 3.39 -12.06
C ILE B 130 -13.93 4.35 -11.44
N GLY B 131 -14.14 4.69 -10.16
CA GLY B 131 -13.17 5.47 -9.39
C GLY B 131 -12.53 4.48 -8.43
N ARG B 132 -11.33 4.01 -8.76
CA ARG B 132 -10.60 3.01 -7.97
C ARG B 132 -9.74 3.72 -6.93
N HIS B 133 -9.97 3.46 -5.65
CA HIS B 133 -9.14 4.03 -4.59
C HIS B 133 -7.70 3.54 -4.84
N ALA B 134 -6.75 4.48 -4.95
CA ALA B 134 -5.40 4.10 -5.39
C ALA B 134 -4.43 3.75 -4.29
N TYR B 135 -4.85 3.81 -3.03
CA TYR B 135 -3.95 3.65 -1.92
C TYR B 135 -4.28 2.47 -1.03
N GLY B 136 -3.23 1.83 -0.50
CA GLY B 136 -3.37 0.83 0.55
C GLY B 136 -4.03 -0.48 0.19
N ASP B 137 -4.65 -1.09 1.20
CA ASP B 137 -5.25 -2.42 1.11
C ASP B 137 -4.19 -3.43 0.60
N GLN B 138 -4.56 -4.32 -0.33
CA GLN B 138 -3.63 -5.36 -0.81
C GLN B 138 -2.35 -4.84 -1.43
N TYR B 139 -2.35 -3.60 -1.92
CA TYR B 139 -1.21 -3.01 -2.60
C TYR B 139 -0.15 -2.46 -1.66
N ARG B 140 -0.42 -2.48 -0.34
CA ARG B 140 0.61 -2.09 0.64
C ARG B 140 0.59 -3.07 1.81
N ALA B 141 0.23 -4.32 1.50
CA ALA B 141 0.09 -5.39 2.48
C ALA B 141 1.39 -6.04 2.87
N THR B 142 1.38 -6.70 4.01
CA THR B 142 2.54 -7.44 4.51
C THR B 142 2.07 -8.88 4.56
N ASP B 143 2.54 -9.72 3.62
CA ASP B 143 2.11 -11.12 3.54
C ASP B 143 3.30 -12.04 3.66
N PHE B 144 3.06 -13.24 4.22
CA PHE B 144 4.13 -14.18 4.42
C PHE B 144 3.62 -15.61 4.49
N VAL B 145 4.54 -16.54 4.25
CA VAL B 145 4.24 -17.97 4.37
C VAL B 145 4.41 -18.34 5.83
N VAL B 146 3.47 -19.11 6.37
CA VAL B 146 3.53 -19.63 7.74
C VAL B 146 4.13 -21.05 7.56
N PRO B 147 5.38 -21.26 8.00
CA PRO B 147 6.04 -22.54 7.67
C PRO B 147 5.56 -23.76 8.45
N GLY B 148 4.92 -23.53 9.57
CA GLY B 148 4.41 -24.62 10.39
C GLY B 148 3.61 -24.15 11.56
N PRO B 149 3.31 -25.07 12.49
CA PRO B 149 2.50 -24.70 13.68
C PRO B 149 3.01 -23.52 14.46
N GLY B 150 2.07 -22.75 14.98
CA GLY B 150 2.37 -21.55 15.72
C GLY B 150 1.28 -20.52 15.58
N LYS B 151 1.38 -19.44 16.34
CA LYS B 151 0.37 -18.39 16.36
C LYS B 151 0.71 -17.21 15.51
N VAL B 152 -0.29 -16.70 14.75
CA VAL B 152 -0.17 -15.45 14.02
C VAL B 152 -1.07 -14.47 14.78
N GLU B 153 -0.49 -13.34 15.21
CA GLU B 153 -1.22 -12.31 15.95
C GLU B 153 -1.04 -10.99 15.27
N ILE B 154 -2.01 -10.11 15.42
CA ILE B 154 -1.90 -8.73 14.89
C ILE B 154 -2.10 -7.80 16.08
N THR B 155 -1.21 -6.79 16.20
CA THR B 155 -1.28 -5.91 17.38
C THR B 155 -1.32 -4.47 17.01
N TYR B 156 -1.99 -3.68 17.85
CA TYR B 156 -2.05 -2.24 17.67
C TYR B 156 -1.59 -1.60 18.94
N THR B 157 -0.58 -0.70 18.84
CA THR B 157 -0.03 0.01 19.99
C THR B 157 -0.15 1.51 19.75
N PRO B 158 -1.09 2.21 20.42
CA PRO B 158 -1.16 3.67 20.28
C PRO B 158 0.19 4.33 20.61
N SER B 159 0.53 5.42 19.92
CA SER B 159 1.82 6.09 20.12
C SER B 159 2.06 6.63 21.54
N ASP B 160 0.99 6.94 22.30
CA ASP B 160 1.14 7.42 23.70
C ASP B 160 1.71 6.36 24.67
N GLY B 161 1.68 5.08 24.26
CA GLY B 161 2.23 3.97 25.05
C GLY B 161 1.40 3.55 26.24
N THR B 162 0.13 3.97 26.28
CA THR B 162 -0.73 3.67 27.43
C THR B 162 -1.66 2.44 27.24
N GLN B 163 -1.65 1.81 26.04
CA GLN B 163 -2.46 0.61 25.81
C GLN B 163 -1.93 -0.21 24.65
N LYS B 164 -2.37 -1.48 24.55
CA LYS B 164 -1.96 -2.38 23.46
C LYS B 164 -3.10 -3.36 23.24
N VAL B 165 -3.42 -3.65 22.00
CA VAL B 165 -4.46 -4.63 21.75
C VAL B 165 -3.78 -5.69 20.89
N THR B 166 -3.97 -6.97 21.26
CA THR B 166 -3.43 -8.07 20.49
C THR B 166 -4.59 -8.93 20.07
N TYR B 167 -4.70 -9.21 18.77
CA TYR B 167 -5.73 -10.09 18.24
C TYR B 167 -5.09 -11.36 17.71
N LEU B 168 -5.69 -12.51 18.00
CA LEU B 168 -5.21 -13.75 17.43
C LEU B 168 -5.79 -13.87 16.00
N VAL B 169 -4.92 -13.93 14.99
CA VAL B 169 -5.37 -14.13 13.61
C VAL B 169 -5.73 -15.61 13.46
N HIS B 170 -4.77 -16.49 13.82
CA HIS B 170 -4.99 -17.92 13.79
C HIS B 170 -3.89 -18.63 14.56
N ASN B 171 -4.28 -19.72 15.23
CA ASN B 171 -3.30 -20.61 15.87
C ASN B 171 -3.20 -21.82 14.94
N PHE B 172 -2.09 -21.92 14.19
CA PHE B 172 -1.88 -23.04 13.27
C PHE B 172 -1.49 -24.24 14.15
N GLU B 173 -2.38 -25.21 14.26
CA GLU B 173 -2.14 -26.38 15.13
C GLU B 173 -1.43 -27.52 14.42
N GLU B 174 -1.74 -27.70 13.14
CA GLU B 174 -1.15 -28.73 12.30
C GLU B 174 -0.84 -28.11 10.93
N GLY B 175 0.42 -28.16 10.55
CA GLY B 175 0.83 -27.62 9.27
C GLY B 175 0.91 -26.11 9.26
N GLY B 176 1.26 -25.58 8.11
CA GLY B 176 1.41 -24.14 7.94
C GLY B 176 0.34 -23.57 7.03
N GLY B 177 0.68 -22.48 6.39
CA GLY B 177 -0.26 -21.81 5.49
C GLY B 177 0.29 -20.46 5.13
N VAL B 178 -0.60 -19.45 5.13
CA VAL B 178 -0.21 -18.09 4.78
C VAL B 178 -0.92 -17.11 5.69
N ALA B 179 -0.37 -15.92 5.83
CA ALA B 179 -1.02 -14.87 6.60
C ALA B 179 -0.65 -13.52 6.07
N MET B 180 -1.46 -12.53 6.39
CA MET B 180 -1.17 -11.18 5.91
C MET B 180 -1.85 -10.14 6.75
N GLY B 181 -1.25 -8.96 6.75
CA GLY B 181 -1.82 -7.79 7.38
C GLY B 181 -1.94 -6.68 6.34
N MET B 182 -3.03 -5.91 6.41
CA MET B 182 -3.19 -4.77 5.50
C MET B 182 -3.91 -3.64 6.23
N TYR B 183 -3.90 -2.46 5.62
CA TYR B 183 -4.45 -1.30 6.29
C TYR B 183 -4.90 -0.26 5.28
N ASN B 184 -5.59 0.74 5.80
CA ASN B 184 -5.92 1.93 5.03
C ASN B 184 -5.95 3.13 5.99
N GLN B 185 -5.91 4.34 5.45
CA GLN B 185 -5.79 5.56 6.24
C GLN B 185 -7.05 6.42 6.08
N ASP B 186 -7.56 6.98 7.20
CA ASP B 186 -8.76 7.83 7.16
C ASP B 186 -8.65 8.96 6.15
N LYS B 187 -7.52 9.70 6.14
CA LYS B 187 -7.37 10.83 5.21
C LYS B 187 -7.48 10.37 3.76
N SER B 188 -6.86 9.21 3.43
CA SER B 188 -6.92 8.68 2.06
C SER B 188 -8.36 8.30 1.68
N ILE B 189 -9.09 7.67 2.62
CA ILE B 189 -10.51 7.32 2.36
C ILE B 189 -11.35 8.60 2.16
N GLU B 190 -11.11 9.63 3.00
CA GLU B 190 -11.84 10.90 2.85
C GLU B 190 -11.60 11.52 1.47
N ASP B 191 -10.32 11.52 1.01
CA ASP B 191 -9.95 12.05 -0.32
C ASP B 191 -10.65 11.23 -1.42
N PHE B 192 -10.71 9.90 -1.25
CA PHE B 192 -11.40 9.02 -2.18
C PHE B 192 -12.89 9.38 -2.26
N ALA B 193 -13.52 9.62 -1.10
CA ALA B 193 -14.94 10.01 -1.04
C ALA B 193 -15.16 11.32 -1.78
N HIS B 194 -14.36 12.36 -1.46
CA HIS B 194 -14.47 13.66 -2.14
C HIS B 194 -14.30 13.52 -3.65
N SER B 195 -13.28 12.78 -4.12
CA SER B 195 -13.08 12.60 -5.57
C SER B 195 -14.27 11.94 -6.26
N SER B 196 -14.88 10.95 -5.59
CA SER B 196 -16.01 10.21 -6.11
C SER B 196 -17.25 11.10 -6.24
N PHE B 197 -17.58 11.86 -5.19
CA PHE B 197 -18.75 12.76 -5.19
C PHE B 197 -18.57 13.86 -6.25
N GLN B 198 -17.36 14.40 -6.35
CA GLN B 198 -17.04 15.44 -7.35
C GLN B 198 -17.15 14.92 -8.77
N MET B 199 -16.70 13.66 -9.03
CA MET B 199 -16.82 13.04 -10.35
C MET B 199 -18.29 12.88 -10.73
N ALA B 200 -19.12 12.36 -9.80
CA ALA B 200 -20.55 12.15 -10.07
C ALA B 200 -21.22 13.50 -10.42
N LEU B 201 -20.91 14.56 -9.67
CA LEU B 201 -21.49 15.90 -9.94
C LEU B 201 -21.03 16.48 -11.28
N SER B 202 -19.76 16.23 -11.65
CA SER B 202 -19.18 16.67 -12.92
C SER B 202 -19.89 16.02 -14.11
N LYS B 203 -20.28 14.74 -13.98
CA LYS B 203 -20.95 13.97 -15.03
C LYS B 203 -22.45 14.06 -14.99
N GLY B 204 -23.00 14.41 -13.83
CA GLY B 204 -24.44 14.46 -13.60
C GLY B 204 -25.01 13.05 -13.57
N TRP B 205 -24.24 12.10 -12.99
CA TRP B 205 -24.64 10.69 -12.86
C TRP B 205 -24.66 10.26 -11.40
N PRO B 206 -25.51 9.27 -11.03
CA PRO B 206 -25.47 8.77 -9.64
C PRO B 206 -24.15 8.07 -9.33
N LEU B 207 -23.89 7.90 -8.03
CA LEU B 207 -22.66 7.28 -7.52
C LEU B 207 -23.01 6.10 -6.65
N TYR B 208 -22.25 4.98 -6.82
CA TYR B 208 -22.41 3.82 -5.95
C TYR B 208 -21.06 3.50 -5.38
N LEU B 209 -20.99 3.21 -4.07
CA LEU B 209 -19.76 2.71 -3.43
C LEU B 209 -20.00 1.24 -3.15
N SER B 210 -19.03 0.36 -3.49
CA SER B 210 -19.18 -1.05 -3.13
C SER B 210 -18.20 -1.45 -1.98
N THR B 211 -18.68 -2.25 -1.03
CA THR B 211 -17.82 -2.79 0.04
C THR B 211 -18.41 -4.16 0.41
N LYS B 212 -17.77 -4.88 1.33
CA LYS B 212 -18.36 -6.09 1.88
C LYS B 212 -18.45 -5.86 3.42
N ASN B 213 -19.12 -4.76 3.84
CA ASN B 213 -19.20 -4.35 5.24
C ASN B 213 -19.98 -5.33 6.12
N THR B 214 -20.70 -6.29 5.53
CA THR B 214 -21.41 -7.33 6.33
C THR B 214 -20.40 -8.38 6.84
N ILE B 215 -19.24 -8.48 6.18
CA ILE B 215 -18.18 -9.43 6.52
C ILE B 215 -17.04 -8.72 7.24
N LEU B 216 -16.49 -7.65 6.64
CA LEU B 216 -15.43 -6.85 7.28
C LEU B 216 -16.15 -5.66 7.88
N LYS B 217 -16.82 -5.92 9.01
CA LYS B 217 -17.67 -4.92 9.65
C LYS B 217 -16.94 -3.65 10.05
N LYS B 218 -15.66 -3.76 10.47
CA LYS B 218 -14.90 -2.60 10.91
C LYS B 218 -14.15 -1.96 9.76
N TYR B 219 -13.41 -2.79 8.99
CA TYR B 219 -12.58 -2.30 7.87
C TYR B 219 -13.44 -1.67 6.78
N ASP B 220 -14.39 -2.44 6.21
CA ASP B 220 -15.26 -1.90 5.16
C ASP B 220 -16.32 -0.96 5.72
N GLY B 221 -16.74 -1.19 6.96
CA GLY B 221 -17.66 -0.28 7.65
C GLY B 221 -17.12 1.13 7.70
N ARG B 222 -15.78 1.29 7.82
CA ARG B 222 -15.15 2.61 7.87
C ARG B 222 -15.32 3.36 6.53
N PHE B 223 -15.12 2.66 5.40
CA PHE B 223 -15.31 3.28 4.10
C PHE B 223 -16.77 3.74 3.97
N LYS B 224 -17.71 2.84 4.33
CA LYS B 224 -19.15 3.14 4.23
C LYS B 224 -19.48 4.37 5.10
N ASP B 225 -18.99 4.41 6.33
CA ASP B 225 -19.24 5.53 7.26
C ASP B 225 -18.68 6.87 6.78
N ILE B 226 -17.41 6.88 6.31
CA ILE B 226 -16.75 8.10 5.83
C ILE B 226 -17.52 8.64 4.61
N PHE B 227 -17.86 7.77 3.65
CA PHE B 227 -18.61 8.22 2.48
C PHE B 227 -19.96 8.82 2.90
N GLN B 228 -20.71 8.13 3.78
CA GLN B 228 -22.04 8.61 4.19
C GLN B 228 -21.98 9.97 4.90
N GLU B 229 -21.00 10.15 5.79
CA GLU B 229 -20.82 11.38 6.57
C GLU B 229 -20.51 12.54 5.63
N ILE B 230 -19.59 12.32 4.66
CA ILE B 230 -19.20 13.36 3.70
C ILE B 230 -20.38 13.70 2.77
N TYR B 231 -21.15 12.69 2.33
CA TYR B 231 -22.33 12.91 1.49
C TYR B 231 -23.37 13.78 2.22
N ASP B 232 -23.76 13.36 3.44
CA ASP B 232 -24.77 14.05 4.24
C ASP B 232 -24.42 15.51 4.52
N LYS B 233 -23.15 15.77 4.86
CA LYS B 233 -22.69 17.10 5.25
C LYS B 233 -22.27 18.01 4.11
N GLN B 234 -21.77 17.46 3.00
CA GLN B 234 -21.19 18.31 1.98
C GLN B 234 -21.74 18.16 0.56
N TYR B 235 -22.42 17.06 0.21
CA TYR B 235 -22.83 16.89 -1.18
C TYR B 235 -24.30 16.57 -1.47
N LYS B 236 -25.06 16.08 -0.47
CA LYS B 236 -26.45 15.66 -0.67
C LYS B 236 -27.33 16.70 -1.39
N SER B 237 -27.28 17.98 -0.96
CA SER B 237 -28.09 19.02 -1.60
C SER B 237 -27.68 19.25 -3.07
N GLN B 238 -26.37 19.14 -3.37
CA GLN B 238 -25.85 19.26 -4.73
C GLN B 238 -26.33 18.10 -5.61
N PHE B 239 -26.34 16.85 -5.06
CA PHE B 239 -26.84 15.69 -5.77
C PHE B 239 -28.34 15.85 -6.04
N GLU B 240 -29.12 16.25 -5.01
CA GLU B 240 -30.56 16.43 -5.12
C GLU B 240 -30.91 17.48 -6.19
N ALA B 241 -30.14 18.58 -6.26
CA ALA B 241 -30.31 19.63 -7.26
C ALA B 241 -30.12 19.11 -8.70
N GLN B 242 -29.26 18.06 -8.89
CA GLN B 242 -29.01 17.46 -10.20
C GLN B 242 -29.84 16.20 -10.45
N LYS B 243 -30.75 15.85 -9.51
CA LYS B 243 -31.63 14.69 -9.58
C LYS B 243 -30.81 13.38 -9.63
N ILE B 244 -29.67 13.39 -8.93
CA ILE B 244 -28.82 12.21 -8.82
C ILE B 244 -28.78 11.78 -7.36
N TRP B 245 -28.13 10.65 -7.06
CA TRP B 245 -28.10 10.14 -5.70
C TRP B 245 -26.79 9.39 -5.47
N TYR B 246 -26.52 9.08 -4.21
CA TYR B 246 -25.38 8.26 -3.78
C TYR B 246 -25.97 7.11 -2.94
N GLU B 247 -25.53 5.87 -3.23
CA GLU B 247 -25.93 4.71 -2.43
C GLU B 247 -24.79 3.74 -2.25
N HIS B 248 -24.70 3.14 -1.06
CA HIS B 248 -23.74 2.07 -0.79
C HIS B 248 -24.36 0.77 -1.28
N ARG B 249 -23.53 -0.16 -1.78
CA ARG B 249 -24.01 -1.47 -2.20
C ARG B 249 -22.98 -2.51 -1.76
N LEU B 250 -23.43 -3.73 -1.44
CA LEU B 250 -22.47 -4.81 -1.17
C LEU B 250 -21.86 -5.17 -2.52
N ILE B 251 -20.56 -5.47 -2.55
CA ILE B 251 -19.82 -5.71 -3.81
C ILE B 251 -20.45 -6.80 -4.68
N ASP B 252 -20.89 -7.91 -4.07
CA ASP B 252 -21.48 -8.98 -4.87
C ASP B 252 -22.84 -8.53 -5.48
N ASP B 253 -23.63 -7.75 -4.73
CA ASP B 253 -24.87 -7.18 -5.29
C ASP B 253 -24.54 -6.14 -6.40
N MET B 254 -23.49 -5.35 -6.19
CA MET B 254 -23.08 -4.31 -7.14
C MET B 254 -22.63 -4.86 -8.48
N VAL B 255 -21.82 -5.95 -8.49
CA VAL B 255 -21.35 -6.48 -9.78
C VAL B 255 -22.54 -6.97 -10.61
N ALA B 256 -23.53 -7.57 -9.95
CA ALA B 256 -24.75 -8.04 -10.63
C ALA B 256 -25.58 -6.81 -11.10
N GLN B 257 -25.75 -5.79 -10.23
CA GLN B 257 -26.46 -4.57 -10.59
C GLN B 257 -25.80 -3.94 -11.83
N ALA B 258 -24.46 -3.86 -11.85
CA ALA B 258 -23.76 -3.25 -12.99
C ALA B 258 -24.02 -4.07 -14.27
N MET B 259 -23.92 -5.40 -14.20
CA MET B 259 -24.12 -6.32 -15.32
C MET B 259 -25.52 -6.11 -15.96
N LYS B 260 -26.54 -5.95 -15.12
CA LYS B 260 -27.97 -5.80 -15.50
C LYS B 260 -28.36 -4.36 -15.89
N SER B 261 -27.48 -3.39 -15.61
CA SER B 261 -27.75 -1.97 -15.82
C SER B 261 -27.65 -1.52 -17.27
N GLU B 262 -27.98 -0.26 -17.52
CA GLU B 262 -27.80 0.35 -18.84
C GLU B 262 -26.56 1.27 -18.83
N GLY B 263 -25.76 1.19 -17.77
CA GLY B 263 -24.62 2.08 -17.59
C GLY B 263 -25.07 3.44 -17.08
N GLY B 264 -24.20 4.45 -17.19
CA GLY B 264 -24.50 5.81 -16.79
C GLY B 264 -24.40 6.07 -15.30
N PHE B 265 -23.33 5.57 -14.66
CA PHE B 265 -23.14 5.83 -13.23
C PHE B 265 -21.65 5.81 -12.92
N ILE B 266 -21.30 6.38 -11.79
CA ILE B 266 -19.95 6.37 -11.23
C ILE B 266 -19.94 5.24 -10.22
N TRP B 267 -18.86 4.45 -10.23
CA TRP B 267 -18.74 3.31 -9.32
C TRP B 267 -17.45 3.47 -8.53
N ALA B 268 -17.57 3.82 -7.24
CA ALA B 268 -16.42 3.96 -6.35
C ALA B 268 -16.07 2.57 -5.86
N CYS B 269 -14.85 2.11 -6.17
CA CYS B 269 -14.32 0.79 -5.82
C CYS B 269 -13.14 0.94 -4.89
N LYS B 270 -13.03 0.03 -3.92
CA LYS B 270 -11.82 -0.09 -3.11
C LYS B 270 -10.71 -0.57 -4.11
N ASN B 271 -9.46 -0.42 -3.73
CA ASN B 271 -8.31 -0.70 -4.58
C ASN B 271 -8.37 -2.03 -5.35
N TYR B 272 -8.58 -3.14 -4.62
CA TYR B 272 -8.64 -4.47 -5.25
C TYR B 272 -9.84 -4.61 -6.21
N ASP B 273 -11.04 -4.23 -5.76
CA ASP B 273 -12.22 -4.30 -6.62
C ASP B 273 -12.08 -3.43 -7.86
N GLY B 274 -11.45 -2.27 -7.73
CA GLY B 274 -11.25 -1.35 -8.85
C GLY B 274 -10.40 -1.99 -9.90
N ASP B 275 -9.35 -2.73 -9.47
CA ASP B 275 -8.50 -3.47 -10.40
C ASP B 275 -9.34 -4.52 -11.16
N VAL B 276 -10.00 -5.41 -10.41
CA VAL B 276 -10.72 -6.52 -11.04
C VAL B 276 -11.89 -6.02 -11.88
N GLN B 277 -12.74 -5.19 -11.30
CA GLN B 277 -13.93 -4.75 -12.01
C GLN B 277 -13.65 -3.81 -13.20
N SER B 278 -12.59 -3.01 -13.17
CA SER B 278 -12.33 -2.16 -14.33
C SER B 278 -11.98 -3.05 -15.54
N ASP B 279 -11.33 -4.21 -15.31
CA ASP B 279 -11.01 -5.11 -16.41
C ASP B 279 -12.26 -5.84 -16.92
N SER B 280 -13.17 -6.22 -16.00
CA SER B 280 -14.45 -6.82 -16.37
C SER B 280 -15.26 -5.81 -17.21
N VAL B 281 -15.32 -4.55 -16.76
CA VAL B 281 -16.06 -3.49 -17.44
C VAL B 281 -15.44 -3.17 -18.82
N ALA B 282 -14.09 -3.03 -18.88
CA ALA B 282 -13.46 -2.76 -20.19
C ALA B 282 -13.80 -3.88 -21.18
N GLN B 283 -13.68 -5.13 -20.75
CA GLN B 283 -14.00 -6.26 -21.61
C GLN B 283 -15.48 -6.27 -22.02
N GLY B 284 -16.37 -5.92 -21.08
CA GLY B 284 -17.82 -5.86 -21.36
C GLY B 284 -18.17 -4.86 -22.45
N TYR B 285 -17.42 -3.74 -22.54
CA TYR B 285 -17.66 -2.74 -23.58
C TYR B 285 -17.06 -3.15 -24.92
N GLY B 286 -16.24 -4.19 -24.92
CA GLY B 286 -15.73 -4.73 -26.17
C GLY B 286 -14.29 -5.19 -26.20
N SER B 287 -13.40 -4.51 -25.45
CA SER B 287 -11.97 -4.85 -25.52
C SER B 287 -11.22 -4.43 -24.28
N LEU B 288 -10.40 -5.34 -23.72
CA LEU B 288 -9.58 -5.03 -22.54
C LEU B 288 -8.67 -3.85 -22.77
N GLY B 289 -8.11 -3.79 -23.99
CA GLY B 289 -7.19 -2.74 -24.42
C GLY B 289 -7.81 -1.39 -24.73
N MET B 290 -9.14 -1.24 -24.57
CA MET B 290 -9.79 0.04 -24.91
C MET B 290 -10.33 0.69 -23.64
N MET B 291 -9.42 1.23 -22.84
CA MET B 291 -9.81 1.84 -21.57
C MET B 291 -8.83 2.96 -21.21
N THR B 292 -9.35 4.08 -20.69
CA THR B 292 -8.50 5.14 -20.16
C THR B 292 -8.29 4.88 -18.66
N SER B 293 -7.17 5.37 -18.09
CA SER B 293 -6.89 5.16 -16.68
C SER B 293 -6.07 6.36 -16.21
N VAL B 294 -6.69 7.22 -15.39
CA VAL B 294 -6.00 8.43 -14.93
C VAL B 294 -6.06 8.54 -13.41
N LEU B 295 -4.88 8.58 -12.78
CA LEU B 295 -4.79 8.80 -11.34
C LEU B 295 -4.95 10.31 -11.10
N VAL B 296 -5.95 10.67 -10.29
CA VAL B 296 -6.24 12.07 -9.93
C VAL B 296 -5.85 12.22 -8.47
N CYS B 297 -4.80 13.00 -8.20
CA CYS B 297 -4.29 13.17 -6.86
C CYS B 297 -5.16 14.11 -6.00
N PRO B 298 -5.08 13.97 -4.64
CA PRO B 298 -5.95 14.78 -3.76
C PRO B 298 -5.68 16.30 -3.81
N ASP B 299 -4.49 16.74 -4.31
CA ASP B 299 -4.14 18.17 -4.40
C ASP B 299 -4.96 18.94 -5.45
N GLY B 300 -5.67 18.20 -6.32
CA GLY B 300 -6.46 18.76 -7.41
C GLY B 300 -5.62 19.42 -8.48
N LYS B 301 -4.35 18.99 -8.61
CA LYS B 301 -3.40 19.59 -9.55
C LYS B 301 -2.55 18.51 -10.25
N THR B 302 -2.29 17.39 -9.57
CA THR B 302 -1.40 16.36 -10.07
C THR B 302 -2.17 15.19 -10.65
N VAL B 303 -1.73 14.70 -11.82
CA VAL B 303 -2.33 13.50 -12.46
C VAL B 303 -1.22 12.58 -13.00
N GLU B 304 -1.55 11.29 -13.08
CA GLU B 304 -0.69 10.33 -13.76
C GLU B 304 -1.63 9.53 -14.69
N ALA B 305 -1.43 9.63 -16.01
CA ALA B 305 -2.23 8.84 -16.95
C ALA B 305 -1.43 7.63 -17.37
N GLU B 306 -2.09 6.47 -17.55
CA GLU B 306 -1.32 5.27 -17.88
C GLU B 306 -2.09 4.37 -18.84
N ALA B 307 -1.35 3.44 -19.48
CA ALA B 307 -1.95 2.35 -20.22
C ALA B 307 -2.02 1.24 -19.14
N ALA B 308 -3.24 0.91 -18.69
CA ALA B 308 -3.45 -0.05 -17.56
C ALA B 308 -3.44 -1.53 -17.95
N HIS B 309 -3.38 -1.86 -19.25
CA HIS B 309 -3.32 -3.23 -19.71
C HIS B 309 -1.91 -3.84 -19.59
N GLY B 310 -1.75 -5.07 -20.03
CA GLY B 310 -0.47 -5.75 -19.96
C GLY B 310 0.54 -5.30 -21.02
N THR B 311 1.71 -5.95 -21.01
CA THR B 311 2.80 -5.60 -21.93
C THR B 311 2.76 -6.40 -23.22
N VAL B 312 1.68 -7.18 -23.42
CA VAL B 312 1.43 -7.96 -24.67
C VAL B 312 2.60 -8.86 -25.00
N THR B 313 2.99 -9.71 -24.01
CA THR B 313 4.13 -10.62 -24.14
C THR B 313 4.02 -11.49 -25.40
N ARG B 314 2.81 -12.02 -25.72
CA ARG B 314 2.61 -12.89 -26.90
C ARG B 314 3.06 -12.20 -28.18
N HIS B 315 2.71 -10.91 -28.33
CA HIS B 315 3.17 -10.16 -29.50
C HIS B 315 4.66 -9.91 -29.43
N TYR B 316 5.19 -9.61 -28.21
CA TYR B 316 6.61 -9.34 -28.07
C TYR B 316 7.43 -10.56 -28.52
N ARG B 317 6.98 -11.80 -28.18
CA ARG B 317 7.66 -13.03 -28.57
C ARG B 317 7.68 -13.18 -30.09
N MET B 318 6.57 -12.78 -30.75
CA MET B 318 6.51 -12.81 -32.23
C MET B 318 7.51 -11.80 -32.81
N TYR B 319 7.51 -10.57 -32.26
CA TYR B 319 8.41 -9.48 -32.66
C TYR B 319 9.87 -9.93 -32.52
N GLN B 320 10.20 -10.66 -31.41
CA GLN B 320 11.56 -11.14 -31.14
C GLN B 320 12.03 -12.18 -32.18
N LYS B 321 11.07 -12.91 -32.77
CA LYS B 321 11.30 -13.93 -33.80
C LYS B 321 11.23 -13.35 -35.23
N GLY B 322 11.13 -12.01 -35.34
CA GLY B 322 11.05 -11.33 -36.62
C GLY B 322 9.74 -11.53 -37.37
N GLN B 323 8.67 -11.82 -36.61
CA GLN B 323 7.35 -12.05 -37.20
C GLN B 323 6.57 -10.74 -37.16
N GLU B 324 5.70 -10.54 -38.15
CA GLU B 324 4.85 -9.35 -38.22
C GLU B 324 3.85 -9.36 -37.04
N THR B 325 3.66 -8.18 -36.40
CA THR B 325 2.71 -8.01 -35.30
C THR B 325 1.73 -6.89 -35.59
N SER B 326 0.58 -6.94 -34.89
CA SER B 326 -0.48 -5.96 -35.05
C SER B 326 -1.06 -5.71 -33.66
N THR B 327 -0.48 -4.72 -32.93
CA THR B 327 -0.85 -4.46 -31.55
C THR B 327 -1.58 -3.14 -31.42
N ASN B 328 -2.72 -3.18 -30.69
CA ASN B 328 -3.57 -2.03 -30.46
C ASN B 328 -2.85 -0.96 -29.61
N PRO B 329 -2.54 0.23 -30.18
CA PRO B 329 -1.82 1.25 -29.40
C PRO B 329 -2.75 2.29 -28.74
N ILE B 330 -4.08 2.11 -28.87
CA ILE B 330 -5.02 3.16 -28.44
C ILE B 330 -4.90 3.51 -26.96
N ALA B 331 -4.83 2.52 -26.05
CA ALA B 331 -4.73 2.88 -24.62
C ALA B 331 -3.46 3.67 -24.33
N SER B 332 -2.36 3.33 -24.99
CA SER B 332 -1.08 4.03 -24.84
C SER B 332 -1.20 5.47 -25.40
N ILE B 333 -1.88 5.63 -26.54
CA ILE B 333 -2.11 6.97 -27.10
C ILE B 333 -2.95 7.82 -26.12
N PHE B 334 -4.03 7.23 -25.58
CA PHE B 334 -4.90 7.97 -24.65
C PHE B 334 -4.18 8.30 -23.32
N ALA B 335 -3.13 7.54 -22.92
CA ALA B 335 -2.35 7.92 -21.72
C ALA B 335 -1.71 9.29 -22.06
N TRP B 336 -1.11 9.40 -23.26
CA TRP B 336 -0.49 10.67 -23.70
C TRP B 336 -1.55 11.79 -23.82
N THR B 337 -2.66 11.53 -24.49
CA THR B 337 -3.67 12.59 -24.68
C THR B 337 -4.30 13.02 -23.37
N ARG B 338 -4.54 12.09 -22.43
CA ARG B 338 -5.09 12.49 -21.14
C ARG B 338 -4.08 13.31 -20.32
N GLY B 339 -2.80 12.91 -20.37
CA GLY B 339 -1.75 13.65 -19.68
C GLY B 339 -1.59 15.05 -20.28
N LEU B 340 -1.52 15.12 -21.61
CA LEU B 340 -1.39 16.41 -22.31
C LEU B 340 -2.60 17.33 -22.11
N ALA B 341 -3.82 16.76 -22.03
CA ALA B 341 -5.03 17.58 -21.78
C ALA B 341 -4.94 18.22 -20.40
N HIS B 342 -4.42 17.47 -19.38
CA HIS B 342 -4.27 18.03 -18.04
C HIS B 342 -3.20 19.09 -18.02
N ARG B 343 -2.06 18.82 -18.68
CA ARG B 343 -0.96 19.77 -18.81
C ARG B 343 -1.54 21.10 -19.39
N ALA B 344 -2.38 21.00 -20.43
CA ALA B 344 -2.99 22.15 -21.09
C ALA B 344 -3.93 22.92 -20.17
N LYS B 345 -4.69 22.19 -19.32
CA LYS B 345 -5.61 22.78 -18.35
C LYS B 345 -4.82 23.57 -17.32
N LEU B 346 -3.71 23.00 -16.81
CA LEU B 346 -2.85 23.67 -15.83
C LEU B 346 -2.20 24.94 -16.38
N ASP B 347 -1.80 24.90 -17.66
CA ASP B 347 -1.08 25.99 -18.29
C ASP B 347 -1.95 26.96 -19.12
N ASN B 348 -3.28 26.73 -19.18
CA ASN B 348 -4.25 27.49 -20.00
C ASN B 348 -3.72 27.56 -21.45
N ASN B 349 -3.32 26.39 -21.96
CA ASN B 349 -2.71 26.23 -23.27
C ASN B 349 -3.75 25.70 -24.24
N LYS B 350 -4.40 26.62 -24.97
CA LYS B 350 -5.48 26.25 -25.89
C LYS B 350 -5.04 25.33 -27.03
N GLU B 351 -3.84 25.60 -27.57
CA GLU B 351 -3.30 24.84 -28.71
C GLU B 351 -3.04 23.40 -28.28
N LEU B 352 -2.50 23.22 -27.05
CA LEU B 352 -2.23 21.86 -26.55
C LEU B 352 -3.52 21.13 -26.25
N ALA B 353 -4.52 21.82 -25.65
CA ALA B 353 -5.83 21.22 -25.35
C ALA B 353 -6.50 20.77 -26.66
N PHE B 354 -6.40 21.61 -27.72
CA PHE B 354 -6.97 21.26 -29.02
C PHE B 354 -6.29 20.01 -29.56
N PHE B 355 -4.95 19.97 -29.51
CA PHE B 355 -4.16 18.86 -30.02
C PHE B 355 -4.53 17.54 -29.32
N ALA B 356 -4.59 17.57 -27.99
CA ALA B 356 -4.90 16.33 -27.22
C ALA B 356 -6.26 15.76 -27.61
N ASN B 357 -7.29 16.63 -27.71
CA ASN B 357 -8.61 16.20 -28.11
C ASN B 357 -8.63 15.71 -29.56
N ALA B 358 -7.91 16.39 -30.46
CA ALA B 358 -7.85 16.02 -31.89
C ALA B 358 -7.28 14.64 -32.08
N LEU B 359 -6.20 14.30 -31.34
CA LEU B 359 -5.59 12.97 -31.45
C LEU B 359 -6.57 11.87 -30.96
N GLU B 360 -7.36 12.15 -29.89
CA GLU B 360 -8.36 11.18 -29.45
C GLU B 360 -9.41 10.99 -30.55
N GLU B 361 -9.88 12.11 -31.15
CA GLU B 361 -10.87 12.05 -32.24
C GLU B 361 -10.35 11.24 -33.42
N VAL B 362 -9.10 11.51 -33.86
CA VAL B 362 -8.45 10.81 -34.97
C VAL B 362 -8.41 9.31 -34.72
N SER B 363 -8.03 8.92 -33.50
CA SER B 363 -7.91 7.51 -33.13
C SER B 363 -9.24 6.78 -33.32
N ILE B 364 -10.32 7.35 -32.77
CA ILE B 364 -11.66 6.75 -32.85
C ILE B 364 -12.17 6.78 -34.30
N GLU B 365 -12.02 7.92 -34.99
CA GLU B 365 -12.45 8.05 -36.39
C GLU B 365 -11.77 7.03 -37.30
N THR B 366 -10.46 6.77 -37.05
CA THR B 366 -9.70 5.83 -37.87
C THR B 366 -10.27 4.40 -37.73
N ILE B 367 -10.49 3.95 -36.48
CA ILE B 367 -11.05 2.62 -36.25
C ILE B 367 -12.47 2.54 -36.82
N GLU B 368 -13.27 3.59 -36.61
CA GLU B 368 -14.67 3.63 -37.09
C GLU B 368 -14.76 3.60 -38.62
N ALA B 369 -13.69 4.08 -39.30
CA ALA B 369 -13.57 4.03 -40.76
C ALA B 369 -13.15 2.64 -41.26
N GLY B 370 -12.88 1.71 -40.34
CA GLY B 370 -12.53 0.33 -40.66
C GLY B 370 -11.04 0.01 -40.71
N PHE B 371 -10.18 0.93 -40.24
CA PHE B 371 -8.74 0.71 -40.23
C PHE B 371 -8.37 0.39 -38.79
N MET B 372 -7.87 -0.81 -38.54
CA MET B 372 -7.59 -1.23 -37.16
C MET B 372 -6.57 -2.36 -37.12
N THR B 373 -6.13 -2.69 -35.91
CA THR B 373 -5.17 -3.77 -35.68
C THR B 373 -5.91 -5.11 -35.57
N LYS B 374 -5.16 -6.22 -35.66
CA LYS B 374 -5.72 -7.58 -35.66
C LYS B 374 -6.63 -7.85 -34.47
N ASP B 375 -6.19 -7.44 -33.26
CA ASP B 375 -6.96 -7.63 -32.03
C ASP B 375 -8.34 -6.99 -32.13
N LEU B 376 -8.42 -5.77 -32.71
CA LEU B 376 -9.71 -5.10 -32.89
C LEU B 376 -10.54 -5.76 -33.98
N ALA B 377 -9.91 -6.18 -35.09
CA ALA B 377 -10.63 -6.89 -36.18
C ALA B 377 -11.21 -8.21 -35.63
N ALA B 378 -10.50 -8.85 -34.67
CA ALA B 378 -10.95 -10.08 -34.00
C ALA B 378 -12.22 -9.82 -33.16
N CYS B 379 -12.43 -8.59 -32.64
CA CYS B 379 -13.68 -8.27 -31.89
C CYS B 379 -14.87 -8.33 -32.83
N ILE B 380 -14.67 -7.89 -34.07
CA ILE B 380 -15.75 -7.86 -35.06
C ILE B 380 -16.01 -9.24 -35.69
N LYS B 381 -14.94 -9.99 -36.05
CA LYS B 381 -15.06 -11.25 -36.79
C LYS B 381 -14.76 -12.56 -36.05
N GLY B 382 -14.02 -12.49 -34.93
CA GLY B 382 -13.51 -13.66 -34.21
C GLY B 382 -12.12 -13.93 -34.75
N LEU B 383 -11.11 -14.07 -33.86
CA LEU B 383 -9.70 -14.26 -34.24
C LEU B 383 -9.45 -15.35 -35.32
N PRO B 384 -10.06 -16.57 -35.25
CA PRO B 384 -9.81 -17.56 -36.31
C PRO B 384 -10.31 -17.16 -37.70
N ASN B 385 -11.20 -16.15 -37.79
CA ASN B 385 -11.81 -15.67 -39.04
C ASN B 385 -11.15 -14.42 -39.62
N VAL B 386 -10.18 -13.84 -38.90
CA VAL B 386 -9.49 -12.64 -39.36
C VAL B 386 -8.50 -13.02 -40.47
N GLN B 387 -8.59 -12.30 -41.59
CA GLN B 387 -7.71 -12.47 -42.75
C GLN B 387 -6.77 -11.27 -42.77
N ARG B 388 -5.60 -11.42 -43.41
CA ARG B 388 -4.60 -10.35 -43.49
C ARG B 388 -5.19 -9.02 -44.01
N SER B 389 -6.14 -9.09 -44.97
CA SER B 389 -6.78 -7.89 -45.53
C SER B 389 -7.72 -7.14 -44.56
N ASP B 390 -8.09 -7.75 -43.42
CA ASP B 390 -8.98 -7.16 -42.39
C ASP B 390 -8.28 -6.20 -41.43
N TYR B 391 -6.95 -6.20 -41.41
CA TYR B 391 -6.22 -5.35 -40.45
C TYR B 391 -4.95 -4.76 -40.99
N LEU B 392 -4.36 -3.86 -40.19
CA LEU B 392 -3.09 -3.20 -40.49
C LEU B 392 -2.09 -3.69 -39.44
N ASN B 393 -0.82 -3.90 -39.83
CA ASN B 393 0.20 -4.25 -38.83
C ASN B 393 0.47 -2.97 -37.97
N THR B 394 1.25 -3.07 -36.88
CA THR B 394 1.45 -1.93 -35.98
C THR B 394 1.99 -0.70 -36.68
N PHE B 395 3.01 -0.89 -37.54
CA PHE B 395 3.60 0.24 -38.29
C PHE B 395 2.56 0.88 -39.21
N GLU B 396 1.84 0.06 -39.98
CA GLU B 396 0.81 0.51 -40.93
C GLU B 396 -0.28 1.29 -40.20
N PHE B 397 -0.73 0.78 -39.03
CA PHE B 397 -1.76 1.44 -38.26
C PHE B 397 -1.25 2.80 -37.72
N MET B 398 -0.03 2.83 -37.17
CA MET B 398 0.56 4.07 -36.66
C MET B 398 0.70 5.11 -37.80
N ASP B 399 1.08 4.64 -39.01
CA ASP B 399 1.22 5.55 -40.16
C ASP B 399 -0.15 6.09 -40.60
N LYS B 400 -1.19 5.26 -40.56
CA LYS B 400 -2.56 5.68 -40.89
C LYS B 400 -3.04 6.73 -39.89
N LEU B 401 -2.79 6.49 -38.58
CA LEU B 401 -3.16 7.48 -37.57
C LEU B 401 -2.39 8.78 -37.81
N GLY B 402 -1.10 8.68 -38.13
CA GLY B 402 -0.25 9.83 -38.39
C GLY B 402 -0.75 10.66 -39.56
N GLU B 403 -1.14 9.97 -40.64
CA GLU B 403 -1.70 10.61 -41.84
C GLU B 403 -2.99 11.34 -41.50
N ASN B 404 -3.91 10.67 -40.78
CA ASN B 404 -5.18 11.28 -40.38
C ASN B 404 -4.98 12.43 -39.41
N LEU B 405 -3.97 12.32 -38.52
CA LEU B 405 -3.67 13.39 -37.57
C LEU B 405 -3.18 14.63 -38.33
N LYS B 406 -2.23 14.44 -39.27
CA LYS B 406 -1.69 15.56 -40.07
C LYS B 406 -2.85 16.31 -40.74
N ILE B 407 -3.79 15.56 -41.31
CA ILE B 407 -4.97 16.12 -42.00
C ILE B 407 -5.86 16.91 -41.04
N LYS B 408 -6.23 16.31 -39.88
CA LYS B 408 -7.08 16.97 -38.90
C LYS B 408 -6.46 18.28 -38.42
N LEU B 409 -5.15 18.27 -38.13
CA LEU B 409 -4.47 19.48 -37.63
C LEU B 409 -4.35 20.53 -38.75
N ALA B 410 -4.08 20.10 -39.98
CA ALA B 410 -3.97 21.00 -41.16
C ALA B 410 -5.29 21.75 -41.37
N GLN B 411 -6.40 20.99 -41.32
CA GLN B 411 -7.75 21.54 -41.47
C GLN B 411 -8.11 22.48 -40.33
N ALA B 412 -7.71 22.13 -39.09
CA ALA B 412 -7.99 22.99 -37.96
C ALA B 412 -7.28 24.34 -38.11
N LYS B 413 -6.03 24.34 -38.60
CA LYS B 413 -5.24 25.57 -38.82
C LYS B 413 -5.92 26.40 -39.93
N LEU B 414 -6.40 25.74 -40.99
CA LEU B 414 -7.07 26.48 -42.08
C LEU B 414 -8.46 27.03 -41.69
N SER B 415 -9.08 26.46 -40.66
CA SER B 415 -10.41 26.82 -40.17
C SER B 415 -10.38 28.16 -39.43
N LEU B 416 -9.19 28.58 -38.97
CA LEU B 416 -8.99 29.81 -38.20
C LEU B 416 -9.44 31.08 -38.93
N GLU B 417 -10.33 31.84 -38.27
CA GLU B 417 -10.85 33.12 -38.77
C GLU B 417 -9.68 34.10 -38.88
N HIS B 418 -9.48 34.70 -40.07
CA HIS B 418 -8.39 35.65 -40.28
C HIS B 418 -8.74 37.02 -39.68
N LYS C 3 -46.59 -46.11 -1.02
CA LYS C 3 -45.80 -45.62 0.10
C LYS C 3 -44.77 -44.58 -0.37
N LYS C 4 -44.52 -43.56 0.48
CA LYS C 4 -43.55 -42.48 0.21
C LYS C 4 -42.11 -43.03 0.10
N ILE C 5 -41.21 -42.28 -0.57
CA ILE C 5 -39.81 -42.70 -0.69
C ILE C 5 -39.16 -42.53 0.69
N SER C 6 -38.36 -43.52 1.12
CA SER C 6 -37.65 -43.43 2.38
C SER C 6 -36.41 -42.56 2.10
N GLY C 7 -36.44 -41.32 2.57
CA GLY C 7 -35.39 -40.33 2.30
C GLY C 7 -34.13 -40.38 3.13
N GLY C 8 -34.22 -40.87 4.36
CA GLY C 8 -33.03 -40.89 5.21
C GLY C 8 -32.82 -39.60 5.98
N SER C 9 -31.60 -39.40 6.53
CA SER C 9 -31.29 -38.28 7.41
C SER C 9 -30.83 -37.05 6.66
N VAL C 10 -31.51 -35.93 6.90
CA VAL C 10 -31.19 -34.62 6.28
C VAL C 10 -31.26 -33.53 7.34
N VAL C 11 -30.26 -32.61 7.33
CA VAL C 11 -30.25 -31.48 8.24
C VAL C 11 -30.81 -30.31 7.45
N GLU C 12 -31.87 -29.66 7.94
CA GLU C 12 -32.40 -28.49 7.26
C GLU C 12 -32.17 -27.27 8.13
N MET C 13 -31.87 -26.15 7.49
CA MET C 13 -31.66 -24.91 8.20
C MET C 13 -32.67 -23.92 7.68
N GLN C 14 -33.61 -23.52 8.52
CA GLN C 14 -34.63 -22.57 8.16
C GLN C 14 -34.03 -21.18 8.15
N GLY C 15 -34.59 -20.31 7.33
CA GLY C 15 -34.02 -18.98 7.13
C GLY C 15 -34.91 -17.82 7.44
N ASP C 16 -34.80 -16.77 6.63
CA ASP C 16 -35.46 -15.51 6.90
C ASP C 16 -36.39 -14.98 5.84
N GLU C 17 -37.31 -14.09 6.28
CA GLU C 17 -38.20 -13.28 5.45
C GLU C 17 -38.91 -14.07 4.34
N MET C 18 -38.87 -13.60 3.08
CA MET C 18 -39.63 -14.29 2.02
C MET C 18 -39.18 -15.71 1.75
N THR C 19 -37.87 -15.95 1.80
CA THR C 19 -37.33 -17.29 1.58
C THR C 19 -37.81 -18.26 2.66
N ARG C 20 -38.03 -17.77 3.90
CA ARG C 20 -38.54 -18.63 4.99
C ARG C 20 -39.95 -19.16 4.63
N ILE C 21 -40.80 -18.25 4.09
CA ILE C 21 -42.18 -18.59 3.67
C ILE C 21 -42.14 -19.63 2.53
N ILE C 22 -41.32 -19.37 1.52
CA ILE C 22 -41.16 -20.27 0.36
C ILE C 22 -40.62 -21.64 0.76
N TRP C 23 -39.66 -21.66 1.70
CA TRP C 23 -39.07 -22.91 2.21
C TRP C 23 -40.14 -23.87 2.73
N GLU C 24 -41.09 -23.33 3.53
CA GLU C 24 -42.19 -24.11 4.10
C GLU C 24 -43.12 -24.62 3.00
N LEU C 25 -43.38 -23.78 1.96
CA LEU C 25 -44.21 -24.17 0.81
C LEU C 25 -43.57 -25.31 0.04
N ILE C 26 -42.22 -25.24 -0.16
CA ILE C 26 -41.51 -26.31 -0.86
C ILE C 26 -41.68 -27.65 -0.12
N LYS C 27 -41.46 -27.64 1.20
CA LYS C 27 -41.60 -28.86 1.99
C LYS C 27 -43.02 -29.41 1.90
N GLU C 28 -44.01 -28.56 2.12
CA GLU C 28 -45.43 -28.92 2.13
C GLU C 28 -45.94 -29.43 0.79
N LYS C 29 -45.57 -28.77 -0.31
CA LYS C 29 -46.10 -29.10 -1.63
C LYS C 29 -45.25 -30.02 -2.50
N LEU C 30 -43.91 -29.96 -2.37
CA LEU C 30 -43.04 -30.70 -3.27
C LEU C 30 -42.26 -31.84 -2.66
N ILE C 31 -41.92 -31.75 -1.37
CA ILE C 31 -41.10 -32.78 -0.73
C ILE C 31 -41.91 -33.78 0.09
N PHE C 32 -42.57 -33.29 1.15
CA PHE C 32 -43.32 -34.13 2.11
C PHE C 32 -44.41 -35.03 1.47
N PRO C 33 -45.13 -34.66 0.37
CA PRO C 33 -46.10 -35.62 -0.21
C PRO C 33 -45.46 -36.85 -0.84
N TYR C 34 -44.15 -36.80 -1.13
CA TYR C 34 -43.47 -37.87 -1.83
C TYR C 34 -42.33 -38.54 -1.09
N VAL C 35 -41.73 -37.85 -0.10
CA VAL C 35 -40.55 -38.34 0.60
C VAL C 35 -40.74 -38.25 2.11
N GLU C 36 -40.43 -39.33 2.81
CA GLU C 36 -40.46 -39.41 4.26
C GLU C 36 -39.00 -39.23 4.72
N LEU C 37 -38.74 -38.18 5.49
CA LEU C 37 -37.37 -37.91 5.93
C LEU C 37 -37.18 -38.01 7.43
N ASP C 38 -35.93 -38.30 7.84
CA ASP C 38 -35.49 -38.18 9.24
C ASP C 38 -34.87 -36.76 9.21
N LEU C 39 -35.71 -35.77 9.41
CA LEU C 39 -35.34 -34.36 9.28
C LEU C 39 -34.84 -33.77 10.60
N HIS C 40 -33.62 -33.22 10.58
CA HIS C 40 -33.02 -32.58 11.74
C HIS C 40 -33.12 -31.09 11.46
N SER C 41 -34.11 -30.43 12.08
CA SER C 41 -34.39 -29.03 11.81
C SER C 41 -33.73 -28.04 12.74
N TYR C 42 -33.04 -27.04 12.16
CA TYR C 42 -32.39 -25.96 12.91
C TYR C 42 -32.94 -24.66 12.42
N ASP C 43 -33.45 -23.84 13.33
CA ASP C 43 -34.02 -22.59 12.93
C ASP C 43 -32.93 -21.51 12.93
N LEU C 44 -32.43 -21.17 11.72
CA LEU C 44 -31.43 -20.13 11.55
C LEU C 44 -32.06 -18.78 11.22
N GLY C 45 -33.34 -18.61 11.56
CA GLY C 45 -33.99 -17.30 11.45
C GLY C 45 -33.23 -16.34 12.37
N ILE C 46 -33.16 -15.07 12.00
CA ILE C 46 -32.41 -14.07 12.77
C ILE C 46 -32.86 -14.01 14.26
N GLU C 47 -34.18 -14.15 14.52
CA GLU C 47 -34.74 -14.13 15.88
C GLU C 47 -34.23 -15.30 16.72
N ASN C 48 -34.15 -16.51 16.11
CA ASN C 48 -33.64 -17.66 16.85
C ASN C 48 -32.13 -17.63 17.01
N ARG C 49 -31.40 -17.08 16.03
CA ARG C 49 -29.96 -16.93 16.19
C ARG C 49 -29.72 -15.95 17.35
N ASP C 50 -30.50 -14.85 17.41
CA ASP C 50 -30.36 -13.90 18.52
C ASP C 50 -30.68 -14.57 19.87
N ALA C 51 -31.80 -15.29 19.96
CA ALA C 51 -32.23 -15.99 21.18
C ALA C 51 -31.22 -17.01 21.73
N THR C 52 -30.47 -17.68 20.82
CA THR C 52 -29.48 -18.70 21.20
C THR C 52 -28.04 -18.17 21.19
N ASN C 53 -27.87 -16.86 21.00
CA ASN C 53 -26.56 -16.20 20.92
C ASN C 53 -25.72 -16.81 19.82
N ASP C 54 -26.40 -17.15 18.70
CA ASP C 54 -25.83 -17.75 17.49
C ASP C 54 -25.37 -19.21 17.68
N GLN C 55 -25.67 -19.84 18.83
CA GLN C 55 -25.28 -21.24 19.04
C GLN C 55 -25.99 -22.19 18.06
N VAL C 56 -27.23 -21.86 17.67
CA VAL C 56 -27.99 -22.70 16.74
C VAL C 56 -27.21 -22.91 15.42
N THR C 57 -26.49 -21.87 14.97
CA THR C 57 -25.70 -21.94 13.73
C THR C 57 -24.58 -23.00 13.87
N LYS C 58 -23.85 -22.95 14.99
CA LYS C 58 -22.78 -23.92 15.28
C LYS C 58 -23.37 -25.32 15.42
N ASP C 59 -24.53 -25.45 16.10
CA ASP C 59 -25.19 -26.76 16.29
C ASP C 59 -25.57 -27.36 14.92
N ALA C 60 -26.11 -26.50 14.01
CA ALA C 60 -26.49 -26.95 12.68
C ALA C 60 -25.25 -27.47 11.94
N ALA C 61 -24.13 -26.73 11.98
CA ALA C 61 -22.90 -27.16 11.31
C ALA C 61 -22.41 -28.49 11.84
N GLU C 62 -22.47 -28.69 13.17
CA GLU C 62 -22.08 -29.96 13.78
C GLU C 62 -23.01 -31.10 13.32
N ALA C 63 -24.32 -30.81 13.16
CA ALA C 63 -25.28 -31.81 12.70
C ALA C 63 -25.00 -32.21 11.25
N ILE C 64 -24.56 -31.23 10.41
CA ILE C 64 -24.21 -31.58 9.03
C ILE C 64 -23.00 -32.55 9.03
N LYS C 65 -21.99 -32.31 9.89
CA LYS C 65 -20.81 -33.20 9.98
C LYS C 65 -21.26 -34.62 10.32
N LYS C 66 -22.27 -34.72 11.20
CA LYS C 66 -22.79 -36.00 11.67
C LYS C 66 -23.60 -36.74 10.63
N HIS C 67 -24.57 -36.05 9.98
CA HIS C 67 -25.51 -36.67 9.04
C HIS C 67 -25.11 -36.60 7.56
N ASN C 68 -24.10 -35.78 7.25
CA ASN C 68 -23.47 -35.64 5.92
C ASN C 68 -24.25 -34.87 4.87
N VAL C 69 -25.49 -34.46 5.15
CA VAL C 69 -26.28 -33.67 4.19
C VAL C 69 -27.00 -32.55 4.88
N GLY C 70 -26.77 -31.33 4.39
CA GLY C 70 -27.45 -30.15 4.88
C GLY C 70 -28.08 -29.40 3.72
N VAL C 71 -29.26 -28.82 3.98
CA VAL C 71 -30.00 -28.01 3.00
C VAL C 71 -30.32 -26.70 3.71
N LYS C 72 -29.86 -25.57 3.18
CA LYS C 72 -30.00 -24.31 3.89
C LYS C 72 -30.77 -23.26 3.12
N CYS C 73 -31.71 -22.62 3.83
CA CYS C 73 -32.52 -21.50 3.36
C CYS C 73 -31.70 -20.21 3.47
N ALA C 74 -31.97 -19.22 2.61
CA ALA C 74 -31.29 -17.92 2.69
C ALA C 74 -31.56 -17.25 4.04
N THR C 75 -30.51 -16.62 4.61
CA THR C 75 -30.57 -15.94 5.90
C THR C 75 -30.10 -14.50 5.79
N ILE C 76 -30.44 -13.71 6.83
CA ILE C 76 -29.98 -12.33 6.96
C ILE C 76 -28.62 -12.34 7.67
N THR C 77 -27.62 -11.61 7.14
CA THR C 77 -26.34 -11.34 7.84
C THR C 77 -26.56 -9.88 8.31
N PRO C 78 -26.80 -9.66 9.61
CA PRO C 78 -27.22 -8.32 10.05
C PRO C 78 -26.17 -7.24 10.04
N ASP C 79 -26.63 -6.03 9.68
CA ASP C 79 -25.88 -4.77 9.66
C ASP C 79 -26.53 -3.87 10.73
N GLU C 80 -26.11 -2.59 10.85
CA GLU C 80 -26.68 -1.65 11.82
C GLU C 80 -28.21 -1.53 11.78
N LYS C 81 -28.80 -1.45 10.55
CA LYS C 81 -30.25 -1.36 10.38
C LYS C 81 -30.98 -2.58 10.90
N ARG C 82 -30.42 -3.80 10.64
CA ARG C 82 -31.03 -5.04 11.12
C ARG C 82 -30.96 -5.16 12.65
N VAL C 83 -29.88 -4.63 13.27
CA VAL C 83 -29.74 -4.63 14.72
C VAL C 83 -30.91 -3.82 15.32
N GLU C 84 -31.19 -2.64 14.76
CA GLU C 84 -32.29 -1.78 15.21
C GLU C 84 -33.67 -2.39 14.95
N GLU C 85 -33.90 -2.93 13.73
CA GLU C 85 -35.17 -3.55 13.33
C GLU C 85 -35.55 -4.73 14.22
N PHE C 86 -34.58 -5.57 14.59
CA PHE C 86 -34.85 -6.77 15.38
C PHE C 86 -34.47 -6.67 16.86
N LYS C 87 -33.90 -5.52 17.28
CA LYS C 87 -33.41 -5.25 18.67
C LYS C 87 -32.39 -6.35 19.04
N LEU C 88 -31.43 -6.61 18.12
CA LEU C 88 -30.42 -7.67 18.30
C LEU C 88 -29.43 -7.33 19.40
N LYS C 89 -29.00 -8.38 20.14
CA LYS C 89 -28.02 -8.29 21.22
C LYS C 89 -26.63 -7.95 20.68
N GLN C 90 -26.30 -8.48 19.48
CA GLN C 90 -25.03 -8.27 18.79
C GLN C 90 -25.27 -8.20 17.27
N MET C 91 -24.28 -7.71 16.54
CA MET C 91 -24.32 -7.72 15.08
C MET C 91 -23.73 -9.09 14.69
N TRP C 92 -24.58 -10.11 14.69
CA TRP C 92 -24.21 -11.51 14.42
C TRP C 92 -23.43 -11.67 13.12
N LYS C 93 -22.42 -12.56 13.15
CA LYS C 93 -21.60 -12.81 11.97
C LYS C 93 -22.41 -13.66 10.98
N SER C 94 -22.02 -13.60 9.72
CA SER C 94 -22.63 -14.41 8.67
C SER C 94 -22.76 -15.89 9.10
N PRO C 95 -24.00 -16.46 9.10
CA PRO C 95 -24.13 -17.90 9.40
C PRO C 95 -23.49 -18.77 8.32
N ASN C 96 -23.46 -18.28 7.06
CA ASN C 96 -22.80 -19.03 5.97
C ASN C 96 -21.30 -19.12 6.25
N GLY C 97 -20.69 -18.00 6.67
CA GLY C 97 -19.28 -17.98 7.05
C GLY C 97 -19.01 -18.95 8.18
N THR C 98 -19.87 -18.94 9.21
CA THR C 98 -19.72 -19.84 10.38
C THR C 98 -19.75 -21.31 9.97
N ILE C 99 -20.77 -21.69 9.20
CA ILE C 99 -20.93 -23.07 8.73
C ILE C 99 -19.75 -23.50 7.86
N ARG C 100 -19.39 -22.66 6.86
CA ARG C 100 -18.29 -22.96 5.95
C ARG C 100 -16.96 -23.09 6.67
N ASN C 101 -16.72 -22.25 7.68
CA ASN C 101 -15.43 -22.34 8.32
CA ASN C 101 -15.50 -22.28 8.51
C ASN C 101 -15.37 -23.60 9.23
N ILE C 102 -16.52 -24.12 9.69
CA ILE C 102 -16.55 -25.37 10.46
C ILE C 102 -16.37 -26.57 9.53
N LEU C 103 -17.08 -26.59 8.39
CA LEU C 103 -17.05 -27.73 7.47
C LEU C 103 -15.86 -27.76 6.54
N GLY C 104 -15.46 -26.58 6.07
CA GLY C 104 -14.39 -26.47 5.08
C GLY C 104 -14.87 -26.95 3.71
N GLY C 105 -13.98 -26.87 2.72
CA GLY C 105 -14.29 -27.39 1.40
C GLY C 105 -14.37 -26.35 0.30
N THR C 106 -15.10 -26.68 -0.74
CA THR C 106 -15.26 -25.83 -1.94
C THR C 106 -16.74 -25.71 -2.24
N VAL C 107 -17.20 -24.47 -2.51
CA VAL C 107 -18.60 -24.21 -2.87
C VAL C 107 -18.70 -24.16 -4.39
N PHE C 108 -19.34 -25.17 -5.00
CA PHE C 108 -19.48 -25.19 -6.46
C PHE C 108 -20.77 -24.49 -6.83
N ARG C 109 -20.65 -23.52 -7.74
CA ARG C 109 -21.76 -22.67 -8.17
C ARG C 109 -21.91 -22.68 -9.66
N GLU C 110 -23.14 -22.77 -10.13
CA GLU C 110 -23.39 -22.87 -11.56
C GLU C 110 -24.79 -22.33 -11.82
N ALA C 111 -24.99 -21.69 -12.98
CA ALA C 111 -26.31 -21.16 -13.33
C ALA C 111 -27.32 -22.29 -13.55
N ILE C 112 -28.62 -22.00 -13.29
CA ILE C 112 -29.73 -22.92 -13.57
C ILE C 112 -30.30 -22.33 -14.86
N ILE C 113 -30.11 -23.02 -15.98
CA ILE C 113 -30.45 -22.54 -17.32
C ILE C 113 -31.85 -22.92 -17.77
N CYS C 114 -32.60 -21.90 -18.26
CA CYS C 114 -33.91 -22.05 -18.91
C CYS C 114 -33.74 -21.38 -20.26
N LYS C 115 -33.97 -22.16 -21.33
CA LYS C 115 -33.76 -21.76 -22.74
C LYS C 115 -34.43 -20.45 -23.15
N ASN C 116 -35.52 -20.07 -22.45
CA ASN C 116 -36.29 -18.87 -22.76
C ASN C 116 -35.84 -17.62 -22.00
N ILE C 117 -34.91 -17.77 -21.03
CA ILE C 117 -34.43 -16.62 -20.27
C ILE C 117 -33.21 -16.06 -21.02
N PRO C 118 -33.25 -14.79 -21.45
CA PRO C 118 -32.08 -14.26 -22.20
C PRO C 118 -30.85 -14.05 -21.33
N ARG C 119 -29.68 -14.48 -21.83
CA ARG C 119 -28.42 -14.20 -21.14
C ARG C 119 -28.10 -12.72 -21.36
N LEU C 120 -27.30 -12.14 -20.45
CA LEU C 120 -26.84 -10.76 -20.62
C LEU C 120 -25.50 -10.78 -21.36
N VAL C 121 -24.80 -11.92 -21.35
CA VAL C 121 -23.54 -12.14 -22.08
C VAL C 121 -23.89 -13.16 -23.18
N SER C 122 -24.09 -12.69 -24.42
CA SER C 122 -24.51 -13.55 -25.54
C SER C 122 -23.56 -14.70 -25.86
N GLY C 123 -22.26 -14.52 -25.66
CA GLY C 123 -21.28 -15.57 -25.97
C GLY C 123 -21.30 -16.83 -25.11
N TRP C 124 -21.90 -16.78 -23.92
CA TRP C 124 -21.89 -17.90 -22.98
C TRP C 124 -22.85 -19.05 -23.33
N VAL C 125 -22.44 -19.86 -24.30
CA VAL C 125 -23.26 -21.00 -24.80
C VAL C 125 -23.05 -22.30 -24.01
N LYS C 126 -21.99 -22.37 -23.20
CA LYS C 126 -21.69 -23.51 -22.34
C LYS C 126 -21.60 -23.01 -20.89
N PRO C 127 -21.83 -23.88 -19.88
CA PRO C 127 -21.79 -23.42 -18.47
C PRO C 127 -20.42 -23.05 -17.96
N ILE C 128 -20.39 -22.18 -16.98
CA ILE C 128 -19.16 -21.79 -16.25
C ILE C 128 -19.46 -22.28 -14.84
N ILE C 129 -18.59 -23.13 -14.29
CA ILE C 129 -18.76 -23.61 -12.93
C ILE C 129 -17.67 -22.96 -12.10
N ILE C 130 -18.06 -22.26 -11.03
CA ILE C 130 -17.07 -21.68 -10.11
C ILE C 130 -16.89 -22.61 -8.93
N GLY C 131 -15.65 -22.90 -8.58
CA GLY C 131 -15.32 -23.63 -7.37
C GLY C 131 -14.75 -22.61 -6.41
N ARG C 132 -15.58 -22.13 -5.47
CA ARG C 132 -15.20 -21.09 -4.52
C ARG C 132 -14.60 -21.73 -3.26
N HIS C 133 -13.32 -21.46 -2.98
CA HIS C 133 -12.70 -21.96 -1.76
C HIS C 133 -13.55 -21.46 -0.57
N ALA C 134 -14.03 -22.36 0.28
CA ALA C 134 -15.01 -21.98 1.31
C ALA C 134 -14.45 -21.56 2.64
N TYR C 135 -13.14 -21.59 2.78
CA TYR C 135 -12.49 -21.37 4.05
C TYR C 135 -11.56 -20.19 4.07
N GLY C 136 -11.54 -19.51 5.21
CA GLY C 136 -10.56 -18.48 5.51
C GLY C 136 -10.61 -17.20 4.71
N ASP C 137 -9.45 -16.57 4.57
CA ASP C 137 -9.30 -15.26 3.94
C ASP C 137 -10.24 -14.24 4.62
N GLN C 138 -10.95 -13.39 3.85
CA GLN C 138 -11.78 -12.33 4.46
C GLN C 138 -12.88 -12.84 5.37
N TYR C 139 -13.30 -14.09 5.19
CA TYR C 139 -14.39 -14.67 5.98
C TYR C 139 -14.00 -15.20 7.36
N ARG C 140 -12.71 -15.16 7.69
CA ARG C 140 -12.26 -15.53 9.02
C ARG C 140 -11.16 -14.56 9.45
N ALA C 141 -11.30 -13.30 9.01
CA ALA C 141 -10.34 -12.24 9.25
C ALA C 141 -10.56 -11.56 10.58
N THR C 142 -9.54 -10.84 11.04
CA THR C 142 -9.64 -10.02 12.25
C THR C 142 -9.45 -8.59 11.77
N ASP C 143 -10.51 -7.79 11.79
CA ASP C 143 -10.42 -6.40 11.32
C ASP C 143 -10.80 -5.44 12.41
N PHE C 144 -10.20 -4.25 12.39
CA PHE C 144 -10.47 -3.26 13.44
C PHE C 144 -10.20 -1.86 12.98
N VAL C 145 -10.82 -0.91 13.68
CA VAL C 145 -10.58 0.51 13.43
C VAL C 145 -9.31 0.90 14.21
N VAL C 146 -8.44 1.69 13.57
CA VAL C 146 -7.25 2.22 14.21
C VAL C 146 -7.66 3.66 14.60
N PRO C 147 -7.85 3.94 15.91
CA PRO C 147 -8.40 5.23 16.32
C PRO C 147 -7.48 6.43 16.19
N GLY C 148 -6.18 6.18 16.14
CA GLY C 148 -5.21 7.25 16.03
C GLY C 148 -3.80 6.77 15.85
N PRO C 149 -2.82 7.68 15.96
CA PRO C 149 -1.42 7.30 15.74
C PRO C 149 -0.95 6.13 16.57
N GLY C 150 -0.10 5.32 15.95
CA GLY C 150 0.46 4.14 16.57
C GLY C 150 0.78 3.08 15.54
N LYS C 151 1.42 2.01 15.99
CA LYS C 151 1.89 0.95 15.09
C LYS C 151 0.99 -0.25 15.06
N VAL C 152 0.79 -0.79 13.84
CA VAL C 152 0.10 -2.07 13.67
C VAL C 152 1.18 -3.04 13.21
N GLU C 153 1.36 -4.16 13.95
CA GLU C 153 2.37 -5.18 13.64
C GLU C 153 1.72 -6.53 13.52
N ILE C 154 2.30 -7.43 12.72
CA ILE C 154 1.79 -8.81 12.58
C ILE C 154 2.94 -9.73 12.94
N THR C 155 2.68 -10.71 13.81
CA THR C 155 3.74 -11.58 14.31
C THR C 155 3.42 -13.03 14.15
N TYR C 156 4.48 -13.83 14.01
CA TYR C 156 4.36 -15.27 13.95
C TYR C 156 5.27 -15.87 15.03
N THR C 157 4.70 -16.72 15.88
CA THR C 157 5.43 -17.38 16.97
C THR C 157 5.40 -18.88 16.79
N PRO C 158 6.50 -19.50 16.29
CA PRO C 158 6.48 -20.96 16.08
C PRO C 158 6.23 -21.73 17.38
N SER C 159 5.40 -22.79 17.32
CA SER C 159 5.12 -23.60 18.51
C SER C 159 6.33 -24.49 18.81
N ASP C 160 6.99 -25.02 17.74
CA ASP C 160 8.17 -25.90 17.78
C ASP C 160 9.37 -25.28 18.49
N GLY C 161 9.50 -23.97 18.38
CA GLY C 161 10.58 -23.22 19.00
C GLY C 161 11.67 -22.74 18.06
N THR C 162 11.31 -21.83 17.17
CA THR C 162 12.24 -21.16 16.27
C THR C 162 12.21 -19.71 16.82
N GLN C 163 12.54 -18.71 16.00
CA GLN C 163 12.51 -17.32 16.44
C GLN C 163 11.15 -16.66 16.09
N LYS C 164 10.62 -15.80 16.99
CA LYS C 164 9.40 -14.99 16.80
C LYS C 164 9.74 -14.01 15.66
N VAL C 165 8.84 -13.89 14.66
CA VAL C 165 9.02 -12.97 13.52
C VAL C 165 7.98 -11.85 13.67
N THR C 166 8.38 -10.58 13.55
CA THR C 166 7.48 -9.43 13.68
C THR C 166 7.61 -8.55 12.44
N TYR C 167 6.48 -8.27 11.78
CA TYR C 167 6.47 -7.41 10.60
C TYR C 167 5.66 -6.16 10.90
N LEU C 168 6.14 -5.02 10.45
CA LEU C 168 5.38 -3.78 10.60
C LEU C 168 4.35 -3.72 9.49
N VAL C 169 3.05 -3.64 9.85
CA VAL C 169 2.02 -3.47 8.84
C VAL C 169 1.99 -2.01 8.43
N HIS C 170 1.90 -1.10 9.43
CA HIS C 170 1.91 0.33 9.19
C HIS C 170 2.16 1.08 10.49
N ASN C 171 2.91 2.18 10.39
CA ASN C 171 3.05 3.07 11.52
C ASN C 171 2.16 4.28 11.17
N PHE C 172 1.00 4.41 11.84
CA PHE C 172 0.11 5.53 11.63
C PHE C 172 0.74 6.73 12.35
N GLU C 173 1.24 7.69 11.58
CA GLU C 173 1.93 8.87 12.15
C GLU C 173 1.00 10.01 12.46
N GLU C 174 -0.03 10.20 11.65
CA GLU C 174 -1.02 11.24 11.83
C GLU C 174 -2.38 10.64 11.50
N GLY C 175 -3.28 10.71 12.46
CA GLY C 175 -4.63 10.18 12.27
C GLY C 175 -4.68 8.66 12.37
N GLY C 176 -5.87 8.13 12.16
CA GLY C 176 -6.09 6.70 12.25
C GLY C 176 -6.48 6.11 10.90
N GLY C 177 -7.22 5.03 10.96
CA GLY C 177 -7.65 4.32 9.76
C GLY C 177 -8.22 2.98 10.14
N VAL C 178 -7.84 1.95 9.36
CA VAL C 178 -8.30 0.58 9.57
C VAL C 178 -7.17 -0.40 9.36
N ALA C 179 -7.27 -1.59 9.95
CA ALA C 179 -6.27 -2.63 9.70
C ALA C 179 -6.93 -3.98 9.82
N MET C 180 -6.30 -4.99 9.22
CA MET C 180 -6.85 -6.34 9.32
C MET C 180 -5.77 -7.37 9.13
N GLY C 181 -6.01 -8.52 9.73
CA GLY C 181 -5.17 -9.69 9.56
C GLY C 181 -6.03 -10.81 9.00
N MET C 182 -5.49 -11.58 8.06
CA MET C 182 -6.22 -12.76 7.55
C MET C 182 -5.25 -13.89 7.27
N TYR C 183 -5.77 -15.08 7.05
CA TYR C 183 -4.92 -16.24 6.87
C TYR C 183 -5.62 -17.31 6.05
N ASN C 184 -4.84 -18.32 5.68
CA ASN C 184 -5.39 -19.54 5.10
C ASN C 184 -4.45 -20.69 5.51
N GLN C 185 -4.92 -21.92 5.35
CA GLN C 185 -4.21 -23.10 5.81
C GLN C 185 -3.79 -23.96 4.61
N ASP C 186 -2.53 -24.47 4.61
CA ASP C 186 -2.06 -25.34 3.54
C ASP C 186 -3.00 -26.50 3.26
N LYS C 187 -3.45 -27.22 4.31
CA LYS C 187 -4.32 -28.38 4.10
C LYS C 187 -5.62 -28.00 3.40
N SER C 188 -6.21 -26.83 3.78
CA SER C 188 -7.46 -26.34 3.14
C SER C 188 -7.23 -26.02 1.67
N ILE C 189 -6.09 -25.38 1.36
CA ILE C 189 -5.74 -25.05 -0.03
C ILE C 189 -5.54 -26.36 -0.84
N GLU C 190 -4.85 -27.34 -0.26
CA GLU C 190 -4.64 -28.63 -0.94
C GLU C 190 -5.99 -29.28 -1.27
N ASP C 191 -6.93 -29.30 -0.30
CA ASP C 191 -8.27 -29.85 -0.49
C ASP C 191 -9.02 -29.12 -1.61
N PHE C 192 -8.88 -27.78 -1.64
CA PHE C 192 -9.48 -26.94 -2.67
C PHE C 192 -8.91 -27.32 -4.05
N ALA C 193 -7.58 -27.52 -4.14
CA ALA C 193 -6.91 -27.92 -5.39
C ALA C 193 -7.46 -29.28 -5.86
N HIS C 194 -7.47 -30.29 -4.98
CA HIS C 194 -7.99 -31.61 -5.33
C HIS C 194 -9.44 -31.54 -5.83
N SER C 195 -10.33 -30.81 -5.12
CA SER C 195 -11.72 -30.69 -5.53
C SER C 195 -11.87 -30.05 -6.92
N SER C 196 -11.03 -29.03 -7.21
CA SER C 196 -11.05 -28.33 -8.47
C SER C 196 -10.61 -29.22 -9.64
N PHE C 197 -9.49 -29.96 -9.47
CA PHE C 197 -8.96 -30.86 -10.51
C PHE C 197 -9.97 -31.99 -10.78
N GLN C 198 -10.56 -32.54 -9.70
CA GLN C 198 -11.54 -33.61 -9.82
C GLN C 198 -12.83 -33.14 -10.51
N MET C 199 -13.28 -31.89 -10.23
CA MET C 199 -14.45 -31.33 -10.91
C MET C 199 -14.18 -31.18 -12.40
N ALA C 200 -13.01 -30.63 -12.78
CA ALA C 200 -12.66 -30.44 -14.19
C ALA C 200 -12.63 -31.81 -14.92
N LEU C 201 -12.04 -32.84 -14.31
CA LEU C 201 -12.01 -34.20 -14.92
C LEU C 201 -13.38 -34.83 -15.05
N SER C 202 -14.27 -34.57 -14.07
CA SER C 202 -15.65 -35.07 -14.06
C SER C 202 -16.47 -34.47 -15.21
N LYS C 203 -16.23 -33.18 -15.53
CA LYS C 203 -16.92 -32.46 -16.58
C LYS C 203 -16.24 -32.56 -17.95
N GLY C 204 -14.95 -32.88 -17.95
CA GLY C 204 -14.13 -32.93 -19.15
C GLY C 204 -13.90 -31.53 -19.70
N TRP C 205 -13.74 -30.54 -18.77
CA TRP C 205 -13.51 -29.14 -19.12
C TRP C 205 -12.18 -28.64 -18.53
N PRO C 206 -11.53 -27.65 -19.17
CA PRO C 206 -10.31 -27.08 -18.58
C PRO C 206 -10.59 -26.37 -17.25
N LEU C 207 -9.54 -26.17 -16.46
CA LEU C 207 -9.62 -25.52 -15.16
C LEU C 207 -8.70 -24.32 -15.12
N TYR C 208 -9.20 -23.21 -14.56
CA TYR C 208 -8.38 -22.02 -14.34
C TYR C 208 -8.43 -21.66 -12.88
N LEU C 209 -7.28 -21.33 -12.27
CA LEU C 209 -7.25 -20.79 -10.90
C LEU C 209 -6.91 -19.30 -11.06
N SER C 210 -7.65 -18.43 -10.37
CA SER C 210 -7.30 -17.00 -10.36
C SER C 210 -6.68 -16.56 -9.02
N THR C 211 -5.63 -15.73 -9.07
CA THR C 211 -5.02 -15.13 -7.86
C THR C 211 -4.47 -13.74 -8.29
N LYS C 212 -3.89 -13.01 -7.35
CA LYS C 212 -3.19 -11.78 -7.71
C LYS C 212 -1.75 -11.97 -7.14
N ASN C 213 -1.08 -13.08 -7.52
CA ASN C 213 0.26 -13.42 -6.99
C ASN C 213 1.36 -12.43 -7.35
N THR C 214 1.11 -11.50 -8.29
CA THR C 214 2.10 -10.45 -8.60
C THR C 214 2.11 -9.38 -7.51
N ILE C 215 1.01 -9.28 -6.76
CA ILE C 215 0.84 -8.30 -5.68
C ILE C 215 1.01 -8.95 -4.30
N LEU C 216 0.28 -10.05 -4.03
CA LEU C 216 0.44 -10.80 -2.78
C LEU C 216 1.34 -11.97 -3.14
N LYS C 217 2.63 -11.67 -3.28
CA LYS C 217 3.62 -12.65 -3.78
C LYS C 217 3.71 -13.91 -2.92
N LYS C 218 3.55 -13.76 -1.59
CA LYS C 218 3.65 -14.90 -0.68
C LYS C 218 2.31 -15.57 -0.44
N TYR C 219 1.29 -14.78 -0.15
CA TYR C 219 -0.06 -15.29 0.17
C TYR C 219 -0.67 -15.97 -1.05
N ASP C 220 -0.83 -15.24 -2.15
CA ASP C 220 -1.41 -15.80 -3.38
C ASP C 220 -0.43 -16.74 -4.10
N GLY C 221 0.88 -16.47 -3.96
CA GLY C 221 1.91 -17.35 -4.50
C GLY C 221 1.76 -18.76 -3.95
N ARG C 222 1.32 -18.89 -2.67
CA ARG C 222 1.13 -20.21 -2.06
C ARG C 222 0.00 -21.00 -2.74
N PHE C 223 -1.13 -20.34 -3.05
CA PHE C 223 -2.23 -21.01 -3.75
C PHE C 223 -1.71 -21.48 -5.11
N LYS C 224 -1.03 -20.58 -5.85
CA LYS C 224 -0.51 -20.91 -7.17
C LYS C 224 0.46 -22.10 -7.10
N ASP C 225 1.39 -22.09 -6.13
CA ASP C 225 2.37 -23.18 -5.95
C ASP C 225 1.73 -24.53 -5.59
N ILE C 226 0.77 -24.54 -4.65
CA ILE C 226 0.08 -25.78 -4.22
C ILE C 226 -0.69 -26.36 -5.41
N PHE C 227 -1.45 -25.53 -6.13
CA PHE C 227 -2.17 -26.03 -7.29
C PHE C 227 -1.21 -26.62 -8.34
N GLN C 228 -0.12 -25.89 -8.67
CA GLN C 228 0.82 -26.37 -9.69
C GLN C 228 1.48 -27.69 -9.30
N GLU C 229 1.90 -27.84 -8.04
CA GLU C 229 2.54 -29.04 -7.52
C GLU C 229 1.59 -30.24 -7.60
N ILE C 230 0.32 -30.05 -7.18
CA ILE C 230 -0.68 -31.12 -7.21
C ILE C 230 -1.01 -31.49 -8.66
N TYR C 231 -1.12 -30.50 -9.57
CA TYR C 231 -1.38 -30.76 -10.98
C TYR C 231 -0.26 -31.59 -11.60
N ASP C 232 1.01 -31.12 -11.47
CA ASP C 232 2.19 -31.79 -12.03
C ASP C 232 2.34 -33.24 -11.57
N LYS C 233 2.13 -33.48 -10.27
CA LYS C 233 2.33 -34.80 -9.67
C LYS C 233 1.14 -35.76 -9.75
N GLN C 234 -0.09 -35.25 -9.76
CA GLN C 234 -1.25 -36.12 -9.65
C GLN C 234 -2.30 -36.04 -10.74
N TYR C 235 -2.37 -34.95 -11.53
CA TYR C 235 -3.47 -34.83 -12.48
C TYR C 235 -3.10 -34.52 -13.94
N LYS C 236 -1.90 -33.99 -14.22
CA LYS C 236 -1.49 -33.57 -15.58
C LYS C 236 -1.74 -34.63 -16.68
N SER C 237 -1.33 -35.89 -16.44
CA SER C 237 -1.54 -36.95 -17.44
C SER C 237 -3.03 -37.25 -17.66
N GLN C 238 -3.85 -37.14 -16.61
CA GLN C 238 -5.31 -37.33 -16.68
C GLN C 238 -5.93 -36.20 -17.51
N PHE C 239 -5.47 -34.94 -17.30
CA PHE C 239 -5.96 -33.80 -18.08
C PHE C 239 -5.57 -33.96 -19.56
N GLU C 240 -4.30 -34.30 -19.82
CA GLU C 240 -3.78 -34.48 -21.18
C GLU C 240 -4.56 -35.57 -21.94
N ALA C 241 -4.90 -36.66 -21.24
CA ALA C 241 -5.70 -37.77 -21.78
C ALA C 241 -7.10 -37.32 -22.21
N GLN C 242 -7.68 -36.30 -21.52
CA GLN C 242 -9.01 -35.76 -21.86
C GLN C 242 -8.95 -34.52 -22.74
N LYS C 243 -7.74 -34.13 -23.19
CA LYS C 243 -7.48 -32.96 -24.05
C LYS C 243 -7.93 -31.67 -23.35
N ILE C 244 -7.75 -31.65 -22.02
CA ILE C 244 -8.04 -30.47 -21.22
C ILE C 244 -6.75 -29.99 -20.57
N TRP C 245 -6.80 -28.88 -19.85
CA TRP C 245 -5.59 -28.32 -19.26
C TRP C 245 -5.94 -27.55 -18.00
N TYR C 246 -4.93 -27.22 -17.22
CA TYR C 246 -5.04 -26.37 -16.03
C TYR C 246 -4.08 -25.21 -16.23
N GLU C 247 -4.56 -23.97 -15.97
CA GLU C 247 -3.67 -22.81 -16.05
C GLU C 247 -4.02 -21.82 -14.96
N HIS C 248 -2.98 -21.18 -14.41
CA HIS C 248 -3.17 -20.10 -13.43
C HIS C 248 -3.37 -18.82 -14.24
N ARG C 249 -4.23 -17.91 -13.73
CA ARG C 249 -4.45 -16.63 -14.38
C ARG C 249 -4.50 -15.57 -13.31
N LEU C 250 -4.02 -14.36 -13.62
CA LEU C 250 -4.21 -13.25 -12.67
C LEU C 250 -5.72 -12.95 -12.68
N ILE C 251 -6.30 -12.62 -11.52
CA ILE C 251 -7.76 -12.40 -11.38
C ILE C 251 -8.30 -11.37 -12.36
N ASP C 252 -7.60 -10.23 -12.54
CA ASP C 252 -8.11 -9.21 -13.47
C ASP C 252 -8.09 -9.72 -14.93
N ASP C 253 -7.06 -10.52 -15.31
CA ASP C 253 -7.05 -11.13 -16.64
C ASP C 253 -8.19 -12.17 -16.77
N MET C 254 -8.39 -12.96 -15.69
CA MET C 254 -9.40 -14.01 -15.68
C MET C 254 -10.82 -13.48 -15.85
N VAL C 255 -11.19 -12.39 -15.13
CA VAL C 255 -12.57 -11.89 -15.27
C VAL C 255 -12.86 -11.45 -16.71
N ALA C 256 -11.87 -10.86 -17.37
CA ALA C 256 -12.00 -10.43 -18.76
C ALA C 256 -12.05 -11.68 -19.67
N GLN C 257 -11.16 -12.68 -19.42
CA GLN C 257 -11.16 -13.93 -20.19
C GLN C 257 -12.55 -14.60 -20.08
N ALA C 258 -13.12 -14.65 -18.87
CA ALA C 258 -14.45 -15.26 -18.68
C ALA C 258 -15.50 -14.51 -19.50
N MET C 259 -15.51 -13.17 -19.41
CA MET C 259 -16.47 -12.31 -20.10
C MET C 259 -16.46 -12.56 -21.63
N LYS C 260 -15.26 -12.73 -22.20
CA LYS C 260 -15.01 -12.90 -23.65
C LYS C 260 -15.18 -14.35 -24.12
N SER C 261 -15.26 -15.30 -23.18
CA SER C 261 -15.30 -16.73 -23.47
C SER C 261 -16.67 -17.22 -23.98
N GLU C 262 -16.72 -18.50 -24.35
CA GLU C 262 -17.96 -19.16 -24.71
C GLU C 262 -18.43 -20.06 -23.56
N GLY C 263 -17.81 -19.90 -22.39
CA GLY C 263 -18.10 -20.76 -21.24
C GLY C 263 -17.41 -22.10 -21.41
N GLY C 264 -17.84 -23.10 -20.64
CA GLY C 264 -17.29 -24.44 -20.72
C GLY C 264 -15.97 -24.63 -20.00
N PHE C 265 -15.86 -24.11 -18.76
CA PHE C 265 -14.64 -24.31 -17.97
C PHE C 265 -14.98 -24.26 -16.51
N ILE C 266 -14.08 -24.78 -15.70
CA ILE C 266 -14.15 -24.72 -14.25
C ILE C 266 -13.26 -23.56 -13.83
N TRP C 267 -13.74 -22.75 -12.90
CA TRP C 267 -12.99 -21.58 -12.43
C TRP C 267 -12.82 -21.68 -10.93
N ALA C 268 -11.59 -22.00 -10.49
CA ALA C 268 -11.26 -22.09 -9.06
C ALA C 268 -10.98 -20.67 -8.59
N CYS C 269 -11.78 -20.21 -7.62
CA CYS C 269 -11.75 -18.85 -7.05
C CYS C 269 -11.39 -18.95 -5.59
N LYS C 270 -10.56 -18.01 -5.12
CA LYS C 270 -10.35 -17.84 -3.70
C LYS C 270 -11.72 -17.39 -3.11
N ASN C 271 -11.89 -17.49 -1.81
CA ASN C 271 -13.17 -17.23 -1.12
C ASN C 271 -13.87 -15.90 -1.55
N TYR C 272 -13.14 -14.78 -1.48
CA TYR C 272 -13.74 -13.48 -1.83
C TYR C 272 -14.11 -13.41 -3.31
N ASP C 273 -13.17 -13.79 -4.19
CA ASP C 273 -13.46 -13.75 -5.63
C ASP C 273 -14.63 -14.68 -5.99
N GLY C 274 -14.74 -15.82 -5.32
CA GLY C 274 -15.82 -16.77 -5.60
C GLY C 274 -17.16 -16.16 -5.27
N ASP C 275 -17.22 -15.38 -4.18
CA ASP C 275 -18.44 -14.67 -3.80
C ASP C 275 -18.80 -13.66 -4.91
N VAL C 276 -17.89 -12.75 -5.22
CA VAL C 276 -18.15 -11.69 -6.17
C VAL C 276 -18.44 -12.23 -7.58
N GLN C 277 -17.53 -13.06 -8.09
CA GLN C 277 -17.63 -13.54 -9.46
C GLN C 277 -18.81 -14.52 -9.67
N SER C 278 -19.21 -15.30 -8.64
CA SER C 278 -20.38 -16.20 -8.86
C SER C 278 -21.65 -15.37 -9.05
N ASP C 279 -21.75 -14.20 -8.40
CA ASP C 279 -22.92 -13.34 -8.59
C ASP C 279 -22.88 -12.64 -9.97
N SER C 280 -21.68 -12.25 -10.42
CA SER C 280 -21.52 -11.66 -11.75
C SER C 280 -21.90 -12.71 -12.82
N VAL C 281 -21.41 -13.95 -12.65
CA VAL C 281 -21.70 -15.05 -13.58
C VAL C 281 -23.19 -15.41 -13.57
N ALA C 282 -23.81 -15.56 -12.37
CA ALA C 282 -25.25 -15.88 -12.31
C ALA C 282 -26.06 -14.80 -13.06
N GLN C 283 -25.75 -13.53 -12.81
CA GLN C 283 -26.45 -12.44 -13.47
C GLN C 283 -26.19 -12.46 -15.00
N GLY C 284 -24.97 -12.78 -15.42
CA GLY C 284 -24.60 -12.88 -16.84
C GLY C 284 -25.42 -13.91 -17.59
N TYR C 285 -25.77 -15.03 -16.91
CA TYR C 285 -26.60 -16.07 -17.54
C TYR C 285 -28.08 -15.70 -17.56
N GLY C 286 -28.45 -14.66 -16.84
CA GLY C 286 -29.81 -14.15 -16.90
C GLY C 286 -30.46 -13.72 -15.60
N SER C 287 -30.14 -14.39 -14.47
CA SER C 287 -30.81 -14.07 -13.21
C SER C 287 -29.96 -14.43 -12.01
N LEU C 288 -29.83 -13.48 -11.06
CA LEU C 288 -29.08 -13.74 -9.82
C LEU C 288 -29.67 -14.93 -9.07
N GLY C 289 -31.01 -15.07 -9.11
CA GLY C 289 -31.77 -16.12 -8.43
C GLY C 289 -31.79 -17.49 -9.08
N MET C 290 -31.06 -17.65 -10.19
CA MET C 290 -31.02 -18.93 -10.88
C MET C 290 -29.62 -19.49 -10.83
N MET C 291 -29.23 -19.99 -9.63
CA MET C 291 -27.91 -20.54 -9.44
C MET C 291 -27.94 -21.62 -8.38
N THR C 292 -27.17 -22.70 -8.59
CA THR C 292 -27.02 -23.74 -7.56
C THR C 292 -25.75 -23.37 -6.75
N SER C 293 -25.68 -23.83 -5.50
CA SER C 293 -24.52 -23.54 -4.66
C SER C 293 -24.39 -24.71 -3.68
N VAL C 294 -23.37 -25.54 -3.89
CA VAL C 294 -23.21 -26.75 -3.08
C VAL C 294 -21.81 -26.81 -2.51
N LEU C 295 -21.74 -26.79 -1.17
CA LEU C 295 -20.46 -26.94 -0.48
C LEU C 295 -20.11 -28.42 -0.46
N VAL C 296 -18.95 -28.77 -1.00
CA VAL C 296 -18.43 -30.15 -1.04
C VAL C 296 -17.27 -30.20 -0.04
N CYS C 297 -17.45 -30.94 1.04
CA CYS C 297 -16.44 -31.01 2.09
C CYS C 297 -15.24 -31.92 1.75
N PRO C 298 -14.07 -31.70 2.40
CA PRO C 298 -12.87 -32.48 2.06
C PRO C 298 -12.94 -33.98 2.39
N ASP C 299 -13.88 -34.40 3.25
CA ASP C 299 -14.04 -35.83 3.59
C ASP C 299 -14.59 -36.69 2.43
N GLY C 300 -15.08 -36.03 1.38
CA GLY C 300 -15.67 -36.66 0.21
C GLY C 300 -16.98 -37.36 0.51
N LYS C 301 -17.67 -36.91 1.57
CA LYS C 301 -18.91 -37.53 2.04
C LYS C 301 -19.96 -36.49 2.45
N THR C 302 -19.53 -35.34 2.93
CA THR C 302 -20.43 -34.31 3.46
C THR C 302 -20.68 -33.19 2.46
N VAL C 303 -21.96 -32.77 2.32
CA VAL C 303 -22.33 -31.63 1.47
C VAL C 303 -23.32 -30.71 2.19
N GLU C 304 -23.31 -29.44 1.82
CA GLU C 304 -24.31 -28.49 2.27
C GLU C 304 -24.80 -27.74 1.03
N ALA C 305 -26.07 -27.93 0.63
CA ALA C 305 -26.62 -27.21 -0.52
C ALA C 305 -27.41 -26.02 0.00
N GLU C 306 -27.34 -24.87 -0.69
CA GLU C 306 -28.01 -23.69 -0.18
C GLU C 306 -28.61 -22.85 -1.31
N ALA C 307 -29.56 -21.99 -0.94
CA ALA C 307 -30.07 -20.94 -1.83
C ALA C 307 -29.13 -19.76 -1.45
N ALA C 308 -28.24 -19.38 -2.38
CA ALA C 308 -27.19 -18.35 -2.13
C ALA C 308 -27.60 -16.90 -2.39
N HIS C 309 -28.86 -16.69 -2.77
CA HIS C 309 -29.37 -15.35 -3.02
C HIS C 309 -29.89 -14.72 -1.71
N GLY C 310 -30.45 -13.53 -1.82
CA GLY C 310 -30.99 -12.81 -0.66
C GLY C 310 -32.34 -13.32 -0.17
N THR C 311 -32.86 -12.68 0.87
CA THR C 311 -34.12 -13.08 1.51
C THR C 311 -35.33 -12.37 0.92
N VAL C 312 -35.12 -11.58 -0.16
CA VAL C 312 -36.17 -10.87 -0.91
C VAL C 312 -37.06 -10.03 0.02
N THR C 313 -36.42 -9.12 0.78
CA THR C 313 -37.07 -8.24 1.73
C THR C 313 -38.24 -7.46 1.10
N ARG C 314 -38.06 -6.94 -0.13
CA ARG C 314 -39.11 -6.18 -0.82
C ARG C 314 -40.40 -6.97 -0.95
N HIS C 315 -40.28 -8.26 -1.31
CA HIS C 315 -41.46 -9.12 -1.40
C HIS C 315 -42.02 -9.41 -0.01
N TYR C 316 -41.12 -9.61 1.00
CA TYR C 316 -41.57 -9.88 2.34
C TYR C 316 -42.42 -8.73 2.89
N ARG C 317 -42.03 -7.47 2.60
CA ARG C 317 -42.78 -6.28 3.03
C ARG C 317 -44.16 -6.27 2.41
N MET C 318 -44.28 -6.69 1.12
CA MET C 318 -45.56 -6.78 0.44
C MET C 318 -46.42 -7.86 1.10
N TYR C 319 -45.83 -9.04 1.36
CA TYR C 319 -46.47 -10.18 2.03
C TYR C 319 -46.99 -9.76 3.42
N GLN C 320 -46.20 -8.96 4.17
CA GLN C 320 -46.57 -8.49 5.51
C GLN C 320 -47.80 -7.58 5.48
N LYS C 321 -47.99 -6.85 4.37
CA LYS C 321 -49.12 -5.94 4.12
C LYS C 321 -50.32 -6.65 3.46
N GLY C 322 -50.25 -7.98 3.36
CA GLY C 322 -51.28 -8.82 2.76
C GLY C 322 -51.43 -8.66 1.25
N GLN C 323 -50.36 -8.19 0.59
CA GLN C 323 -50.35 -7.99 -0.85
C GLN C 323 -49.87 -9.25 -1.54
N GLU C 324 -50.34 -9.46 -2.77
CA GLU C 324 -49.95 -10.61 -3.57
C GLU C 324 -48.46 -10.52 -3.93
N THR C 325 -47.73 -11.66 -3.84
CA THR C 325 -46.31 -11.68 -4.19
C THR C 325 -46.05 -12.78 -5.22
N SER C 326 -44.94 -12.66 -5.94
CA SER C 326 -44.57 -13.65 -6.95
C SER C 326 -43.05 -13.79 -6.88
N THR C 327 -42.59 -14.72 -6.03
CA THR C 327 -41.16 -14.92 -5.75
C THR C 327 -40.66 -16.22 -6.32
N ASN C 328 -39.54 -16.13 -7.05
CA ASN C 328 -38.89 -17.26 -7.69
C ASN C 328 -38.37 -18.27 -6.63
N PRO C 329 -38.94 -19.50 -6.59
CA PRO C 329 -38.50 -20.47 -5.58
C PRO C 329 -37.44 -21.44 -6.09
N ILE C 330 -37.02 -21.31 -7.36
CA ILE C 330 -36.16 -22.30 -7.99
C ILE C 330 -34.83 -22.56 -7.26
N ALA C 331 -34.10 -21.52 -6.83
CA ALA C 331 -32.82 -21.78 -6.15
C ALA C 331 -33.06 -22.56 -4.85
N SER C 332 -34.16 -22.24 -4.15
CA SER C 332 -34.51 -22.93 -2.91
C SER C 332 -34.89 -24.40 -3.20
N ILE C 333 -35.64 -24.65 -4.30
CA ILE C 333 -35.96 -26.02 -4.69
C ILE C 333 -34.68 -26.81 -5.01
N PHE C 334 -33.76 -26.20 -5.80
CA PHE C 334 -32.52 -26.87 -6.16
C PHE C 334 -31.61 -27.12 -4.94
N ALA C 335 -31.70 -26.32 -3.85
CA ALA C 335 -30.95 -26.63 -2.61
C ALA C 335 -31.45 -28.00 -2.12
N TRP C 336 -32.80 -28.18 -2.09
CA TRP C 336 -33.37 -29.48 -1.69
C TRP C 336 -32.99 -30.60 -2.64
N THR C 337 -33.14 -30.40 -3.96
CA THR C 337 -32.83 -31.48 -4.92
C THR C 337 -31.35 -31.84 -4.93
N ARG C 338 -30.46 -30.84 -4.74
CA ARG C 338 -29.04 -31.17 -4.71
C ARG C 338 -28.68 -31.93 -3.42
N GLY C 339 -29.27 -31.54 -2.30
CA GLY C 339 -29.08 -32.20 -1.02
C GLY C 339 -29.63 -33.63 -1.08
N LEU C 340 -30.86 -33.78 -1.60
CA LEU C 340 -31.49 -35.13 -1.74
C LEU C 340 -30.73 -36.04 -2.71
N ALA C 341 -30.18 -35.48 -3.81
CA ALA C 341 -29.37 -36.29 -4.75
C ALA C 341 -28.11 -36.82 -4.06
N HIS C 342 -27.48 -36.01 -3.18
CA HIS C 342 -26.30 -36.47 -2.46
C HIS C 342 -26.68 -37.53 -1.43
N ARG C 343 -27.79 -37.30 -0.72
CA ARG C 343 -28.32 -38.24 0.27
C ARG C 343 -28.52 -39.60 -0.44
N ALA C 344 -29.11 -39.56 -1.66
CA ALA C 344 -29.37 -40.77 -2.46
C ALA C 344 -28.07 -41.47 -2.88
N LYS C 345 -27.03 -40.71 -3.24
CA LYS C 345 -25.72 -41.24 -3.63
C LYS C 345 -25.09 -41.96 -2.42
N LEU C 346 -25.15 -41.34 -1.23
CA LEU C 346 -24.58 -41.94 -0.03
C LEU C 346 -25.29 -43.23 0.37
N ASP C 347 -26.61 -43.27 0.18
CA ASP C 347 -27.44 -44.40 0.60
C ASP C 347 -27.75 -45.42 -0.50
N ASN C 348 -27.25 -45.19 -1.74
CA ASN C 348 -27.53 -46.00 -2.93
C ASN C 348 -29.06 -46.14 -3.10
N ASN C 349 -29.76 -45.01 -2.96
CA ASN C 349 -31.21 -44.93 -3.02
C ASN C 349 -31.66 -44.45 -4.39
N LYS C 350 -31.95 -45.40 -5.28
CA LYS C 350 -32.37 -45.08 -6.66
C LYS C 350 -33.67 -44.31 -6.75
N GLU C 351 -34.66 -44.63 -5.89
CA GLU C 351 -35.96 -43.96 -5.87
C GLU C 351 -35.77 -42.47 -5.53
N LEU C 352 -34.91 -42.19 -4.52
CA LEU C 352 -34.65 -40.80 -4.11
C LEU C 352 -33.89 -40.05 -5.19
N ALA C 353 -32.89 -40.70 -5.80
CA ALA C 353 -32.12 -40.10 -6.89
C ALA C 353 -33.04 -39.74 -8.06
N PHE C 354 -33.97 -40.65 -8.39
CA PHE C 354 -34.93 -40.40 -9.47
C PHE C 354 -35.80 -39.20 -9.15
N PHE C 355 -36.33 -39.15 -7.91
CA PHE C 355 -37.19 -38.07 -7.46
C PHE C 355 -36.46 -36.71 -7.55
N ALA C 356 -35.23 -36.63 -7.01
CA ALA C 356 -34.47 -35.37 -6.99
C ALA C 356 -34.27 -34.82 -8.42
N ASN C 357 -33.90 -35.71 -9.36
CA ASN C 357 -33.71 -35.33 -10.75
C ASN C 357 -35.03 -34.91 -11.40
N ALA C 358 -36.12 -35.67 -11.12
CA ALA C 358 -37.44 -35.37 -11.68
C ALA C 358 -37.91 -33.98 -11.29
N LEU C 359 -37.72 -33.58 -10.00
CA LEU C 359 -38.14 -32.27 -9.53
C LEU C 359 -37.33 -31.15 -10.25
N GLU C 360 -36.03 -31.38 -10.49
CA GLU C 360 -35.24 -30.38 -11.24
C GLU C 360 -35.77 -30.27 -12.66
N GLU C 361 -36.06 -31.42 -13.31
CA GLU C 361 -36.61 -31.41 -14.67
C GLU C 361 -37.93 -30.67 -14.74
N VAL C 362 -38.85 -30.95 -13.81
CA VAL C 362 -40.16 -30.30 -13.71
C VAL C 362 -40.02 -28.78 -13.60
N SER C 363 -39.08 -28.32 -12.75
CA SER C 363 -38.87 -26.91 -12.52
C SER C 363 -38.48 -26.19 -13.82
N ILE C 364 -37.51 -26.75 -14.56
CA ILE C 364 -37.02 -26.17 -15.81
C ILE C 364 -38.12 -26.25 -16.88
N GLU C 365 -38.75 -27.43 -17.02
CA GLU C 365 -39.82 -27.62 -18.00
C GLU C 365 -40.98 -26.65 -17.80
N THR C 366 -41.34 -26.38 -16.52
CA THR C 366 -42.45 -25.46 -16.19
C THR C 366 -42.14 -24.05 -16.70
N ILE C 367 -40.95 -23.54 -16.35
CA ILE C 367 -40.55 -22.19 -16.77
C ILE C 367 -40.46 -22.13 -18.30
N GLU C 368 -39.87 -23.16 -18.91
CA GLU C 368 -39.68 -23.22 -20.36
C GLU C 368 -41.02 -23.28 -21.11
N ALA C 369 -42.08 -23.77 -20.42
CA ALA C 369 -43.45 -23.80 -20.99
C ALA C 369 -44.16 -22.45 -20.83
N GLY C 370 -43.47 -21.46 -20.23
CA GLY C 370 -44.01 -20.12 -20.05
C GLY C 370 -44.76 -19.85 -18.77
N PHE C 371 -44.65 -20.75 -17.77
CA PHE C 371 -45.27 -20.55 -16.46
C PHE C 371 -44.17 -20.14 -15.51
N MET C 372 -44.23 -18.92 -14.99
CA MET C 372 -43.13 -18.44 -14.15
C MET C 372 -43.60 -17.34 -13.23
N THR C 373 -42.72 -16.93 -12.32
CA THR C 373 -42.96 -15.83 -11.39
C THR C 373 -42.61 -14.48 -12.06
N LYS C 374 -43.11 -13.36 -11.48
CA LYS C 374 -42.93 -12.00 -11.98
C LYS C 374 -41.47 -11.66 -12.28
N ASP C 375 -40.55 -12.02 -11.36
CA ASP C 375 -39.11 -11.75 -11.52
C ASP C 375 -38.52 -12.42 -12.78
N LEU C 376 -38.94 -13.67 -13.06
CA LEU C 376 -38.50 -14.36 -14.28
C LEU C 376 -39.13 -13.76 -15.52
N ALA C 377 -40.45 -13.44 -15.48
CA ALA C 377 -41.11 -12.79 -16.62
C ALA C 377 -40.36 -11.47 -16.91
N ALA C 378 -39.91 -10.73 -15.86
CA ALA C 378 -39.14 -9.48 -16.02
C ALA C 378 -37.80 -9.68 -16.76
N CYS C 379 -37.16 -10.87 -16.65
CA CYS C 379 -35.90 -11.15 -17.40
C CYS C 379 -36.17 -11.16 -18.90
N ILE C 380 -37.35 -11.64 -19.29
CA ILE C 380 -37.73 -11.71 -20.70
C ILE C 380 -38.24 -10.37 -21.22
N LYS C 381 -39.21 -9.76 -20.50
CA LYS C 381 -39.92 -8.55 -20.95
C LYS C 381 -39.45 -7.20 -20.41
N GLY C 382 -38.76 -7.19 -19.27
CA GLY C 382 -38.41 -5.96 -18.55
C GLY C 382 -39.52 -5.71 -17.54
N LEU C 383 -39.16 -5.49 -16.25
CA LEU C 383 -40.12 -5.30 -15.15
C LEU C 383 -41.26 -4.28 -15.45
N PRO C 384 -41.00 -3.07 -16.03
CA PRO C 384 -42.11 -2.15 -16.30
C PRO C 384 -43.13 -2.65 -17.34
N ASN C 385 -42.77 -3.69 -18.11
CA ASN C 385 -43.61 -4.27 -19.18
C ASN C 385 -44.35 -5.53 -18.76
N VAL C 386 -44.09 -6.05 -17.56
CA VAL C 386 -44.74 -7.26 -17.06
C VAL C 386 -46.17 -6.94 -16.64
N GLN C 387 -47.11 -7.74 -17.14
CA GLN C 387 -48.54 -7.64 -16.86
C GLN C 387 -48.91 -8.85 -16.00
N ARG C 388 -50.04 -8.76 -15.24
CA ARG C 388 -50.52 -9.86 -14.39
C ARG C 388 -50.67 -11.19 -15.14
N SER C 389 -51.05 -11.15 -16.43
CA SER C 389 -51.20 -12.37 -17.24
C SER C 389 -49.85 -13.07 -17.56
N ASP C 390 -48.70 -12.38 -17.34
CA ASP C 390 -47.36 -12.94 -17.62
C ASP C 390 -46.80 -13.82 -16.53
N TYR C 391 -47.46 -13.84 -15.38
CA TYR C 391 -46.91 -14.59 -14.26
C TYR C 391 -47.94 -15.22 -13.36
N LEU C 392 -47.44 -16.12 -12.52
CA LEU C 392 -48.20 -16.79 -11.49
C LEU C 392 -47.71 -16.25 -10.16
N ASN C 393 -48.62 -16.08 -9.18
CA ASN C 393 -48.16 -15.65 -7.85
C ASN C 393 -47.42 -16.84 -7.20
N THR C 394 -46.73 -16.64 -6.06
CA THR C 394 -45.94 -17.71 -5.47
C THR C 394 -46.72 -18.99 -5.22
N PHE C 395 -47.95 -18.90 -4.67
CA PHE C 395 -48.80 -20.08 -4.41
C PHE C 395 -49.16 -20.79 -5.70
N GLU C 396 -49.61 -20.02 -6.70
CA GLU C 396 -50.01 -20.54 -8.02
C GLU C 396 -48.86 -21.26 -8.70
N PHE C 397 -47.64 -20.67 -8.62
CA PHE C 397 -46.48 -21.28 -9.22
C PHE C 397 -46.11 -22.60 -8.54
N MET C 398 -46.12 -22.60 -7.20
CA MET C 398 -45.85 -23.82 -6.41
C MET C 398 -46.88 -24.93 -6.74
N ASP C 399 -48.16 -24.55 -6.89
CA ASP C 399 -49.21 -25.52 -7.25
C ASP C 399 -48.99 -26.07 -8.67
N LYS C 400 -48.55 -25.21 -9.62
CA LYS C 400 -48.26 -25.64 -11.00
C LYS C 400 -47.11 -26.64 -11.00
N LEU C 401 -46.04 -26.34 -10.21
CA LEU C 401 -44.92 -27.25 -10.10
C LEU C 401 -45.39 -28.57 -9.51
N GLY C 402 -46.23 -28.51 -8.47
CA GLY C 402 -46.79 -29.68 -7.81
C GLY C 402 -47.58 -30.55 -8.77
N GLU C 403 -48.42 -29.92 -9.60
CA GLU C 403 -49.23 -30.61 -10.61
C GLU C 403 -48.33 -31.29 -11.63
N ASN C 404 -47.31 -30.57 -12.15
CA ASN C 404 -46.37 -31.15 -13.11
C ASN C 404 -45.52 -32.25 -12.50
N LEU C 405 -45.17 -32.12 -11.20
CA LEU C 405 -44.39 -33.14 -10.50
C LEU C 405 -45.23 -34.43 -10.35
N LYS C 406 -46.50 -34.29 -9.92
CA LYS C 406 -47.40 -35.43 -9.77
C LYS C 406 -47.49 -36.19 -11.10
N ILE C 407 -47.63 -35.46 -12.23
CA ILE C 407 -47.71 -36.03 -13.59
C ILE C 407 -46.42 -36.77 -13.96
N LYS C 408 -45.24 -36.14 -13.78
CA LYS C 408 -43.95 -36.75 -14.09
C LYS C 408 -43.75 -38.05 -13.32
N LEU C 409 -44.06 -38.04 -12.01
CA LEU C 409 -43.90 -39.23 -11.17
C LEU C 409 -44.91 -40.33 -11.53
N ALA C 410 -46.16 -39.93 -11.84
CA ALA C 410 -47.24 -40.84 -12.26
C ALA C 410 -46.89 -41.51 -13.60
N GLN C 411 -46.33 -40.75 -14.53
CA GLN C 411 -45.93 -41.30 -15.83
C GLN C 411 -44.63 -42.11 -15.79
N ALA C 412 -43.84 -41.94 -14.73
CA ALA C 412 -42.64 -42.75 -14.51
C ALA C 412 -43.09 -44.12 -13.99
N LYS C 413 -44.13 -44.14 -13.10
CA LYS C 413 -44.72 -45.36 -12.54
C LYS C 413 -45.46 -46.14 -13.65
N LEU C 414 -46.15 -45.43 -14.57
CA LEU C 414 -46.85 -46.08 -15.69
C LEU C 414 -45.89 -46.64 -16.75
N SER C 415 -44.65 -46.12 -16.80
CA SER C 415 -43.60 -46.55 -17.73
C SER C 415 -43.05 -47.95 -17.39
N LEU C 416 -43.24 -48.39 -16.13
CA LEU C 416 -42.80 -49.69 -15.63
C LEU C 416 -43.38 -50.90 -16.37
CA CA D . 30.89 24.47 13.24
C1 ICT E . 28.37 23.37 14.78
O1 ICT E . 27.61 22.61 15.44
O2 ICT E . 29.63 23.42 14.83
C2 ICT E . 27.73 24.35 13.76
O7 ICT E . 28.72 25.11 13.09
C3 ICT E . 26.62 25.13 14.47
C4 ICT E . 25.94 26.02 13.40
C5 ICT E . 24.64 26.62 13.95
O3 ICT E . 24.12 26.03 14.93
O4 ICT E . 24.24 27.65 13.34
C6 ICT E . 27.34 26.07 15.47
O5 ICT E . 27.65 25.56 16.60
O6 ICT E . 27.58 27.26 15.12
C4 DWP F . 30.84 20.93 -4.44
C5 DWP F . 30.30 21.36 -3.10
C6 DWP F . 30.27 20.19 -2.15
C7 DWP F . 30.18 20.42 -0.79
C13 DWP F . 30.51 17.95 4.11
C15 DWP F . 29.05 16.08 3.86
C20 DWP F . 30.29 19.40 -6.42
C22 DWP F . 29.56 20.48 -7.22
C24 DWP F . 28.93 17.33 -5.73
C25 DWP F . 28.53 15.99 -6.16
C14 DWP F . 29.68 16.99 4.67
C12 DWP F . 30.69 18.00 2.73
C16 DWP F . 29.21 16.14 2.49
C11 DWP F . 30.04 17.09 1.92
C18 DWP F . 30.33 18.86 -2.55
C9 DWP F . 30.21 18.18 -0.34
C23 DWP F . 29.64 18.08 -6.82
C27 DWP F . 29.51 17.28 -4.32
C3 DWP F . 30.11 19.68 -4.91
C2 DWP F . 30.46 18.45 -4.01
C1 DWP F . 31.91 17.99 -4.21
N26 DWP F . 28.04 15.00 -6.49
N8 DWP F . 30.14 19.43 0.11
N17 DWP F . 30.33 17.87 -1.65
N10 DWP F . 30.18 17.07 0.52
O28 DWP F . 29.58 17.71 -7.99
C1 ICT G . -3.81 -2.19 -13.31
O1 ICT G . -5.02 -2.50 -13.34
O2 ICT G . -3.32 -1.04 -13.26
C2 ICT G . -2.83 -3.38 -13.40
O7 ICT G . -3.56 -4.60 -13.43
C3 ICT G . -1.80 -3.27 -12.24
C4 ICT G . -0.79 -4.43 -12.40
C5 ICT G . 0.42 -4.23 -11.48
O3 ICT G . 1.10 -5.28 -11.21
O4 ICT G . 0.63 -3.07 -11.04
C6 ICT G . -2.57 -3.48 -10.93
O5 ICT G . -2.52 -4.62 -10.39
O6 ICT G . -3.18 -2.46 -10.48
C4 DWP H . -3.03 -13.44 -29.38
C5 DWP H . -2.76 -12.81 -28.04
C6 DWP H . -2.99 -11.34 -28.07
C7 DWP H . -3.10 -10.62 -26.89
C13 DWP H . -4.56 -5.68 -24.90
C15 DWP H . -3.31 -4.13 -26.23
C20 DWP H . -2.26 -13.42 -31.80
C22 DWP H . -1.31 -14.61 -31.69
C24 DWP H . -1.30 -11.16 -32.54
C25 DWP H . -0.95 -10.35 -33.69
C14 DWP H . -3.99 -4.43 -25.07
C12 DWP H . -4.45 -6.61 -25.90
C16 DWP H . -3.19 -5.08 -27.23
C11 DWP H . -3.76 -6.33 -27.08
C18 DWP H . -3.09 -10.61 -29.25
C9 DWP H . -3.41 -8.66 -28.03
C23 DWP H . -1.73 -12.55 -32.91
C27 DWP H . -2.13 -10.35 -31.56
C3 DWP H . -2.35 -12.64 -30.48
C2 DWP H . -2.99 -11.24 -30.63
C1 DWP H . -4.40 -11.25 -31.21
N26 DWP H . -0.57 -9.69 -34.56
N8 DWP H . -3.30 -9.30 -26.85
N17 DWP H . -3.32 -9.28 -29.20
N10 DWP H . -3.62 -7.26 -28.13
O28 DWP H . -1.55 -12.99 -34.05
CA CA I . -5.79 -4.60 -13.89
CA CA J . -22.79 -13.62 -2.87
C1 ICT K . -23.03 -15.94 -0.77
O1 ICT K . -23.16 -17.08 -0.26
O2 ICT K . -22.57 -15.66 -1.91
C2 ICT K . -23.55 -14.74 0.04
O7 ICT K . -23.30 -13.53 -0.69
C3 ICT K . -22.96 -14.78 1.46
C4 ICT K . -23.54 -13.61 2.24
C5 ICT K . -23.26 -13.78 3.74
O3 ICT K . -22.97 -14.93 4.13
O4 ICT K . -23.37 -12.72 4.43
C6 ICT K . -21.43 -14.55 1.32
O5 ICT K . -20.72 -15.56 1.02
O6 ICT K . -21.00 -13.39 1.55
C4 DWP L . -38.74 -5.77 -7.02
C5 DWP L . -37.67 -6.34 -6.13
C6 DWP L . -37.50 -7.82 -6.37
C7 DWP L . -36.37 -8.45 -5.92
C13 DWP L . -35.22 -14.86 -5.79
C15 DWP L . -33.57 -13.24 -6.42
C20 DWP L . -41.26 -5.94 -7.44
C22 DWP L . -41.61 -4.72 -6.61
C24 DWP L . -42.19 -8.25 -6.72
C25 DWP L . -43.34 -9.14 -6.90
C14 DWP L . -33.90 -14.49 -5.94
C12 DWP L . -36.22 -13.95 -6.13
C16 DWP L . -34.57 -12.34 -6.75
C11 DWP L . -35.90 -12.69 -6.60
C18 DWP L . -38.43 -8.61 -7.03
C9 DWP L . -37.09 -10.46 -6.72
C23 DWP L . -42.44 -6.88 -7.33
C27 DWP L . -40.89 -8.97 -7.07
C3 DWP L . -39.99 -6.63 -6.92
C2 DWP L . -39.75 -8.04 -7.54
C1 DWP L . -39.66 -8.02 -9.06
N26 DWP L . -44.25 -9.84 -6.93
N8 DWP L . -36.14 -9.76 -6.08
N17 DWP L . -38.22 -9.92 -7.20
N10 DWP L . -36.97 -11.84 -6.94
O28 DWP L . -43.57 -6.54 -7.64
#